data_2MK1
# 
_entry.id   2MK1 
# 
_audit_conform.dict_name       mmcif_pdbx.dic 
_audit_conform.dict_version    5.391 
_audit_conform.dict_location   http://mmcif.pdb.org/dictionaries/ascii/mmcif_pdbx.dic 
# 
loop_
_database_2.database_id 
_database_2.database_code 
_database_2.pdbx_database_accession 
_database_2.pdbx_DOI 
PDB   2MK1         pdb_00002mk1 10.2210/pdb2mk1/pdb 
RCSB  RCSB103706   ?            ?                   
BMRB  19748        ?            10.13018/BMR19748   
WWPDB D_1000103706 ?            ?                   
# 
loop_
_pdbx_audit_revision_history.ordinal 
_pdbx_audit_revision_history.data_content_type 
_pdbx_audit_revision_history.major_revision 
_pdbx_audit_revision_history.minor_revision 
_pdbx_audit_revision_history.revision_date 
1 'Structure model' 1 0 2015-02-04 
2 'Structure model' 2 0 2020-07-29 
3 'Structure model' 2 1 2021-01-27 
4 'Structure model' 2 2 2024-05-01 
# 
loop_
_pdbx_audit_revision_details.ordinal 
_pdbx_audit_revision_details.revision_ordinal 
_pdbx_audit_revision_details.data_content_type 
_pdbx_audit_revision_details.provider 
_pdbx_audit_revision_details.type 
_pdbx_audit_revision_details.description 
_pdbx_audit_revision_details.details 
1 1 'Structure model' repository 'Initial release' ?                          ? 
2 2 'Structure model' repository Remediation       'Carbohydrate remediation' ? 
# 
loop_
_pdbx_audit_revision_group.ordinal 
_pdbx_audit_revision_group.revision_ordinal 
_pdbx_audit_revision_group.data_content_type 
_pdbx_audit_revision_group.group 
1 2 'Structure model' 'Atomic model'         
2 2 'Structure model' 'Data collection'      
3 2 'Structure model' 'Derived calculations' 
4 2 'Structure model' 'Structure summary'    
5 3 'Structure model' 'Database references'  
6 3 'Structure model' 'Structure summary'    
7 4 'Structure model' 'Data collection'      
8 4 'Structure model' 'Database references'  
# 
loop_
_pdbx_audit_revision_category.ordinal 
_pdbx_audit_revision_category.revision_ordinal 
_pdbx_audit_revision_category.data_content_type 
_pdbx_audit_revision_category.category 
1  2 'Structure model' atom_site                     
2  2 'Structure model' chem_comp                     
3  2 'Structure model' entity                        
4  2 'Structure model' pdbx_branch_scheme            
5  2 'Structure model' pdbx_chem_comp_identifier     
6  2 'Structure model' pdbx_entity_branch            
7  2 'Structure model' pdbx_entity_branch_descriptor 
8  2 'Structure model' pdbx_entity_branch_link       
9  2 'Structure model' pdbx_entity_branch_list       
10 2 'Structure model' pdbx_entity_nonpoly           
11 2 'Structure model' pdbx_nmr_software             
12 2 'Structure model' pdbx_nmr_spectrometer         
13 2 'Structure model' pdbx_nonpoly_scheme           
14 2 'Structure model' pdbx_struct_assembly_gen      
15 2 'Structure model' struct_asym                   
16 2 'Structure model' struct_conn                   
17 3 'Structure model' chem_comp                     
18 3 'Structure model' citation                      
19 3 'Structure model' citation_author               
20 4 'Structure model' chem_comp_atom                
21 4 'Structure model' chem_comp_bond                
22 4 'Structure model' database_2                    
# 
loop_
_pdbx_audit_revision_item.ordinal 
_pdbx_audit_revision_item.revision_ordinal 
_pdbx_audit_revision_item.data_content_type 
_pdbx_audit_revision_item.item 
1  2 'Structure model' '_atom_site.auth_atom_id'                
2  2 'Structure model' '_atom_site.label_asym_id'               
3  2 'Structure model' '_atom_site.label_atom_id'               
4  2 'Structure model' '_atom_site.label_entity_id'             
5  2 'Structure model' '_chem_comp.name'                        
6  2 'Structure model' '_chem_comp.type'                        
7  2 'Structure model' '_pdbx_nmr_software.name'                
8  2 'Structure model' '_pdbx_nmr_spectrometer.model'           
9  2 'Structure model' '_pdbx_struct_assembly_gen.asym_id_list' 
10 2 'Structure model' '_struct_conn.pdbx_dist_value'           
11 2 'Structure model' '_struct_conn.pdbx_leaving_atom_flag'    
12 2 'Structure model' '_struct_conn.ptnr1_auth_comp_id'        
13 2 'Structure model' '_struct_conn.ptnr1_auth_seq_id'         
14 2 'Structure model' '_struct_conn.ptnr1_label_asym_id'       
15 2 'Structure model' '_struct_conn.ptnr1_label_atom_id'       
16 2 'Structure model' '_struct_conn.ptnr1_label_comp_id'       
17 2 'Structure model' '_struct_conn.ptnr2_auth_seq_id'         
18 2 'Structure model' '_struct_conn.ptnr2_label_asym_id'       
19 3 'Structure model' '_chem_comp.pdbx_synonyms'               
20 3 'Structure model' '_citation.country'                      
21 3 'Structure model' '_citation.journal_abbrev'               
22 3 'Structure model' '_citation.journal_id_CSD'               
23 3 'Structure model' '_citation.journal_id_ISSN'              
24 3 'Structure model' '_citation.journal_volume'               
25 3 'Structure model' '_citation.page_first'                   
26 3 'Structure model' '_citation.page_last'                    
27 3 'Structure model' '_citation.pdbx_database_id_DOI'         
28 3 'Structure model' '_citation.pdbx_database_id_PubMed'      
29 3 'Structure model' '_citation.title'                        
30 3 'Structure model' '_citation.year'                         
31 4 'Structure model' '_database_2.pdbx_DOI'                   
32 4 'Structure model' '_database_2.pdbx_database_accession'    
# 
_pdbx_database_status.deposit_site                    BMRB 
_pdbx_database_status.entry_id                        2MK1 
_pdbx_database_status.methods_development_category    ? 
_pdbx_database_status.process_site                    PDBJ 
_pdbx_database_status.recvd_initial_deposition_date   2014-01-22 
_pdbx_database_status.SG_entry                        ? 
_pdbx_database_status.status_code                     REL 
_pdbx_database_status.status_code_mr                  REL 
_pdbx_database_status.status_code_sf                  ? 
_pdbx_database_status.status_code_cs                  REL 
_pdbx_database_status.pdb_format_compatible           Y 
_pdbx_database_status.status_code_nmr_data            ? 
# 
loop_
_pdbx_database_related.content_type 
_pdbx_database_related.db_id 
_pdbx_database_related.db_name 
_pdbx_database_related.details 
unspecified 19748 BMRB .                              
unspecified 21031 BMRB 'described in same manuscript' 
unspecified 21032 BMRB 'described in same manuscript' 
unspecified 21034 BMRB 'described in same manuscript' 
unspecified 21053 BMRB .                              
unspecified 21054 BMRB .                              
# 
loop_
_audit_author.name 
_audit_author.pdbx_ordinal 
'Schubert, M.'    1 
'Allain, F.H.-T.' 2 
# 
_citation.id                        primary 
_citation.title                     'A Secondary Structural Element in a Wide Range of Fucosylated Glycoepitopes.' 
_citation.journal_abbrev            Chemistry 
_citation.journal_volume            23 
_citation.page_first                11598 
_citation.page_last                 11610 
_citation.year                      2017 
_citation.journal_id_ASTM           ? 
_citation.country                   GE 
_citation.journal_id_ISSN           0947-6539 
_citation.journal_id_CSD            ? 
_citation.book_publisher            ? 
_citation.pdbx_database_id_PubMed   28654715 
_citation.pdbx_database_id_DOI      10.1002/chem.201701866 
# 
loop_
_citation_author.citation_id 
_citation_author.name 
_citation_author.ordinal 
_citation_author.identifier_ORCID 
primary 'Aeschbacher, T.' 1 0000-0001-7063-9254 
primary 'Zierke, M.'      2 0000-0002-4838-5822 
primary 'Smiesko, M.'     3 0000-0003-2758-2680 
primary 'Collot, M.'      4 0000-0002-8673-1730 
primary 'Mallet, J.M.'    5 0000-0001-8570-9542 
primary 'Ernst, B.'       6 0000-0001-5787-2297 
primary 'Allain, F.H.'    7 0000-0002-2131-6237 
primary 'Schubert, M.'    8 0000-0003-0278-4091 
# 
_entity.id                         1 
_entity.type                       branched 
_entity.src_method                 man 
_entity.pdbx_description           
'alpha-L-fucopyranose-(1-2)-beta-D-galactopyranose-(1-4)-[alpha-L-fucopyranose-(1-3)]beta-D-glucopyranose' 
_entity.formula_weight             634.578 
_entity.pdbx_number_of_molecules   1 
_entity.pdbx_ec                    ? 
_entity.pdbx_mutation              ? 
_entity.pdbx_fragment              ? 
_entity.details                    ? 
# 
_pdbx_entity_branch.entity_id   1 
_pdbx_entity_branch.type        oligosaccharide 
# 
loop_
_pdbx_entity_branch_descriptor.ordinal 
_pdbx_entity_branch_descriptor.entity_id 
_pdbx_entity_branch_descriptor.descriptor 
_pdbx_entity_branch_descriptor.type 
_pdbx_entity_branch_descriptor.program 
_pdbx_entity_branch_descriptor.program_version 
1 1 'LFucpa1-2DGalpb1-4[LFucpa1-3]DGlcpb1-ROH'                                                'Glycam Condensed Sequence' GMML 1.0 
2 1 'WURCS=2.0/3,4,3/[a2122h-1b_1-5][a1221m-1a_1-5][a2112h-1b_1-5]/1-2-3-2/a3-b1_a4-c1_c2-d1' WURCS                       
PDB2Glycan 1.1.0 
3 1 '[][b-D-Glcp]{[(3+1)][a-L-Fucp]{}[(4+1)][b-D-Galp]{[(2+1)][a-L-Fucp]{}}}'                 LINUCS                      PDB-CARE 
?     
# 
loop_
_pdbx_entity_branch_link.link_id 
_pdbx_entity_branch_link.entity_id 
_pdbx_entity_branch_link.entity_branch_list_num_1 
_pdbx_entity_branch_link.comp_id_1 
_pdbx_entity_branch_link.atom_id_1 
_pdbx_entity_branch_link.leaving_atom_id_1 
_pdbx_entity_branch_link.entity_branch_list_num_2 
_pdbx_entity_branch_link.comp_id_2 
_pdbx_entity_branch_link.atom_id_2 
_pdbx_entity_branch_link.leaving_atom_id_2 
_pdbx_entity_branch_link.value_order 
_pdbx_entity_branch_link.details 
1 1 2 GAL C1 O1 1 BGC O4 HO4 sing ? 
2 1 3 FUC C1 O1 2 GAL O2 HO2 sing ? 
3 1 4 FUC C1 O1 1 BGC O3 HO3 sing ? 
# 
loop_
_chem_comp.id 
_chem_comp.type 
_chem_comp.mon_nstd_flag 
_chem_comp.name 
_chem_comp.pdbx_synonyms 
_chem_comp.formula 
_chem_comp.formula_weight 
BGC 'D-saccharide, beta linking'  . beta-D-glucopyranose   'beta-D-glucose; D-glucose; glucose'                                
'C6 H12 O6' 180.156 
FUC 'L-saccharide, alpha linking' . alpha-L-fucopyranose   'alpha-L-fucose; 6-deoxy-alpha-L-galactopyranose; L-fucose; fucose' 
'C6 H12 O5' 164.156 
GAL 'D-saccharide, beta linking'  . beta-D-galactopyranose 'beta-D-galactose; D-galactose; galactose'                          
'C6 H12 O6' 180.156 
# 
loop_
_pdbx_chem_comp_identifier.comp_id 
_pdbx_chem_comp_identifier.type 
_pdbx_chem_comp_identifier.program 
_pdbx_chem_comp_identifier.program_version 
_pdbx_chem_comp_identifier.identifier 
BGC 'CONDENSED IUPAC CARBOHYDRATE SYMBOL' GMML     1.0 DGlcpb              
BGC 'COMMON NAME'                         GMML     1.0 b-D-glucopyranose   
BGC 'IUPAC CARBOHYDRATE SYMBOL'           PDB-CARE 1.0 b-D-Glcp            
BGC 'SNFG CARBOHYDRATE SYMBOL'            GMML     1.0 Glc                 
FUC 'CONDENSED IUPAC CARBOHYDRATE SYMBOL' GMML     1.0 LFucpa              
FUC 'COMMON NAME'                         GMML     1.0 a-L-fucopyranose    
FUC 'IUPAC CARBOHYDRATE SYMBOL'           PDB-CARE 1.0 a-L-Fucp            
FUC 'SNFG CARBOHYDRATE SYMBOL'            GMML     1.0 Fuc                 
GAL 'CONDENSED IUPAC CARBOHYDRATE SYMBOL' GMML     1.0 DGalpb              
GAL 'COMMON NAME'                         GMML     1.0 b-D-galactopyranose 
GAL 'IUPAC CARBOHYDRATE SYMBOL'           PDB-CARE 1.0 b-D-Galp            
GAL 'SNFG CARBOHYDRATE SYMBOL'            GMML     1.0 Gal                 
# 
loop_
_pdbx_branch_scheme.asym_id 
_pdbx_branch_scheme.entity_id 
_pdbx_branch_scheme.mon_id 
_pdbx_branch_scheme.num 
_pdbx_branch_scheme.pdb_asym_id 
_pdbx_branch_scheme.pdb_mon_id 
_pdbx_branch_scheme.pdb_seq_num 
_pdbx_branch_scheme.auth_asym_id 
_pdbx_branch_scheme.auth_mon_id 
_pdbx_branch_scheme.auth_seq_num 
_pdbx_branch_scheme.hetero 
A 1 BGC 1 A BGC 1 A BGC 1 n 
A 1 GAL 2 A GAL 2 A GAL 2 n 
A 1 FUC 3 A FUC 3 A FUC 3 n 
A 1 FUC 4 A FUC 4 A FUC 4 n 
# 
_exptl.absorpt_coefficient_mu     ? 
_exptl.absorpt_correction_T_max   ? 
_exptl.absorpt_correction_T_min   ? 
_exptl.absorpt_correction_type    ? 
_exptl.absorpt_process_details    ? 
_exptl.crystals_number            ? 
_exptl.details                    ? 
_exptl.entry_id                   2MK1 
_exptl.method                     'SOLUTION NMR' 
_exptl.method_details             ? 
# 
_struct.entry_id                  2MK1 
_struct.title                     'Solution structure of Lactodifucotetraose (LDFT) beta anomer' 
_struct.pdbx_model_details        'closest to the average, model1' 
_struct.pdbx_CASP_flag            ? 
_struct.pdbx_model_type_details   ? 
# 
_struct_keywords.entry_id        2MK1 
_struct_keywords.pdbx_keywords   CARBOHYDRATE 
_struct_keywords.text            'carbohydrate, glycoepitope, oligosaccharide, 1, 3-fucosylation, 2-fucosylation' 
# 
_struct_asym.id                            A 
_struct_asym.pdbx_blank_PDB_chainid_flag   N 
_struct_asym.pdbx_modified                 N 
_struct_asym.entity_id                     1 
_struct_asym.details                       ? 
# 
_pdbx_struct_assembly.id                   1 
_pdbx_struct_assembly.details              author_defined_assembly 
_pdbx_struct_assembly.method_details       ? 
_pdbx_struct_assembly.oligomeric_details   monomeric 
_pdbx_struct_assembly.oligomeric_count     1 
# 
_pdbx_struct_assembly_gen.assembly_id       1 
_pdbx_struct_assembly_gen.oper_expression   1 
_pdbx_struct_assembly_gen.asym_id_list      A 
# 
_pdbx_struct_oper_list.id                   1 
_pdbx_struct_oper_list.type                 'identity operation' 
_pdbx_struct_oper_list.name                 1_555 
_pdbx_struct_oper_list.symmetry_operation   x,y,z 
_pdbx_struct_oper_list.matrix[1][1]         1.0000000000 
_pdbx_struct_oper_list.matrix[1][2]         0.0000000000 
_pdbx_struct_oper_list.matrix[1][3]         0.0000000000 
_pdbx_struct_oper_list.vector[1]            0.0000000000 
_pdbx_struct_oper_list.matrix[2][1]         0.0000000000 
_pdbx_struct_oper_list.matrix[2][2]         1.0000000000 
_pdbx_struct_oper_list.matrix[2][3]         0.0000000000 
_pdbx_struct_oper_list.vector[2]            0.0000000000 
_pdbx_struct_oper_list.matrix[3][1]         0.0000000000 
_pdbx_struct_oper_list.matrix[3][2]         0.0000000000 
_pdbx_struct_oper_list.matrix[3][3]         1.0000000000 
_pdbx_struct_oper_list.vector[3]            0.0000000000 
# 
_struct_biol.id        1 
_struct_biol.details   ? 
# 
loop_
_struct_conn.id 
_struct_conn.conn_type_id 
_struct_conn.pdbx_leaving_atom_flag 
_struct_conn.pdbx_PDB_id 
_struct_conn.ptnr1_label_asym_id 
_struct_conn.ptnr1_label_comp_id 
_struct_conn.ptnr1_label_seq_id 
_struct_conn.ptnr1_label_atom_id 
_struct_conn.pdbx_ptnr1_label_alt_id 
_struct_conn.pdbx_ptnr1_PDB_ins_code 
_struct_conn.pdbx_ptnr1_standard_comp_id 
_struct_conn.ptnr1_symmetry 
_struct_conn.ptnr2_label_asym_id 
_struct_conn.ptnr2_label_comp_id 
_struct_conn.ptnr2_label_seq_id 
_struct_conn.ptnr2_label_atom_id 
_struct_conn.pdbx_ptnr2_label_alt_id 
_struct_conn.pdbx_ptnr2_PDB_ins_code 
_struct_conn.ptnr1_auth_asym_id 
_struct_conn.ptnr1_auth_comp_id 
_struct_conn.ptnr1_auth_seq_id 
_struct_conn.ptnr2_auth_asym_id 
_struct_conn.ptnr2_auth_comp_id 
_struct_conn.ptnr2_auth_seq_id 
_struct_conn.ptnr2_symmetry 
_struct_conn.pdbx_ptnr3_label_atom_id 
_struct_conn.pdbx_ptnr3_label_seq_id 
_struct_conn.pdbx_ptnr3_label_comp_id 
_struct_conn.pdbx_ptnr3_label_asym_id 
_struct_conn.pdbx_ptnr3_label_alt_id 
_struct_conn.pdbx_ptnr3_PDB_ins_code 
_struct_conn.details 
_struct_conn.pdbx_dist_value 
_struct_conn.pdbx_value_order 
_struct_conn.pdbx_role 
covale1 covale both ? A BGC . O4 ? ? ? 1_555 A GAL . C1 ? ? A BGC 1 A GAL 2 1_555 ? ? ? ? ? ? ? 1.470 ? ? 
covale2 covale both ? A BGC . O3 ? ? ? 1_555 A FUC . C1 ? ? A BGC 1 A FUC 4 1_555 ? ? ? ? ? ? ? 1.474 ? ? 
covale3 covale both ? A GAL . O2 ? ? ? 1_555 A FUC . C1 ? ? A GAL 2 A FUC 3 1_555 ? ? ? ? ? ? ? 1.472 ? ? 
# 
_struct_conn_type.id          covale 
_struct_conn_type.criteria    ? 
_struct_conn_type.reference   ? 
# 
_pdbx_nmr_ensemble.average_constraint_violations_per_residue     ? 
_pdbx_nmr_ensemble.average_constraints_per_residue               ? 
_pdbx_nmr_ensemble.average_distance_constraint_violation         ? 
_pdbx_nmr_ensemble.average_torsion_angle_constraint_violation    ? 
_pdbx_nmr_ensemble.conformer_selection_criteria                  'structures with the least restraint violations' 
_pdbx_nmr_ensemble.conformers_calculated_total_number            200 
_pdbx_nmr_ensemble.conformers_submitted_total_number             20 
_pdbx_nmr_ensemble.distance_constraint_violation_method          ? 
_pdbx_nmr_ensemble.entry_id                                      2MK1 
_pdbx_nmr_ensemble.maximum_distance_constraint_violation         ? 
_pdbx_nmr_ensemble.maximum_lower_distance_constraint_violation   ? 
_pdbx_nmr_ensemble.maximum_torsion_angle_constraint_violation    ? 
_pdbx_nmr_ensemble.maximum_upper_distance_constraint_violation   ? 
_pdbx_nmr_ensemble.representative_conformer                      1 
_pdbx_nmr_ensemble.torsion_angle_constraint_violation_method     ? 
# 
_pdbx_nmr_representative.conformer_id         1 
_pdbx_nmr_representative.entry_id             2MK1 
_pdbx_nmr_representative.selection_criteria   'closest to the average' 
# 
_pdbx_nmr_sample_details.contents         '3.2mM SUGAR (4-MER)-1, 100% D2O' 
_pdbx_nmr_sample_details.solution_id      1 
_pdbx_nmr_sample_details.solvent_system   '100% D2O' 
# 
_pdbx_nmr_exptl_sample.component             'SUGAR (4-MER)-1' 
_pdbx_nmr_exptl_sample.concentration         3.2 
_pdbx_nmr_exptl_sample.concentration_range   ? 
_pdbx_nmr_exptl_sample.concentration_units   mM 
_pdbx_nmr_exptl_sample.isotopic_labeling     ? 
_pdbx_nmr_exptl_sample.solution_id           1 
# 
_pdbx_nmr_exptl_sample_conditions.conditions_id       1 
_pdbx_nmr_exptl_sample_conditions.ionic_strength      0 
_pdbx_nmr_exptl_sample_conditions.pH                  7 
_pdbx_nmr_exptl_sample_conditions.pressure            ambient 
_pdbx_nmr_exptl_sample_conditions.pressure_units      ? 
_pdbx_nmr_exptl_sample_conditions.temperature         275 
_pdbx_nmr_exptl_sample_conditions.temperature_units   K 
# 
loop_
_pdbx_nmr_exptl.conditions_id 
_pdbx_nmr_exptl.experiment_id 
_pdbx_nmr_exptl.solution_id 
_pdbx_nmr_exptl.type 
1 1 1 '2D 1H-13C HSQC' 
1 2 1 '2D 1H-1H TOCSY' 
1 3 1 '2D 1H-1H NOESY' 
# 
_pdbx_nmr_refine.entry_id           2MK1 
_pdbx_nmr_refine.method             'simulated annealing' 
_pdbx_nmr_refine.details            'GLYCAM force field and implicit solvent' 
_pdbx_nmr_refine.software_ordinal   1 
# 
loop_
_pdbx_nmr_software.authors 
_pdbx_nmr_software.classification 
_pdbx_nmr_software.name 
_pdbx_nmr_software.ordinal 
_pdbx_nmr_software.version 
'Bruker Biospin'                                                            collection                  TopSpin 1 ? 
Goddard                                                                     'chemical shift assignment' Sparky  2 ? 
Goddard                                                                     'peak picking'              Sparky  3 ? 
'Guntert, Mumenthaler and Wuthrich'                                         'structure solution'        CYANA   4 ? 
'Case, Darden, Cheatham, III, Simmerling, Wang, Duke, Luo, ... and Kollman' refinement                  Amber   5 ? 
# 
loop_
_chem_comp_atom.comp_id 
_chem_comp_atom.atom_id 
_chem_comp_atom.type_symbol 
_chem_comp_atom.pdbx_aromatic_flag 
_chem_comp_atom.pdbx_stereo_config 
_chem_comp_atom.pdbx_ordinal 
BGC C2  C N R 1  
BGC C3  C N S 2  
BGC C4  C N S 3  
BGC C5  C N R 4  
BGC C6  C N N 5  
BGC C1  C N R 6  
BGC O1  O N N 7  
BGC O2  O N N 8  
BGC O3  O N N 9  
BGC O4  O N N 10 
BGC O5  O N N 11 
BGC O6  O N N 12 
BGC H2  H N N 13 
BGC H3  H N N 14 
BGC H4  H N N 15 
BGC H5  H N N 16 
BGC H61 H N N 17 
BGC H62 H N N 18 
BGC H1  H N N 19 
BGC HO1 H N N 20 
BGC HO2 H N N 21 
BGC HO3 H N N 22 
BGC HO4 H N N 23 
BGC HO6 H N N 24 
FUC C1  C N R 25 
FUC C2  C N S 26 
FUC C3  C N R 27 
FUC C4  C N S 28 
FUC C5  C N S 29 
FUC C6  C N N 30 
FUC O1  O N N 31 
FUC O2  O N N 32 
FUC O3  O N N 33 
FUC O4  O N N 34 
FUC O5  O N N 35 
FUC H1  H N N 36 
FUC H2  H N N 37 
FUC H3  H N N 38 
FUC H4  H N N 39 
FUC H5  H N N 40 
FUC H61 H N N 41 
FUC H62 H N N 42 
FUC H63 H N N 43 
FUC HO1 H N N 44 
FUC HO2 H N N 45 
FUC HO3 H N N 46 
FUC HO4 H N N 47 
GAL C1  C N R 48 
GAL C2  C N R 49 
GAL C3  C N S 50 
GAL C4  C N R 51 
GAL C5  C N R 52 
GAL C6  C N N 53 
GAL O1  O N N 54 
GAL O2  O N N 55 
GAL O3  O N N 56 
GAL O4  O N N 57 
GAL O5  O N N 58 
GAL O6  O N N 59 
GAL H1  H N N 60 
GAL H2  H N N 61 
GAL H3  H N N 62 
GAL H4  H N N 63 
GAL H5  H N N 64 
GAL H61 H N N 65 
GAL H62 H N N 66 
GAL HO1 H N N 67 
GAL HO2 H N N 68 
GAL HO3 H N N 69 
GAL HO4 H N N 70 
GAL HO6 H N N 71 
# 
loop_
_chem_comp_bond.comp_id 
_chem_comp_bond.atom_id_1 
_chem_comp_bond.atom_id_2 
_chem_comp_bond.value_order 
_chem_comp_bond.pdbx_aromatic_flag 
_chem_comp_bond.pdbx_stereo_config 
_chem_comp_bond.pdbx_ordinal 
BGC C2 C3  sing N N 1  
BGC C2 C1  sing N N 2  
BGC C2 O2  sing N N 3  
BGC C2 H2  sing N N 4  
BGC C3 C4  sing N N 5  
BGC C3 O3  sing N N 6  
BGC C3 H3  sing N N 7  
BGC C4 C5  sing N N 8  
BGC C4 O4  sing N N 9  
BGC C4 H4  sing N N 10 
BGC C5 C6  sing N N 11 
BGC C5 O5  sing N N 12 
BGC C5 H5  sing N N 13 
BGC C6 O6  sing N N 14 
BGC C6 H61 sing N N 15 
BGC C6 H62 sing N N 16 
BGC C1 O1  sing N N 17 
BGC C1 O5  sing N N 18 
BGC C1 H1  sing N N 19 
BGC O1 HO1 sing N N 20 
BGC O2 HO2 sing N N 21 
BGC O3 HO3 sing N N 22 
BGC O4 HO4 sing N N 23 
BGC O6 HO6 sing N N 24 
FUC C1 C2  sing N N 25 
FUC C1 O1  sing N N 26 
FUC C1 O5  sing N N 27 
FUC C1 H1  sing N N 28 
FUC C2 C3  sing N N 29 
FUC C2 O2  sing N N 30 
FUC C2 H2  sing N N 31 
FUC C3 C4  sing N N 32 
FUC C3 O3  sing N N 33 
FUC C3 H3  sing N N 34 
FUC C4 C5  sing N N 35 
FUC C4 O4  sing N N 36 
FUC C4 H4  sing N N 37 
FUC C5 C6  sing N N 38 
FUC C5 O5  sing N N 39 
FUC C5 H5  sing N N 40 
FUC C6 H61 sing N N 41 
FUC C6 H62 sing N N 42 
FUC C6 H63 sing N N 43 
FUC O1 HO1 sing N N 44 
FUC O2 HO2 sing N N 45 
FUC O3 HO3 sing N N 46 
FUC O4 HO4 sing N N 47 
GAL C1 C2  sing N N 48 
GAL C1 O1  sing N N 49 
GAL C1 O5  sing N N 50 
GAL C1 H1  sing N N 51 
GAL C2 C3  sing N N 52 
GAL C2 O2  sing N N 53 
GAL C2 H2  sing N N 54 
GAL C3 C4  sing N N 55 
GAL C3 O3  sing N N 56 
GAL C3 H3  sing N N 57 
GAL C4 C5  sing N N 58 
GAL C4 O4  sing N N 59 
GAL C4 H4  sing N N 60 
GAL C5 C6  sing N N 61 
GAL C5 O5  sing N N 62 
GAL C5 H5  sing N N 63 
GAL C6 O6  sing N N 64 
GAL C6 H61 sing N N 65 
GAL C6 H62 sing N N 66 
GAL O1 HO1 sing N N 67 
GAL O2 HO2 sing N N 68 
GAL O3 HO3 sing N N 69 
GAL O4 HO4 sing N N 70 
GAL O6 HO6 sing N N 71 
# 
loop_
_pdbx_entity_branch_list.entity_id 
_pdbx_entity_branch_list.comp_id 
_pdbx_entity_branch_list.num 
_pdbx_entity_branch_list.hetero 
1 BGC 1 n 
1 GAL 2 n 
1 FUC 3 n 
1 FUC 4 n 
# 
_pdbx_nmr_spectrometer.field_strength    900 
_pdbx_nmr_spectrometer.manufacturer      Bruker 
_pdbx_nmr_spectrometer.model             AVANCE 
_pdbx_nmr_spectrometer.spectrometer_id   1 
_pdbx_nmr_spectrometer.type              'Bruker Avance' 
# 
_atom_sites.entry_id                    2MK1 
_atom_sites.fract_transf_matrix[1][1]   1.000000 
_atom_sites.fract_transf_matrix[1][2]   0.000000 
_atom_sites.fract_transf_matrix[1][3]   0.000000 
_atom_sites.fract_transf_matrix[2][1]   0.000000 
_atom_sites.fract_transf_matrix[2][2]   1.000000 
_atom_sites.fract_transf_matrix[2][3]   0.000000 
_atom_sites.fract_transf_matrix[3][1]   0.000000 
_atom_sites.fract_transf_matrix[3][2]   0.000000 
_atom_sites.fract_transf_matrix[3][3]   1.000000 
_atom_sites.fract_transf_vector[1]      0.00000 
_atom_sites.fract_transf_vector[2]      0.00000 
_atom_sites.fract_transf_vector[3]      0.00000 
# 
loop_
_atom_type.symbol 
C 
H 
O 
# 
loop_
_atom_site.group_PDB 
_atom_site.id 
_atom_site.type_symbol 
_atom_site.label_atom_id 
_atom_site.label_alt_id 
_atom_site.label_comp_id 
_atom_site.label_asym_id 
_atom_site.label_entity_id 
_atom_site.label_seq_id 
_atom_site.pdbx_PDB_ins_code 
_atom_site.Cartn_x 
_atom_site.Cartn_y 
_atom_site.Cartn_z 
_atom_site.occupancy 
_atom_site.B_iso_or_equiv 
_atom_site.pdbx_formal_charge 
_atom_site.auth_seq_id 
_atom_site.auth_comp_id 
_atom_site.auth_asym_id 
_atom_site.auth_atom_id 
_atom_site.pdbx_PDB_model_num 
HETATM 1    C C2  . BGC A 1 . ? 1.106  2.712  2.974  1.00 0.00 ? 1 BGC A C2  1  
HETATM 2    C C3  . BGC A 1 . ? 0.813  1.476  2.105  1.00 0.00 ? 1 BGC A C3  1  
HETATM 3    C C4  . BGC A 1 . ? 0.160  1.880  0.777  1.00 0.00 ? 1 BGC A C4  1  
HETATM 4    C C5  . BGC A 1 . ? 1.025  2.910  0.040  1.00 0.00 ? 1 BGC A C5  1  
HETATM 5    C C6  . BGC A 1 . ? 0.400  3.390  -1.278 1.00 0.00 ? 1 BGC A C6  1  
HETATM 6    C C1  . BGC A 1 . ? 1.913  3.769  2.182  1.00 0.00 ? 1 BGC A C1  1  
HETATM 7    O O1  . BGC A 1 . ? 2.013  4.968  2.959  1.00 0.00 ? 1 BGC A O1  1  
HETATM 8    O O2  . BGC A 1 . ? 1.864  2.314  4.151  1.00 0.00 ? 1 BGC A O2  1  
HETATM 9    O O3  . BGC A 1 . ? -0.118 0.570  2.821  1.00 0.00 ? 1 BGC A O3  1  
HETATM 10   O O4  . BGC A 1 . ? 0.048  0.679  -0.074 1.00 0.00 ? 1 BGC A O4  1  
HETATM 11   O O5  . BGC A 1 . ? 1.229  4.080  0.924  1.00 0.00 ? 1 BGC A O5  1  
HETATM 12   O O6  . BGC A 1 . ? 1.271  4.360  -1.895 1.00 0.00 ? 1 BGC A O6  1  
HETATM 13   H H2  . BGC A 1 . ? 0.157  3.150  3.292  1.00 0.00 ? 1 BGC A H2  1  
HETATM 14   H H3  . BGC A 1 . ? 1.747  0.955  1.886  1.00 0.00 ? 1 BGC A H3  1  
HETATM 15   H H4  . BGC A 1 . ? -0.827 2.302  0.975  1.00 0.00 ? 1 BGC A H4  1  
HETATM 16   H H5  . BGC A 1 . ? 1.998  2.464  -0.175 1.00 0.00 ? 1 BGC A H5  1  
HETATM 17   H H61 . BGC A 1 . ? 0.262  2.554  -1.964 1.00 0.00 ? 1 BGC A H61 1  
HETATM 18   H H62 . BGC A 1 . ? -0.574 3.843  -1.090 1.00 0.00 ? 1 BGC A H62 1  
HETATM 19   H H1  . BGC A 1 . ? 2.915  3.399  1.960  1.00 0.00 ? 1 BGC A H1  1  
HETATM 20   H HO1 . BGC A 1 . ? 2.444  5.646  2.405  1.00 0.00 ? 1 BGC A HO1 1  
HETATM 21   H HO2 . BGC A 1 . ? 2.083  3.126  4.652  1.00 0.00 ? 1 BGC A HO2 1  
HETATM 22   H HO6 . BGC A 1 . ? 1.442  5.067  -1.242 1.00 0.00 ? 1 BGC A HO6 1  
HETATM 23   C C1  . GAL A 1 . ? -1.285 0.441  -0.645 1.00 0.00 ? 2 GAL A C1  1  
HETATM 24   C C2  . GAL A 1 . ? -1.161 -0.676 -1.699 1.00 0.00 ? 2 GAL A C2  1  
HETATM 25   C C3  . GAL A 1 . ? -2.542 -1.170 -2.165 1.00 0.00 ? 2 GAL A C3  1  
HETATM 26   C C4  . GAL A 1 . ? -3.441 -1.552 -0.978 1.00 0.00 ? 2 GAL A C4  1  
HETATM 27   C C5  . GAL A 1 . ? -3.577 -0.352 -0.031 1.00 0.00 ? 2 GAL A C5  1  
HETATM 28   C C6  . GAL A 1 . ? -4.467 -0.653 1.186  1.00 0.00 ? 2 GAL A C6  1  
HETATM 29   O O2  . GAL A 1 . ? -0.428 -0.123 -2.864 1.00 0.00 ? 2 GAL A O2  1  
HETATM 30   O O3  . GAL A 1 . ? -2.405 -2.320 -3.048 1.00 0.00 ? 2 GAL A O3  1  
HETATM 31   O O4  . GAL A 1 . ? -2.847 -2.665 -0.262 1.00 0.00 ? 2 GAL A O4  1  
HETATM 32   O O5  . GAL A 1 . ? -2.226 0.058  0.422  1.00 0.00 ? 2 GAL A O5  1  
HETATM 33   O O6  . GAL A 1 . ? -4.649 0.549  1.966  1.00 0.00 ? 2 GAL A O6  1  
HETATM 34   H H1  . GAL A 1 . ? -1.638 1.356  -1.123 1.00 0.00 ? 2 GAL A H1  1  
HETATM 35   H H2  . GAL A 1 . ? -0.602 -1.506 -1.264 1.00 0.00 ? 2 GAL A H2  1  
HETATM 36   H H3  . GAL A 1 . ? -3.028 -0.368 -2.721 1.00 0.00 ? 2 GAL A H3  1  
HETATM 37   H H4  . GAL A 1 . ? -4.428 -1.846 -1.339 1.00 0.00 ? 2 GAL A H4  1  
HETATM 38   H H5  . GAL A 1 . ? -4.021 0.475  -0.587 1.00 0.00 ? 2 GAL A H5  1  
HETATM 39   H H61 . GAL A 1 . ? -5.441 -1.014 0.854  1.00 0.00 ? 2 GAL A H61 1  
HETATM 40   H H62 . GAL A 1 . ? -4.014 -1.422 1.813  1.00 0.00 ? 2 GAL A H62 1  
HETATM 41   H HO3 . GAL A 1 . ? -3.284 -2.564 -3.400 1.00 0.00 ? 2 GAL A HO3 1  
HETATM 42   H HO4 . GAL A 1 . ? -2.744 -3.412 -0.884 1.00 0.00 ? 2 GAL A HO4 1  
HETATM 43   H HO6 . GAL A 1 . ? -5.088 1.220  1.409  1.00 0.00 ? 2 GAL A HO6 1  
HETATM 44   C C1  . FUC A 1 . ? 0.574  -1.051 -3.414 1.00 0.00 ? 3 FUC A C1  1  
HETATM 45   C C2  . FUC A 1 . ? 1.081  -0.577 -4.807 1.00 0.00 ? 3 FUC A C2  1  
HETATM 46   C C3  . FUC A 1 . ? 2.011  0.653  -4.680 1.00 0.00 ? 3 FUC A C3  1  
HETATM 47   C C4  . FUC A 1 . ? 3.137  0.391  -3.656 1.00 0.00 ? 3 FUC A C4  1  
HETATM 48   C C5  . FUC A 1 . ? 2.504  0.018  -2.302 1.00 0.00 ? 3 FUC A C5  1  
HETATM 49   C C6  . FUC A 1 . ? 3.489  -0.204 -1.157 1.00 0.00 ? 3 FUC A C6  1  
HETATM 50   O O2  . FUC A 1 . ? -0.054 -0.245 -5.676 1.00 0.00 ? 3 FUC A O2  1  
HETATM 51   O O3  . FUC A 1 . ? 2.595  1.025  -5.971 1.00 0.00 ? 3 FUC A O3  1  
HETATM 52   O O4  . FUC A 1 . ? 3.987  -0.695 -4.122 1.00 0.00 ? 3 FUC A O4  1  
HETATM 53   O O5  . FUC A 1 . ? 1.688  -1.203 -2.459 1.00 0.00 ? 3 FUC A O5  1  
HETATM 54   H H1  . FUC A 1 . ? 0.115  -2.024 -3.551 1.00 0.00 ? 3 FUC A H1  1  
HETATM 55   H H2  . FUC A 1 . ? 1.628  -1.405 -5.258 1.00 0.00 ? 3 FUC A H2  1  
HETATM 56   H H3  . FUC A 1 . ? 1.421  1.499  -4.323 1.00 0.00 ? 3 FUC A H3  1  
HETATM 57   H H4  . FUC A 1 . ? 3.740  1.293  -3.539 1.00 0.00 ? 3 FUC A H4  1  
HETATM 58   H H5  . FUC A 1 . ? 1.835  0.825  -2.012 1.00 0.00 ? 3 FUC A H5  1  
HETATM 59   H H61 . FUC A 1 . ? 2.963  -0.385 -0.220 1.00 0.00 ? 3 FUC A H61 1  
HETATM 60   H H62 . FUC A 1 . ? 4.123  0.670  -1.010 1.00 0.00 ? 3 FUC A H62 1  
HETATM 61   H H63 . FUC A 1 . ? 4.138  -1.062 -1.338 1.00 0.00 ? 3 FUC A H63 1  
HETATM 62   H HO2 . FUC A 1 . ? -0.652 -1.020 -5.697 1.00 0.00 ? 3 FUC A HO2 1  
HETATM 63   H HO3 . FUC A 1 . ? 3.187  1.793  -5.848 1.00 0.00 ? 3 FUC A HO3 1  
HETATM 64   H HO4 . FUC A 1 . ? 4.761  -0.779 -3.530 1.00 0.00 ? 3 FUC A HO4 1  
HETATM 65   C C1  . FUC A 1 . ? 0.536  -0.548 3.525  1.00 0.00 ? 4 FUC A C1  1  
HETATM 66   C C2  . FUC A 1 . ? -0.479 -1.256 4.459  1.00 0.00 ? 4 FUC A C2  1  
HETATM 67   C C3  . FUC A 1 . ? -1.520 -2.023 3.622  1.00 0.00 ? 4 FUC A C3  1  
HETATM 68   C C4  . FUC A 1 . ? -0.842 -3.020 2.667  1.00 0.00 ? 4 FUC A C4  1  
HETATM 69   C C5  . FUC A 1 . ? 0.141  -2.270 1.750  1.00 0.00 ? 4 FUC A C5  1  
HETATM 70   C C6  . FUC A 1 . ? 0.912  -3.162 0.780  1.00 0.00 ? 4 FUC A C6  1  
HETATM 71   O O2  . FUC A 1 . ? -1.169 -0.273 5.296  1.00 0.00 ? 4 FUC A O2  1  
HETATM 72   O O3  . FUC A 1 . ? -2.464 -2.737 4.478  1.00 0.00 ? 4 FUC A O3  1  
HETATM 73   O O4  . FUC A 1 . ? -0.134 -4.028 3.442  1.00 0.00 ? 4 FUC A O4  1  
HETATM 74   O O5  . FUC A 1 . ? 1.121  -1.501 2.557  1.00 0.00 ? 4 FUC A O5  1  
HETATM 75   H H1  . FUC A 1 . ? 1.331  -0.154 4.150  1.00 0.00 ? 4 FUC A H1  1  
HETATM 76   H H2  . FUC A 1 . ? 0.057  -1.950 5.111  1.00 0.00 ? 4 FUC A H2  1  
HETATM 77   H H3  . FUC A 1 . ? -2.069 -1.293 3.028  1.00 0.00 ? 4 FUC A H3  1  
HETATM 78   H H4  . FUC A 1 . ? -1.601 -3.514 2.058  1.00 0.00 ? 4 FUC A H4  1  
HETATM 79   H H5  . FUC A 1 . ? -0.434 -1.567 1.155  1.00 0.00 ? 4 FUC A H5  1  
HETATM 80   H H61 . FUC A 1 . ? 0.233  -3.745 0.158  1.00 0.00 ? 4 FUC A H61 1  
HETATM 81   H H62 . FUC A 1 . ? 1.569  -3.860 1.300  1.00 0.00 ? 4 FUC A H62 1  
HETATM 82   H H63 . FUC A 1 . ? 1.533  -2.567 0.111  1.00 0.00 ? 4 FUC A H63 1  
HETATM 83   H HO2 . FUC A 1 . ? -1.471 0.442  4.700  1.00 0.00 ? 4 FUC A HO2 1  
HETATM 84   H HO3 . FUC A 1 . ? -2.795 -2.109 5.151  1.00 0.00 ? 4 FUC A HO3 1  
HETATM 85   H HO4 . FUC A 1 . ? -0.781 -4.447 4.047  1.00 0.00 ? 4 FUC A HO4 1  
HETATM 86   C C2  . BGC A 1 . ? 1.133  2.751  2.892  1.00 0.00 ? 1 BGC A C2  2  
HETATM 87   C C3  . BGC A 1 . ? 0.825  1.506  2.041  1.00 0.00 ? 1 BGC A C3  2  
HETATM 88   C C4  . BGC A 1 . ? 0.183  1.897  0.705  1.00 0.00 ? 1 BGC A C4  2  
HETATM 89   C C5  . BGC A 1 . ? 1.065  2.903  -0.046 1.00 0.00 ? 1 BGC A C5  2  
HETATM 90   C C6  . BGC A 1 . ? 0.450  3.373  -1.373 1.00 0.00 ? 1 BGC A C6  2  
HETATM 91   C C1  . BGC A 1 . ? 1.966  3.779  2.083  1.00 0.00 ? 1 BGC A C1  2  
HETATM 92   O O1  . BGC A 1 . ? 2.106  4.992  2.837  1.00 0.00 ? 1 BGC A O1  2  
HETATM 93   O O2  . BGC A 1 . ? 1.879  2.362  4.080  1.00 0.00 ? 1 BGC A O2  2  
HETATM 94   O O3  . BGC A 1 . ? -0.124 0.625  2.768  1.00 0.00 ? 1 BGC A O3  2  
HETATM 95   O O4  . BGC A 1 . ? 0.057  0.685  -0.127 1.00 0.00 ? 1 BGC A O4  2  
HETATM 96   O O5  . BGC A 1 . ? 1.288  4.083  0.822  1.00 0.00 ? 1 BGC A O5  2  
HETATM 97   O O6  . BGC A 1 . ? 1.338  4.320  -2.002 1.00 0.00 ? 1 BGC A O6  2  
HETATM 98   H H2  . BGC A 1 . ? 0.192  3.211  3.197  1.00 0.00 ? 1 BGC A H2  2  
HETATM 99   H H3  . BGC A 1 . ? 1.751  0.966  1.836  1.00 0.00 ? 1 BGC A H3  2  
HETATM 100  H H4  . BGC A 1 . ? -0.799 2.338  0.891  1.00 0.00 ? 1 BGC A H4  2  
HETATM 101  H H5  . BGC A 1 . ? 2.031  2.439  -0.253 1.00 0.00 ? 1 BGC A H5  2  
HETATM 102  H H61 . BGC A 1 . ? 0.300  2.529  -2.045 1.00 0.00 ? 1 BGC A H61 2  
HETATM 103  H H62 . BGC A 1 . ? -0.515 3.845  -1.193 1.00 0.00 ? 1 BGC A H62 2  
HETATM 104  H H1  . BGC A 1 . ? 2.958  3.379  1.869  1.00 0.00 ? 1 BGC A H1  2  
HETATM 105  H HO1 . BGC A 1 . ? 1.248  5.458  2.820  1.00 0.00 ? 1 BGC A HO1 2  
HETATM 106  H HO2 . BGC A 1 . ? 2.119  3.176  4.565  1.00 0.00 ? 1 BGC A HO2 2  
HETATM 107  H HO6 . BGC A 1 . ? 1.523  5.030  -1.359 1.00 0.00 ? 1 BGC A HO6 2  
HETATM 108  C C1  . GAL A 1 . ? -1.276 0.459  -0.703 1.00 0.00 ? 2 GAL A C1  2  
HETATM 109  C C2  . GAL A 1 . ? -1.162 -0.678 -1.738 1.00 0.00 ? 2 GAL A C2  2  
HETATM 110  C C3  . GAL A 1 . ? -2.548 -1.175 -2.191 1.00 0.00 ? 2 GAL A C3  2  
HETATM 111  C C4  . GAL A 1 . ? -3.459 -1.512 -1.000 1.00 0.00 ? 2 GAL A C4  2  
HETATM 112  C C5  . GAL A 1 . ? -3.582 -0.281 -0.094 1.00 0.00 ? 2 GAL A C5  2  
HETATM 113  C C6  . GAL A 1 . ? -4.495 -0.525 1.117  1.00 0.00 ? 2 GAL A C6  2  
HETATM 114  O O2  . GAL A 1 . ? -0.429 -0.146 -2.914 1.00 0.00 ? 2 GAL A O2  2  
HETATM 115  O O3  . GAL A 1 . ? -2.433 -2.345 -3.051 1.00 0.00 ? 2 GAL A O3  2  
HETATM 116  O O4  . GAL A 1 . ? -2.881 -2.607 -0.240 1.00 0.00 ? 2 GAL A O4  2  
HETATM 117  O O5  . GAL A 1 . ? -2.230 0.113  0.364  1.00 0.00 ? 2 GAL A O5  2  
HETATM 118  O O6  . GAL A 1 . ? -4.713 0.724  1.809  1.00 0.00 ? 2 GAL A O6  2  
HETATM 119  H H1  . GAL A 1 . ? -1.612 1.370  -1.200 1.00 0.00 ? 2 GAL A H1  2  
HETATM 120  H H2  . GAL A 1 . ? -0.606 -1.503 -1.289 1.00 0.00 ? 2 GAL A H2  2  
HETATM 121  H H3  . GAL A 1 . ? -3.023 -0.380 -2.769 1.00 0.00 ? 2 GAL A H3  2  
HETATM 122  H H4  . GAL A 1 . ? -4.448 -1.804 -1.356 1.00 0.00 ? 2 GAL A H4  2  
HETATM 123  H H5  . GAL A 1 . ? -4.002 0.538  -0.682 1.00 0.00 ? 2 GAL A H5  2  
HETATM 124  H H61 . GAL A 1 . ? -5.456 -0.918 0.785  1.00 0.00 ? 2 GAL A H61 2  
HETATM 125  H H62 . GAL A 1 . ? -4.045 -1.246 1.799  1.00 0.00 ? 2 GAL A H62 2  
HETATM 126  H HO3 . GAL A 1 . ? -2.109 -3.100 -2.522 1.00 0.00 ? 2 GAL A HO3 2  
HETATM 127  H HO4 . GAL A 1 . ? -3.110 -3.456 -0.669 1.00 0.00 ? 2 GAL A HO4 2  
HETATM 128  H HO6 . GAL A 1 . ? -5.290 0.553  2.576  1.00 0.00 ? 2 GAL A HO6 2  
HETATM 129  C C1  . FUC A 1 . ? 0.573  -1.081 -3.455 1.00 0.00 ? 3 FUC A C1  2  
HETATM 130  C C2  . FUC A 1 . ? 1.092  -0.584 -4.834 1.00 0.00 ? 3 FUC A C2  2  
HETATM 131  C C3  . FUC A 1 . ? 2.039  0.630  -4.677 1.00 0.00 ? 3 FUC A C3  2  
HETATM 132  C C4  . FUC A 1 . ? 3.157  0.331  -3.657 1.00 0.00 ? 3 FUC A C4  2  
HETATM 133  C C5  . FUC A 1 . ? 2.509  -0.050 -2.314 1.00 0.00 ? 3 FUC A C5  2  
HETATM 134  C C6  . FUC A 1 . ? 3.484  -0.302 -1.166 1.00 0.00 ? 3 FUC A C6  2  
HETATM 135  O O2  . FUC A 1 . ? -0.047 -0.218 -5.679 1.00 0.00 ? 3 FUC A O2  2  
HETATM 136  O O3  . FUC A 1 . ? 2.627  1.022  -5.959 1.00 0.00 ? 3 FUC A O3  2  
HETATM 137  O O4  . FUC A 1 . ? 3.986  -0.765 -4.138 1.00 0.00 ? 3 FUC A O4  2  
HETATM 138  O O5  . FUC A 1 . ? 1.675  -1.254 -2.491 1.00 0.00 ? 3 FUC A O5  2  
HETATM 139  H H1  . FUC A 1 . ? 0.106  -2.046 -3.613 1.00 0.00 ? 3 FUC A H1  2  
HETATM 140  H H2  . FUC A 1 . ? 1.624  -1.408 -5.309 1.00 0.00 ? 3 FUC A H2  2  
HETATM 141  H H3  . FUC A 1 . ? 1.460  1.478  -4.302 1.00 0.00 ? 3 FUC A H3  2  
HETATM 142  H H4  . FUC A 1 . ? 3.778  1.219  -3.524 1.00 0.00 ? 3 FUC A H4  2  
HETATM 143  H H5  . FUC A 1 . ? 1.852  0.764  -2.019 1.00 0.00 ? 3 FUC A H5  2  
HETATM 144  H H61 . FUC A 1 . ? 4.135  0.559  -1.005 1.00 0.00 ? 3 FUC A H61 2  
HETATM 145  H H62 . FUC A 1 . ? 4.118  -1.169 -1.351 1.00 0.00 ? 3 FUC A H62 2  
HETATM 146  H H63 . FUC A 1 . ? 2.949  -0.481 -0.233 1.00 0.00 ? 3 FUC A H63 2  
HETATM 147  H HO2 . FUC A 1 . ? -0.623 0.362  -5.141 1.00 0.00 ? 3 FUC A HO2 2  
HETATM 148  H HO3 . FUC A 1 . ? 3.230  1.780  -5.821 1.00 0.00 ? 3 FUC A HO3 2  
HETATM 149  H HO4 . FUC A 1 . ? 4.756  -0.875 -3.545 1.00 0.00 ? 3 FUC A HO4 2  
HETATM 150  C C1  . FUC A 1 . ? 0.510  -0.489 3.497  1.00 0.00 ? 4 FUC A C1  2  
HETATM 151  C C2  . FUC A 1 . ? -0.521 -1.164 4.441  1.00 0.00 ? 4 FUC A C2  2  
HETATM 152  C C3  . FUC A 1 . ? -1.571 -1.934 3.612  1.00 0.00 ? 4 FUC A C3  2  
HETATM 153  C C4  . FUC A 1 . ? -0.897 -2.956 2.678  1.00 0.00 ? 4 FUC A C4  2  
HETATM 154  C C5  . FUC A 1 . ? 0.097  -2.234 1.751  1.00 0.00 ? 4 FUC A C5  2  
HETATM 155  C C6  . FUC A 1 . ? 0.856  -3.151 0.796  1.00 0.00 ? 4 FUC A C6  2  
HETATM 156  O O2  . FUC A 1 . ? -1.180 -0.147 5.262  1.00 0.00 ? 4 FUC A O2  2  
HETATM 157  O O3  . FUC A 1 . ? -2.544 -2.625 4.459  1.00 0.00 ? 4 FUC A O3  2  
HETATM 158  O O4  . FUC A 1 . ? -0.196 -3.956 3.472  1.00 0.00 ? 4 FUC A O4  2  
HETATM 159  O O5  . FUC A 1 . ? 1.085  -1.468 2.548  1.00 0.00 ? 4 FUC A O5  2  
HETATM 160  H H1  . FUC A 1 . ? 1.308  -0.096 4.118  1.00 0.00 ? 4 FUC A H1  2  
HETATM 161  H H2  . FUC A 1 . ? 0.004  -1.854 5.103  1.00 0.00 ? 4 FUC A H2  2  
HETATM 162  H H3  . FUC A 1 . ? -2.102 -1.209 2.996  1.00 0.00 ? 4 FUC A H3  2  
HETATM 163  H H4  . FUC A 1 . ? -1.653 -3.456 2.072  1.00 0.00 ? 4 FUC A H4  2  
HETATM 164  H H5  . FUC A 1 . ? -0.468 -1.531 1.145  1.00 0.00 ? 4 FUC A H5  2  
HETATM 165  H H61 . FUC A 1 . ? 1.485  -2.573 0.118  1.00 0.00 ? 4 FUC A H61 2  
HETATM 166  H H62 . FUC A 1 . ? 0.169  -3.736 0.184  1.00 0.00 ? 4 FUC A H62 2  
HETATM 167  H H63 . FUC A 1 . ? 1.504  -3.847 1.328  1.00 0.00 ? 4 FUC A H63 2  
HETATM 168  H HO2 . FUC A 1 . ? -1.508 0.540  4.648  1.00 0.00 ? 4 FUC A HO2 2  
HETATM 169  H HO3 . FUC A 1 . ? -2.068 -3.202 5.089  1.00 0.00 ? 4 FUC A HO3 2  
HETATM 170  H HO4 . FUC A 1 . ? -0.854 -4.558 3.875  1.00 0.00 ? 4 FUC A HO4 2  
HETATM 171  C C2  . BGC A 1 . ? 1.121  2.762  2.949  1.00 0.00 ? 1 BGC A C2  3  
HETATM 172  C C3  . BGC A 1 . ? 0.808  1.524  2.090  1.00 0.00 ? 1 BGC A C3  3  
HETATM 173  C C4  . BGC A 1 . ? 0.156  1.929  0.760  1.00 0.00 ? 1 BGC A C4  3  
HETATM 174  C C5  . BGC A 1 . ? 1.023  2.949  0.013  1.00 0.00 ? 1 BGC A C5  3  
HETATM 175  C C6  . BGC A 1 . ? 0.386  3.433  -1.298 1.00 0.00 ? 1 BGC A C6  3  
HETATM 176  C C1  . BGC A 1 . ? 1.938  3.803  2.145  1.00 0.00 ? 1 BGC A C1  3  
HETATM 177  O O1  . BGC A 1 . ? 2.080  5.007  2.910  1.00 0.00 ? 1 BGC A O1  3  
HETATM 178  O O2  . BGC A 1 . ? 1.884  2.364  4.124  1.00 0.00 ? 1 BGC A O2  3  
HETATM 179  O O3  . BGC A 1 . ? -0.135 0.633  2.810  1.00 0.00 ? 1 BGC A O3  3  
HETATM 180  O O4  . BGC A 1 . ? 0.028  0.725  -0.085 1.00 0.00 ? 1 BGC A O4  3  
HETATM 181  O O5  . BGC A 1 . ? 1.246  4.119  0.893  1.00 0.00 ? 1 BGC A O5  3  
HETATM 182  O O6  . BGC A 1 . ? 1.255  4.400  -1.924 1.00 0.00 ? 1 BGC A O6  3  
HETATM 183  H H2  . BGC A 1 . ? 0.180  3.214  3.270  1.00 0.00 ? 1 BGC A H2  3  
HETATM 184  H H3  . BGC A 1 . ? 1.734  0.989  1.871  1.00 0.00 ? 1 BGC A H3  3  
HETATM 185  H H4  . BGC A 1 . ? -0.827 2.361  0.961  1.00 0.00 ? 1 BGC A H4  3  
HETATM 186  H H5  . BGC A 1 . ? 1.989  2.495  -0.212 1.00 0.00 ? 1 BGC A H5  3  
HETATM 187  H H61 . BGC A 1 . ? 0.237  2.598  -1.982 1.00 0.00 ? 1 BGC A H61 3  
HETATM 188  H H62 . BGC A 1 . ? -0.584 3.890  -1.099 1.00 0.00 ? 1 BGC A H62 3  
HETATM 189  H H1  . BGC A 1 . ? 2.931  3.411  1.914  1.00 0.00 ? 1 BGC A H1  3  
HETATM 190  H HO1 . BGC A 1 . ? 1.220  5.469  2.910  1.00 0.00 ? 1 BGC A HO1 3  
HETATM 191  H HO2 . BGC A 1 . ? 2.124  3.175  4.615  1.00 0.00 ? 1 BGC A HO2 3  
HETATM 192  H HO6 . BGC A 1 . ? 1.441  5.102  -1.269 1.00 0.00 ? 1 BGC A HO6 3  
HETATM 193  C C1  . GAL A 1 . ? -1.314 0.497  -0.639 1.00 0.00 ? 2 GAL A C1  3  
HETATM 194  C C2  . GAL A 1 . ? -1.232 -0.660 -1.656 1.00 0.00 ? 2 GAL A C2  3  
HETATM 195  C C3  . GAL A 1 . ? -2.639 -1.095 -2.103 1.00 0.00 ? 2 GAL A C3  3  
HETATM 196  C C4  . GAL A 1 . ? -3.533 -1.437 -0.901 1.00 0.00 ? 2 GAL A C4  3  
HETATM 197  C C5  . GAL A 1 . ? -3.620 -0.214 0.022  1.00 0.00 ? 2 GAL A C5  3  
HETATM 198  C C6  . GAL A 1 . ? -4.495 -0.451 1.260  1.00 0.00 ? 2 GAL A C6  3  
HETATM 199  O O2  . GAL A 1 . ? -0.478 -0.194 -2.844 1.00 0.00 ? 2 GAL A O2  3  
HETATM 200  O O3  . GAL A 1 . ? -2.577 -2.248 -2.989 1.00 0.00 ? 2 GAL A O3  3  
HETATM 201  O O4  . GAL A 1 . ? -2.964 -2.554 -0.172 1.00 0.00 ? 2 GAL A O4  3  
HETATM 202  O O5  . GAL A 1 . ? -2.252 0.167  0.448  1.00 0.00 ? 2 GAL A O5  3  
HETATM 203  O O6  . GAL A 1 . ? -4.546 0.766  2.033  1.00 0.00 ? 2 GAL A O6  3  
HETATM 204  H H1  . GAL A 1 . ? -1.651 1.403  -1.142 1.00 0.00 ? 2 GAL A H1  3  
HETATM 205  H H2  . GAL A 1 . ? -0.715 -1.501 -1.192 1.00 0.00 ? 2 GAL A H2  3  
HETATM 206  H H3  . GAL A 1 . ? -3.103 -0.273 -2.650 1.00 0.00 ? 2 GAL A H3  3  
HETATM 207  H H4  . GAL A 1 . ? -4.532 -1.706 -1.246 1.00 0.00 ? 2 GAL A H4  3  
HETATM 208  H H5  . GAL A 1 . ? -4.047 0.616  -0.546 1.00 0.00 ? 2 GAL A H5  3  
HETATM 209  H H61 . GAL A 1 . ? -5.505 -0.729 0.959  1.00 0.00 ? 2 GAL A H61 3  
HETATM 210  H H62 . GAL A 1 . ? -4.083 -1.251 1.874  1.00 0.00 ? 2 GAL A H62 3  
HETATM 211  H HO3 . GAL A 1 . ? -2.207 -1.964 -3.849 1.00 0.00 ? 2 GAL A HO3 3  
HETATM 212  H HO4 . GAL A 1 . ? -2.904 -3.314 -0.783 1.00 0.00 ? 2 GAL A HO4 3  
HETATM 213  H HO6 . GAL A 1 . ? -3.627 1.037  2.210  1.00 0.00 ? 2 GAL A HO6 3  
HETATM 214  C C1  . FUC A 1 . ? 0.546  -1.155 -3.297 1.00 0.00 ? 3 FUC A C1  3  
HETATM 215  C C2  . FUC A 1 . ? 1.052  -0.815 -4.723 1.00 0.00 ? 3 FUC A C2  3  
HETATM 216  C C3  . FUC A 1 . ? 1.913  0.466  -4.718 1.00 0.00 ? 3 FUC A C3  3  
HETATM 217  C C4  . FUC A 1 . ? 3.051  0.355  -3.685 1.00 0.00 ? 3 FUC A C4  3  
HETATM 218  C C5  . FUC A 1 . ? 2.452  0.058  -2.295 1.00 0.00 ? 3 FUC A C5  3  
HETATM 219  C C6  . FUC A 1 . ? 3.468  -0.057 -1.160 1.00 0.00 ? 3 FUC A C6  3  
HETATM 220  O O2  . FUC A 1 . ? -0.071 -0.640 -5.644 1.00 0.00 ? 3 FUC A O2  3  
HETATM 221  O O3  . FUC A 1 . ? 2.491  0.714  -6.036 1.00 0.00 ? 3 FUC A O3  3  
HETATM 222  O O4  . FUC A 1 . ? 3.948  -0.716 -4.091 1.00 0.00 ? 3 FUC A O4  3  
HETATM 223  O O5  . FUC A 1 . ? 1.664  -1.190 -2.339 1.00 0.00 ? 3 FUC A O5  3  
HETATM 224  H H1  . FUC A 1 . ? 0.105  -2.146 -3.339 1.00 0.00 ? 3 FUC A H1  3  
HETATM 225  H H2  . FUC A 1 . ? 1.646  -1.659 -5.071 1.00 0.00 ? 3 FUC A H2  3  
HETATM 226  H H3  . FUC A 1 . ? 1.284  1.318  -4.454 1.00 0.00 ? 3 FUC A H3  3  
HETATM 227  H H4  . FUC A 1 . ? 3.606  1.293  -3.651 1.00 0.00 ? 3 FUC A H4  3  
HETATM 228  H H5  . FUC A 1 . ? 1.769  0.866  -2.050 1.00 0.00 ? 3 FUC A H5  3  
HETATM 229  H H61 . FUC A 1 . ? 4.076  0.844  -1.084 1.00 0.00 ? 3 FUC A H61 3  
HETATM 230  H H62 . FUC A 1 . ? 4.141  -0.905 -1.299 1.00 0.00 ? 3 FUC A H62 3  
HETATM 231  H H63 . FUC A 1 . ? 2.966  -0.193 -0.201 1.00 0.00 ? 3 FUC A H63 3  
HETATM 232  H HO2 . FUC A 1 . ? 0.309  -0.297 -6.479 1.00 0.00 ? 3 FUC A HO2 3  
HETATM 233  H HO3 . FUC A 1 . ? 3.244  0.099  -6.148 1.00 0.00 ? 3 FUC A HO3 3  
HETATM 234  H HO4 . FUC A 1 . ? 4.733  -0.720 -3.509 1.00 0.00 ? 3 FUC A HO4 3  
HETATM 235  C C1  . FUC A 1 . ? 0.506  -0.475 3.543  1.00 0.00 ? 4 FUC A C1  3  
HETATM 236  C C2  . FUC A 1 . ? -0.508 -1.187 4.481  1.00 0.00 ? 4 FUC A C2  3  
HETATM 237  C C3  . FUC A 1 . ? -1.549 -1.954 3.647  1.00 0.00 ? 4 FUC A C3  3  
HETATM 238  C C4  . FUC A 1 . ? -0.856 -2.965 2.712  1.00 0.00 ? 4 FUC A C4  3  
HETATM 239  C C5  . FUC A 1 . ? 0.115  -2.208 1.784  1.00 0.00 ? 4 FUC A C5  3  
HETATM 240  C C6  . FUC A 1 . ? 0.884  -3.085 0.801  1.00 0.00 ? 4 FUC A C6  3  
HETATM 241  O O2  . FUC A 1 . ? -1.193 -0.223 5.343  1.00 0.00 ? 4 FUC A O2  3  
HETATM 242  O O3  . FUC A 1 . ? -2.512 -2.636 4.513  1.00 0.00 ? 4 FUC A O3  3  
HETATM 243  O O4  . FUC A 1 . ? -0.128 -3.947 3.503  1.00 0.00 ? 4 FUC A O4  3  
HETATM 244  O O5  . FUC A 1 . ? 1.096  -1.440 2.588  1.00 0.00 ? 4 FUC A O5  3  
HETATM 245  H H1  . FUC A 1 . ? 1.297  -0.075 4.168  1.00 0.00 ? 4 FUC A H1  3  
HETATM 246  H H2  . FUC A 1 . ? 0.037  -1.886 5.120  1.00 0.00 ? 4 FUC A H2  3  
HETATM 247  H H3  . FUC A 1 . ? -2.086 -1.229 3.035  1.00 0.00 ? 4 FUC A H3  3  
HETATM 248  H H4  . FUC A 1 . ? -1.606 -3.481 2.110  1.00 0.00 ? 4 FUC A H4  3  
HETATM 249  H H5  . FUC A 1 . ? -0.471 -1.504 1.198  1.00 0.00 ? 4 FUC A H5  3  
HETATM 250  H H61 . FUC A 1 . ? 1.548  -3.786 1.309  1.00 0.00 ? 4 FUC A H61 3  
HETATM 251  H H62 . FUC A 1 . ? 1.501  -2.478 0.137  1.00 0.00 ? 4 FUC A H62 3  
HETATM 252  H H63 . FUC A 1 . ? 0.205  -3.664 0.173  1.00 0.00 ? 4 FUC A H63 3  
HETATM 253  H HO2 . FUC A 1 . ? -1.932 -0.713 5.758  1.00 0.00 ? 4 FUC A HO2 3  
HETATM 254  H HO3 . FUC A 1 . ? -3.127 -3.159 3.963  1.00 0.00 ? 4 FUC A HO3 3  
HETATM 255  H HO4 . FUC A 1 . ? 0.180  -4.670 2.921  1.00 0.00 ? 4 FUC A HO4 3  
HETATM 256  C C2  . BGC A 1 . ? 1.089  2.738  2.941  1.00 0.00 ? 1 BGC A C2  4  
HETATM 257  C C3  . BGC A 1 . ? 0.802  1.497  2.077  1.00 0.00 ? 1 BGC A C3  4  
HETATM 258  C C4  . BGC A 1 . ? 0.152  1.893  0.746  1.00 0.00 ? 1 BGC A C4  4  
HETATM 259  C C5  . BGC A 1 . ? 1.018  2.920  0.007  1.00 0.00 ? 1 BGC A C5  4  
HETATM 260  C C6  . BGC A 1 . ? 0.398  3.390  -1.317 1.00 0.00 ? 1 BGC A C6  4  
HETATM 261  C C1  . BGC A 1 . ? 1.896  3.795  2.146  1.00 0.00 ? 1 BGC A C1  4  
HETATM 262  O O1  . BGC A 1 . ? 1.988  4.996  2.919  1.00 0.00 ? 1 BGC A O1  4  
HETATM 263  O O2  . BGC A 1 . ? 1.846  2.348  4.122  1.00 0.00 ? 1 BGC A O2  4  
HETATM 264  O O3  . BGC A 1 . ? -0.127 0.590  2.794  1.00 0.00 ? 1 BGC A O3  4  
HETATM 265  O O4  . BGC A 1 . ? 0.046  0.687  -0.099 1.00 0.00 ? 1 BGC A O4  4  
HETATM 266  O O5  . BGC A 1 . ? 1.215  4.096  0.885  1.00 0.00 ? 1 BGC A O5  4  
HETATM 267  O O6  . BGC A 1 . ? 1.269  4.360  -1.937 1.00 0.00 ? 1 BGC A O6  4  
HETATM 268  H H2  . BGC A 1 . ? 0.138  3.174  3.254  1.00 0.00 ? 1 BGC A H2  4  
HETATM 269  H H3  . BGC A 1 . ? 1.739  0.978  1.863  1.00 0.00 ? 1 BGC A H3  4  
HETATM 270  H H4  . BGC A 1 . ? -0.838 2.313  0.938  1.00 0.00 ? 1 BGC A H4  4  
HETATM 271  H H5  . BGC A 1 . ? 1.993  2.476  -0.202 1.00 0.00 ? 1 BGC A H5  4  
HETATM 272  H H61 . BGC A 1 . ? 0.265  2.550  -1.999 1.00 0.00 ? 1 BGC A H61 4  
HETATM 273  H H62 . BGC A 1 . ? -0.579 3.842  -1.137 1.00 0.00 ? 1 BGC A H62 4  
HETATM 274  H H1  . BGC A 1 . ? 2.900  3.426  1.931  1.00 0.00 ? 1 BGC A H1  4  
HETATM 275  H HO1 . BGC A 1 . ? 2.419  5.674  2.362  1.00 0.00 ? 1 BGC A HO1 4  
HETATM 276  H HO2 . BGC A 1 . ? 2.060  3.162  4.621  1.00 0.00 ? 1 BGC A HO2 4  
HETATM 277  H HO6 . BGC A 1 . ? 1.436  5.070  -1.287 1.00 0.00 ? 1 BGC A HO6 4  
HETATM 278  C C1  . GAL A 1 . ? -1.285 0.443  -0.674 1.00 0.00 ? 2 GAL A C1  4  
HETATM 279  C C2  . GAL A 1 . ? -1.152 -0.682 -1.721 1.00 0.00 ? 2 GAL A C2  4  
HETATM 280  C C3  . GAL A 1 . ? -2.530 -1.190 -2.186 1.00 0.00 ? 2 GAL A C3  4  
HETATM 281  C C4  . GAL A 1 . ? -3.436 -1.555 -0.999 1.00 0.00 ? 2 GAL A C4  4  
HETATM 282  C C5  . GAL A 1 . ? -3.579 -0.342 -0.071 1.00 0.00 ? 2 GAL A C5  4  
HETATM 283  C C6  . GAL A 1 . ? -4.483 -0.622 1.138  1.00 0.00 ? 2 GAL A C6  4  
HETATM 284  O O2  . GAL A 1 . ? -0.420 -0.131 -2.890 1.00 0.00 ? 2 GAL A O2  4  
HETATM 285  O O3  . GAL A 1 . ? -2.383 -2.355 -3.047 1.00 0.00 ? 2 GAL A O3  4  
HETATM 286  O O4  . GAL A 1 . ? -2.847 -2.658 -0.263 1.00 0.00 ? 2 GAL A O4  4  
HETATM 287  O O5  . GAL A 1 . ? -2.231 0.068  0.390  1.00 0.00 ? 2 GAL A O5  4  
HETATM 288  O O6  . GAL A 1 . ? -4.718 0.610  1.853  1.00 0.00 ? 2 GAL A O6  4  
HETATM 289  H H1  . GAL A 1 . ? -1.637 1.353  -1.162 1.00 0.00 ? 2 GAL A H1  4  
HETATM 290  H H2  . GAL A 1 . ? -0.589 -1.505 -1.279 1.00 0.00 ? 2 GAL A H2  4  
HETATM 291  H H3  . GAL A 1 . ? -3.014 -0.399 -2.760 1.00 0.00 ? 2 GAL A H3  4  
HETATM 292  H H4  . GAL A 1 . ? -4.420 -1.853 -1.364 1.00 0.00 ? 2 GAL A H4  4  
HETATM 293  H H5  . GAL A 1 . ? -4.014 0.480  -0.642 1.00 0.00 ? 2 GAL A H5  4  
HETATM 294  H H61 . GAL A 1 . ? -5.437 -1.026 0.803  1.00 0.00 ? 2 GAL A H61 4  
HETATM 295  H H62 . GAL A 1 . ? -4.019 -1.349 1.807  1.00 0.00 ? 2 GAL A H62 4  
HETATM 296  H HO3 . GAL A 1 . ? -3.257 -2.603 -3.407 1.00 0.00 ? 2 GAL A HO3 4  
HETATM 297  H HO4 . GAL A 1 . ? -2.737 -3.412 -0.875 1.00 0.00 ? 2 GAL A HO4 4  
HETATM 298  H HO6 . GAL A 1 . ? -5.292 0.415  2.619  1.00 0.00 ? 2 GAL A HO6 4  
HETATM 299  C C1  . FUC A 1 . ? 0.590  -1.058 -3.429 1.00 0.00 ? 3 FUC A C1  4  
HETATM 300  C C2  . FUC A 1 . ? 1.103  -0.563 -4.809 1.00 0.00 ? 3 FUC A C2  4  
HETATM 301  C C3  . FUC A 1 . ? 2.025  0.673  -4.661 1.00 0.00 ? 3 FUC A C3  4  
HETATM 302  C C4  . FUC A 1 . ? 3.142  0.410  -3.634 1.00 0.00 ? 3 FUC A C4  4  
HETATM 303  C C5  . FUC A 1 . ? 2.511  0.004  -2.290 1.00 0.00 ? 3 FUC A C5  4  
HETATM 304  C C6  . FUC A 1 . ? 3.499  -0.236 -1.151 1.00 0.00 ? 3 FUC A C6  4  
HETATM 305  O O2  . FUC A 1 . ? -0.035 -0.227 -5.666 1.00 0.00 ? 3 FUC A O2  4  
HETATM 306  O O3  . FUC A 1 . ? 2.644  1.041  -5.932 1.00 0.00 ? 3 FUC A O3  4  
HETATM 307  O O4  . FUC A 1 . ? 3.998  -0.657 -4.134 1.00 0.00 ? 3 FUC A O4  4  
HETATM 308  O O5  . FUC A 1 . ? 1.697  -1.213 -2.468 1.00 0.00 ? 3 FUC A O5  4  
HETATM 309  H H1  . FUC A 1 . ? 0.134  -2.029 -3.581 1.00 0.00 ? 3 FUC A H1  4  
HETATM 310  H H2  . FUC A 1 . ? 1.654  -1.381 -5.272 1.00 0.00 ? 3 FUC A H2  4  
HETATM 311  H H3  . FUC A 1 . ? 1.429  1.519  -4.313 1.00 0.00 ? 3 FUC A H3  4  
HETATM 312  H H4  . FUC A 1 . ? 3.738  1.314  -3.500 1.00 0.00 ? 3 FUC A H4  4  
HETATM 313  H H5  . FUC A 1 . ? 1.840  0.805  -1.985 1.00 0.00 ? 3 FUC A H5  4  
HETATM 314  H H61 . FUC A 1 . ? 4.150  -1.088 -1.350 1.00 0.00 ? 3 FUC A H61 4  
HETATM 315  H H62 . FUC A 1 . ? 2.976  -0.436 -0.216 1.00 0.00 ? 3 FUC A H62 4  
HETATM 316  H H63 . FUC A 1 . ? 4.132  0.636  -0.989 1.00 0.00 ? 3 FUC A H63 4  
HETATM 317  H HO2 . FUC A 1 . ? -0.623 0.353  -5.141 1.00 0.00 ? 3 FUC A HO2 4  
HETATM 318  H HO3 . FUC A 1 . ? 3.348  0.389  -6.117 1.00 0.00 ? 3 FUC A HO3 4  
HETATM 319  H HO4 . FUC A 1 . ? 4.769  -0.760 -3.541 1.00 0.00 ? 3 FUC A HO4 4  
HETATM 320  C C1  . FUC A 1 . ? 0.529  -0.523 3.505  1.00 0.00 ? 4 FUC A C1  4  
HETATM 321  C C2  . FUC A 1 . ? -0.485 -1.228 4.441  1.00 0.00 ? 4 FUC A C2  4  
HETATM 322  C C3  . FUC A 1 . ? -1.524 -2.001 3.607  1.00 0.00 ? 4 FUC A C3  4  
HETATM 323  C C4  . FUC A 1 . ? -0.841 -3.003 2.660  1.00 0.00 ? 4 FUC A C4  4  
HETATM 324  C C5  . FUC A 1 . ? 0.141  -2.257 1.739  1.00 0.00 ? 4 FUC A C5  4  
HETATM 325  C C6  . FUC A 1 . ? 0.914  -3.154 0.776  1.00 0.00 ? 4 FUC A C6  4  
HETATM 326  O O2  . FUC A 1 . ? -1.180 -0.242 5.270  1.00 0.00 ? 4 FUC A O2  4  
HETATM 327  O O3  . FUC A 1 . ? -2.467 -2.711 4.465  1.00 0.00 ? 4 FUC A O3  4  
HETATM 328  O O4  . FUC A 1 . ? -0.132 -4.004 3.442  1.00 0.00 ? 4 FUC A O4  4  
HETATM 329  O O5  . FUC A 1 . ? 1.116  -1.479 2.542  1.00 0.00 ? 4 FUC A O5  4  
HETATM 330  H H1  . FUC A 1 . ? 1.323  -0.124 4.129  1.00 0.00 ? 4 FUC A H1  4  
HETATM 331  H H2  . FUC A 1 . ? 0.052  -1.916 5.098  1.00 0.00 ? 4 FUC A H2  4  
HETATM 332  H H3  . FUC A 1 . ? -2.073 -1.277 3.006  1.00 0.00 ? 4 FUC A H3  4  
HETATM 333  H H4  . FUC A 1 . ? -1.597 -3.504 2.053  1.00 0.00 ? 4 FUC A H4  4  
HETATM 334  H H5  . FUC A 1 . ? -0.436 -1.559 1.138  1.00 0.00 ? 4 FUC A H5  4  
HETATM 335  H H61 . FUC A 1 . ? 1.534  -2.560 0.103  1.00 0.00 ? 4 FUC A H61 4  
HETATM 336  H H62 . FUC A 1 . ? 0.237  -3.744 0.158  1.00 0.00 ? 4 FUC A H62 4  
HETATM 337  H H63 . FUC A 1 . ? 1.573  -3.845 1.300  1.00 0.00 ? 4 FUC A H63 4  
HETATM 338  H HO2 . FUC A 1 . ? -1.475 0.473  4.670  1.00 0.00 ? 4 FUC A HO2 4  
HETATM 339  H HO3 . FUC A 1 . ? -2.797 -2.081 5.137  1.00 0.00 ? 4 FUC A HO3 4  
HETATM 340  H HO4 . FUC A 1 . ? -0.778 -4.422 4.047  1.00 0.00 ? 4 FUC A HO4 4  
HETATM 341  C C2  . BGC A 1 . ? 1.075  2.753  2.927  1.00 0.00 ? 1 BGC A C2  5  
HETATM 342  C C3  . BGC A 1 . ? 0.784  1.504  2.076  1.00 0.00 ? 1 BGC A C3  5  
HETATM 343  C C4  . BGC A 1 . ? 0.157  1.890  0.731  1.00 0.00 ? 1 BGC A C4  5  
HETATM 344  C C5  . BGC A 1 . ? 1.049  2.896  -0.010 1.00 0.00 ? 1 BGC A C5  5  
HETATM 345  C C6  . BGC A 1 . ? 0.453  3.355  -1.350 1.00 0.00 ? 1 BGC A C6  5  
HETATM 346  C C1  . BGC A 1 . ? 1.906  3.787  2.130  1.00 0.00 ? 1 BGC A C1  5  
HETATM 347  O O1  . BGC A 1 . ? 2.005  4.999  2.887  1.00 0.00 ? 1 BGC A O1  5  
HETATM 348  O O2  . BGC A 1 . ? 1.810  2.369  4.123  1.00 0.00 ? 1 BGC A O2  5  
HETATM 349  O O3  . BGC A 1 . ? -0.169 0.621  2.791  1.00 0.00 ? 1 BGC A O3  5  
HETATM 350  O O4  . BGC A 1 . ? 0.047  0.675  -0.100 1.00 0.00 ? 1 BGC A O4  5  
HETATM 351  O O5  . BGC A 1 . ? 1.249  4.081  0.854  1.00 0.00 ? 1 BGC A O5  5  
HETATM 352  O O6  . BGC A 1 . ? 1.350  4.299  -1.973 1.00 0.00 ? 1 BGC A O6  5  
HETATM 353  H H2  . BGC A 1 . ? 0.127  3.206  3.222  1.00 0.00 ? 1 BGC A H2  5  
HETATM 354  H H3  . BGC A 1 . ? 1.715  0.969  1.883  1.00 0.00 ? 1 BGC A H3  5  
HETATM 355  H H4  . BGC A 1 . ? -0.828 2.327  0.903  1.00 0.00 ? 1 BGC A H4  5  
HETATM 356  H H5  . BGC A 1 . ? 2.019  2.436  -0.198 1.00 0.00 ? 1 BGC A H5  5  
HETATM 357  H H61 . BGC A 1 . ? 0.314  2.507  -2.018 1.00 0.00 ? 1 BGC A H61 5  
HETATM 358  H H62 . BGC A 1 . ? -0.517 3.828  -1.189 1.00 0.00 ? 1 BGC A H62 5  
HETATM 359  H H1  . BGC A 1 . ? 2.909  3.403  1.933  1.00 0.00 ? 1 BGC A H1  5  
HETATM 360  H HO1 . BGC A 1 . ? 2.454  5.662  2.328  1.00 0.00 ? 1 BGC A HO1 5  
HETATM 361  H HO2 . BGC A 1 . ? 2.029  3.187  4.614  1.00 0.00 ? 1 BGC A HO2 5  
HETATM 362  H HO6 . BGC A 1 . ? 1.518  5.019  -1.334 1.00 0.00 ? 1 BGC A HO6 5  
HETATM 363  C C1  . GAL A 1 . ? -1.278 0.444  -0.692 1.00 0.00 ? 2 GAL A C1  5  
HETATM 364  C C2  . GAL A 1 . ? -1.145 -0.696 -1.725 1.00 0.00 ? 2 GAL A C2  5  
HETATM 365  C C3  . GAL A 1 . ? -2.524 -1.200 -2.193 1.00 0.00 ? 2 GAL A C3  5  
HETATM 366  C C4  . GAL A 1 . ? -3.447 -1.540 -1.012 1.00 0.00 ? 2 GAL A C4  5  
HETATM 367  C C5  . GAL A 1 . ? -3.589 -0.306 -0.111 1.00 0.00 ? 2 GAL A C5  5  
HETATM 368  C C6  . GAL A 1 . ? -4.515 -0.551 1.090  1.00 0.00 ? 2 GAL A C6  5  
HETATM 369  O O2  . GAL A 1 . ? -0.402 -0.163 -2.892 1.00 0.00 ? 2 GAL A O2  5  
HETATM 370  O O3  . GAL A 1 . ? -2.394 -2.371 -3.048 1.00 0.00 ? 2 GAL A O3  5  
HETATM 371  O O4  . GAL A 1 . ? -2.875 -2.630 -0.242 1.00 0.00 ? 2 GAL A O4  5  
HETATM 372  O O5  . GAL A 1 . ? -2.244 0.095  0.363  1.00 0.00 ? 2 GAL A O5  5  
HETATM 373  O O6  . GAL A 1 . ? -4.749 0.700  1.774  1.00 0.00 ? 2 GAL A O6  5  
HETATM 374  H H1  . GAL A 1 . ? -1.610 1.352  -1.195 1.00 0.00 ? 2 GAL A H1  5  
HETATM 375  H H2  . GAL A 1 . ? -0.591 -1.517 -1.267 1.00 0.00 ? 2 GAL A H2  5  
HETATM 376  H H3  . GAL A 1 . ? -2.996 -0.409 -2.778 1.00 0.00 ? 2 GAL A H3  5  
HETATM 377  H H4  . GAL A 1 . ? -4.431 -1.837 -1.380 1.00 0.00 ? 2 GAL A H4  5  
HETATM 378  H H5  . GAL A 1 . ? -4.005 0.509  -0.707 1.00 0.00 ? 2 GAL A H5  5  
HETATM 379  H H61 . GAL A 1 . ? -5.470 -0.950 0.746  1.00 0.00 ? 2 GAL A H61 5  
HETATM 380  H H62 . GAL A 1 . ? -4.072 -1.268 1.779  1.00 0.00 ? 2 GAL A H62 5  
HETATM 381  H HO3 . GAL A 1 . ? -2.073 -3.122 -2.512 1.00 0.00 ? 2 GAL A HO3 5  
HETATM 382  H HO4 . GAL A 1 . ? -3.095 -3.480 -0.671 1.00 0.00 ? 2 GAL A HO4 5  
HETATM 383  H HO6 . GAL A 1 . ? -5.334 0.528  2.536  1.00 0.00 ? 2 GAL A HO6 5  
HETATM 384  C C1  . FUC A 1 . ? 0.609  -1.094 -3.422 1.00 0.00 ? 3 FUC A C1  5  
HETATM 385  C C2  . FUC A 1 . ? 1.139  -0.602 -4.796 1.00 0.00 ? 3 FUC A C2  5  
HETATM 386  C C3  . FUC A 1 . ? 2.066  0.628  -4.641 1.00 0.00 ? 3 FUC A C3  5  
HETATM 387  C C4  . FUC A 1 . ? 3.167  0.373  -3.592 1.00 0.00 ? 3 FUC A C4  5  
HETATM 388  C C5  . FUC A 1 . ? 2.523  -0.046 -2.258 1.00 0.00 ? 3 FUC A C5  5  
HETATM 389  C C6  . FUC A 1 . ? 3.508  -0.301 -1.120 1.00 0.00 ? 3 FUC A C6  5  
HETATM 390  O O2  . FUC A 1 . ? 0.010  -0.261 -5.664 1.00 0.00 ? 3 FUC A O2  5  
HETATM 391  O O3  . FUC A 1 . ? 2.695  0.986  -5.912 1.00 0.00 ? 3 FUC A O3  5  
HETATM 392  O O4  . FUC A 1 . ? 4.056  -0.677 -4.065 1.00 0.00 ? 3 FUC A O4  5  
HETATM 393  O O5  . FUC A 1 . ? 1.705  -1.260 -2.450 1.00 0.00 ? 3 FUC A O5  5  
HETATM 394  H H1  . FUC A 1 . ? 0.147  -2.063 -3.580 1.00 0.00 ? 3 FUC A H1  5  
HETATM 395  H H2  . FUC A 1 . ? 1.691  -1.423 -5.254 1.00 0.00 ? 3 FUC A H2  5  
HETATM 396  H H3  . FUC A 1 . ? 1.467  1.477  -4.305 1.00 0.00 ? 3 FUC A H3  5  
HETATM 397  H H4  . FUC A 1 . ? 3.746  1.284  -3.442 1.00 0.00 ? 3 FUC A H4  5  
HETATM 398  H H5  . FUC A 1 . ? 1.854  0.753  -1.950 1.00 0.00 ? 3 FUC A H5  5  
HETATM 399  H H61 . FUC A 1 . ? 4.139  0.571  -0.945 1.00 0.00 ? 3 FUC A H61 5  
HETATM 400  H H62 . FUC A 1 . ? 4.162  -1.148 -1.328 1.00 0.00 ? 3 FUC A H62 5  
HETATM 401  H H63 . FUC A 1 . ? 2.982  -0.512 -0.189 1.00 0.00 ? 3 FUC A H63 5  
HETATM 402  H HO2 . FUC A 1 . ? -0.583 0.317  -5.142 1.00 0.00 ? 3 FUC A HO2 5  
HETATM 403  H HO3 . FUC A 1 . ? 3.179  1.829  -5.809 1.00 0.00 ? 3 FUC A HO3 5  
HETATM 404  H HO4 . FUC A 1 . ? 4.385  -0.417 -4.949 1.00 0.00 ? 3 FUC A HO4 5  
HETATM 405  C C1  . FUC A 1 . ? 0.460  -0.490 3.530  1.00 0.00 ? 4 FUC A C1  5  
HETATM 406  C C2  . FUC A 1 . ? -0.578 -1.169 4.464  1.00 0.00 ? 4 FUC A C2  5  
HETATM 407  C C3  . FUC A 1 . ? -1.614 -1.945 3.623  1.00 0.00 ? 4 FUC A C3  5  
HETATM 408  C C4  . FUC A 1 . ? -0.922 -2.966 2.700  1.00 0.00 ? 4 FUC A C4  5  
HETATM 409  C C5  . FUC A 1 . ? 0.077  -2.238 1.783  1.00 0.00 ? 4 FUC A C5  5  
HETATM 410  C C6  . FUC A 1 . ? 0.854  -3.155 0.838  1.00 0.00 ? 4 FUC A C6  5  
HETATM 411  O O2  . FUC A 1 . ? -1.252 -0.153 5.273  1.00 0.00 ? 4 FUC A O2  5  
HETATM 412  O O3  . FUC A 1 . ? -2.592 -2.641 4.460  1.00 0.00 ? 4 FUC A O3  5  
HETATM 413  O O4  . FUC A 1 . ? -0.226 -3.960 3.504  1.00 0.00 ? 4 FUC A O4  5  
HETATM 414  O O5  . FUC A 1 . ? 1.053  -1.467 2.590  1.00 0.00 ? 4 FUC A O5  5  
HETATM 415  H H1  . FUC A 1 . ? 1.249  -0.091 4.160  1.00 0.00 ? 4 FUC A H1  5  
HETATM 416  H H2  . FUC A 1 . ? -0.057 -1.855 5.134  1.00 0.00 ? 4 FUC A H2  5  
HETATM 417  H H3  . FUC A 1 . ? -2.142 -1.225 2.999  1.00 0.00 ? 4 FUC A H3  5  
HETATM 418  H H4  . FUC A 1 . ? -1.669 -3.470 2.084  1.00 0.00 ? 4 FUC A H4  5  
HETATM 419  H H5  . FUC A 1 . ? -0.484 -1.541 1.169  1.00 0.00 ? 4 FUC A H5  5  
HETATM 420  H H61 . FUC A 1 . ? 1.486  -2.575 0.166  1.00 0.00 ? 4 FUC A H61 5  
HETATM 421  H H62 . FUC A 1 . ? 0.178  -3.745 0.220  1.00 0.00 ? 4 FUC A H62 5  
HETATM 422  H H63 . FUC A 1 . ? 1.499  -3.847 1.379  1.00 0.00 ? 4 FUC A H63 5  
HETATM 423  H HO2 . FUC A 1 . ? -1.576 0.531  4.655  1.00 0.00 ? 4 FUC A HO2 5  
HETATM 424  H HO3 . FUC A 1 . ? -2.122 -3.213 5.096  1.00 0.00 ? 4 FUC A HO3 5  
HETATM 425  H HO4 . FUC A 1 . ? -0.887 -4.565 3.899  1.00 0.00 ? 4 FUC A HO4 5  
HETATM 426  C C2  . BGC A 1 . ? 1.053  2.725  2.988  1.00 0.00 ? 1 BGC A C2  6  
HETATM 427  C C3  . BGC A 1 . ? 0.781  1.493  2.107  1.00 0.00 ? 1 BGC A C3  6  
HETATM 428  C C4  . BGC A 1 . ? 0.142  1.903  0.773  1.00 0.00 ? 1 BGC A C4  6  
HETATM 429  C C5  . BGC A 1 . ? 1.012  2.939  0.050  1.00 0.00 ? 1 BGC A C5  6  
HETATM 430  C C6  . BGC A 1 . ? 0.399  3.405  -1.280 1.00 0.00 ? 1 BGC A C6  6  
HETATM 431  C C1  . BGC A 1 . ? 1.866  3.789  2.211  1.00 0.00 ? 1 BGC A C1  6  
HETATM 432  O O1  . BGC A 1 . ? 1.970  4.986  2.992  1.00 0.00 ? 1 BGC A O1  6  
HETATM 433  O O2  . BGC A 1 . ? 1.798  2.324  4.173  1.00 0.00 ? 1 BGC A O2  6  
HETATM 434  O O3  . BGC A 1 . ? -0.151 0.575  2.804  1.00 0.00 ? 1 BGC A O3  6  
HETATM 435  O O4  . BGC A 1 . ? 0.037  0.705  -0.083 1.00 0.00 ? 1 BGC A O4  6  
HETATM 436  O O5  . BGC A 1 . ? 1.190  4.105  0.950  1.00 0.00 ? 1 BGC A O5  6  
HETATM 437  O O6  . BGC A 1 . ? 1.297  4.328  -1.937 1.00 0.00 ? 1 BGC A O6  6  
HETATM 438  H H2  . BGC A 1 . ? 0.098  3.154  3.297  1.00 0.00 ? 1 BGC A H2  6  
HETATM 439  H H3  . BGC A 1 . ? 1.721  0.979  1.896  1.00 0.00 ? 1 BGC A H3  6  
HETATM 440  H H4  . BGC A 1 . ? -0.848 2.323  0.963  1.00 0.00 ? 1 BGC A H4  6  
HETATM 441  H H5  . BGC A 1 . ? 1.991  2.500  -0.151 1.00 0.00 ? 1 BGC A H5  6  
HETATM 442  H H61 . BGC A 1 . ? 0.234  2.554  -1.940 1.00 0.00 ? 1 BGC A H61 6  
HETATM 443  H H62 . BGC A 1 . ? -0.563 3.890  -1.103 1.00 0.00 ? 1 BGC A H62 6  
HETATM 444  H H1  . BGC A 1 . ? 2.870  3.418  1.995  1.00 0.00 ? 1 BGC A H1  6  
HETATM 445  H HO1 . BGC A 1 . ? 1.103  5.434  2.978  1.00 0.00 ? 1 BGC A HO1 6  
HETATM 446  H HO2 . BGC A 1 . ? 2.017  3.132  4.678  1.00 0.00 ? 1 BGC A HO2 6  
HETATM 447  H HO6 . BGC A 1 . ? 0.865  4.664  -2.746 1.00 0.00 ? 1 BGC A HO6 6  
HETATM 448  C C1  . GAL A 1 . ? -1.294 0.474  -0.659 1.00 0.00 ? 2 GAL A C1  6  
HETATM 449  C C2  . GAL A 1 . ? -1.173 -0.651 -1.707 1.00 0.00 ? 2 GAL A C2  6  
HETATM 450  C C3  . GAL A 1 . ? -2.554 -1.154 -2.168 1.00 0.00 ? 2 GAL A C3  6  
HETATM 451  C C4  . GAL A 1 . ? -3.457 -1.517 -0.976 1.00 0.00 ? 2 GAL A C4  6  
HETATM 452  C C5  . GAL A 1 . ? -3.590 -0.305 -0.045 1.00 0.00 ? 2 GAL A C5  6  
HETATM 453  C C6  . GAL A 1 . ? -4.472 -0.579 1.180  1.00 0.00 ? 2 GAL A C6  6  
HETATM 454  O O2  . GAL A 1 . ? -0.439 -0.103 -2.876 1.00 0.00 ? 2 GAL A O2  6  
HETATM 455  O O3  . GAL A 1 . ? -2.417 -2.320 -3.029 1.00 0.00 ? 2 GAL A O3  6  
HETATM 456  O O4  . GAL A 1 . ? -2.866 -2.622 -0.245 1.00 0.00 ? 2 GAL A O4  6  
HETATM 457  O O5  . GAL A 1 . ? -2.242 0.107  0.406  1.00 0.00 ? 2 GAL A O5  6  
HETATM 458  O O6  . GAL A 1 . ? -4.577 0.630  1.958  1.00 0.00 ? 2 GAL A O6  6  
HETATM 459  H H1  . GAL A 1 . ? -1.638 1.390  -1.143 1.00 0.00 ? 2 GAL A H1  6  
HETATM 460  H H2  . GAL A 1 . ? -0.613 -1.477 -1.267 1.00 0.00 ? 2 GAL A H2  6  
HETATM 461  H H3  . GAL A 1 . ? -3.038 -0.361 -2.739 1.00 0.00 ? 2 GAL A H3  6  
HETATM 462  H H4  . GAL A 1 . ? -4.443 -1.812 -1.336 1.00 0.00 ? 2 GAL A H4  6  
HETATM 463  H H5  . GAL A 1 . ? -4.031 0.518  -0.610 1.00 0.00 ? 2 GAL A H5  6  
HETATM 464  H H61 . GAL A 1 . ? -5.468 -0.892 0.865  1.00 0.00 ? 2 GAL A H61 6  
HETATM 465  H H62 . GAL A 1 . ? -4.041 -1.368 1.796  1.00 0.00 ? 2 GAL A H62 6  
HETATM 466  H HO3 . GAL A 1 . ? -3.295 -2.563 -3.385 1.00 0.00 ? 2 GAL A HO3 6  
HETATM 467  H HO4 . GAL A 1 . ? -2.762 -3.376 -0.858 1.00 0.00 ? 2 GAL A HO4 6  
HETATM 468  H HO6 . GAL A 1 . ? -3.670 0.933  2.150  1.00 0.00 ? 2 GAL A HO6 6  
HETATM 469  C C1  . FUC A 1 . ? 0.556  -1.040 -3.429 1.00 0.00 ? 3 FUC A C1  6  
HETATM 470  C C2  . FUC A 1 . ? 1.088  -0.564 -4.808 1.00 0.00 ? 3 FUC A C2  6  
HETATM 471  C C3  . FUC A 1 . ? 1.992  0.680  -4.661 1.00 0.00 ? 3 FUC A C3  6  
HETATM 472  C C4  . FUC A 1 . ? 3.112  0.426  -3.637 1.00 0.00 ? 3 FUC A C4  6  
HETATM 473  C C5  . FUC A 1 . ? 2.488  0.008  -2.291 1.00 0.00 ? 3 FUC A C5  6  
HETATM 474  C C6  . FUC A 1 . ? 3.482  -0.244 -1.160 1.00 0.00 ? 3 FUC A C6  6  
HETATM 475  O O2  . FUC A 1 . ? -0.014 -0.250 -5.718 1.00 0.00 ? 3 FUC A O2  6  
HETATM 476  O O3  . FUC A 1 . ? 2.592  1.041  -5.942 1.00 0.00 ? 3 FUC A O3  6  
HETATM 477  O O4  . FUC A 1 . ? 3.981  -0.628 -4.142 1.00 0.00 ? 3 FUC A O4  6  
HETATM 478  O O5  . FUC A 1 . ? 1.668  -1.208 -2.473 1.00 0.00 ? 3 FUC A O5  6  
HETATM 479  H H1  . FUC A 1 . ? 0.089  -2.007 -3.578 1.00 0.00 ? 3 FUC A H1  6  
HETATM 480  H H2  . FUC A 1 . ? 1.659  -1.387 -5.237 1.00 0.00 ? 3 FUC A H2  6  
HETATM 481  H H3  . FUC A 1 . ? 1.386  1.520  -4.316 1.00 0.00 ? 3 FUC A H3  6  
HETATM 482  H H4  . FUC A 1 . ? 3.697  1.338  -3.501 1.00 0.00 ? 3 FUC A H4  6  
HETATM 483  H H5  . FUC A 1 . ? 1.823  0.806  -1.975 1.00 0.00 ? 3 FUC A H5  6  
HETATM 484  H H61 . FUC A 1 . ? 2.963  -0.450 -0.223 1.00 0.00 ? 3 FUC A H61 6  
HETATM 485  H H62 . FUC A 1 . ? 4.117  0.627  -0.994 1.00 0.00 ? 3 FUC A H62 6  
HETATM 486  H H63 . FUC A 1 . ? 4.130  -1.096 -1.370 1.00 0.00 ? 3 FUC A H63 6  
HETATM 487  H HO2 . FUC A 1 . ? 0.393  0.163  -6.507 1.00 0.00 ? 3 FUC A HO2 6  
HETATM 488  H HO3 . FUC A 1 . ? 3.327  0.416  -6.111 1.00 0.00 ? 3 FUC A HO3 6  
HETATM 489  H HO4 . FUC A 1 . ? 4.756  -0.720 -3.553 1.00 0.00 ? 3 FUC A HO4 6  
HETATM 490  C C1  . FUC A 1 . ? 0.504  -0.540 3.511  1.00 0.00 ? 4 FUC A C1  6  
HETATM 491  C C2  . FUC A 1 . ? -0.490 -1.256 4.466  1.00 0.00 ? 4 FUC A C2  6  
HETATM 492  C C3  . FUC A 1 . ? -1.548 -2.016 3.647  1.00 0.00 ? 4 FUC A C3  6  
HETATM 493  C C4  . FUC A 1 . ? -0.889 -3.010 2.674  1.00 0.00 ? 4 FUC A C4  6  
HETATM 494  C C5  . FUC A 1 . ? 0.086  -2.260 1.745  1.00 0.00 ? 4 FUC A C5  6  
HETATM 495  C C6  . FUC A 1 . ? 0.840  -3.153 0.762  1.00 0.00 ? 4 FUC A C6  6  
HETATM 496  O O2  . FUC A 1 . ? -1.168 -0.296 5.341  1.00 0.00 ? 4 FUC A O2  6  
HETATM 497  O O3  . FUC A 1 . ? -2.474 -2.736 4.518  1.00 0.00 ? 4 FUC A O3  6  
HETATM 498  O O4  . FUC A 1 . ? -0.173 -4.026 3.430  1.00 0.00 ? 4 FUC A O4  6  
HETATM 499  O O5  . FUC A 1 . ? 1.079  -1.496 2.539  1.00 0.00 ? 4 FUC A O5  6  
HETATM 500  H H1  . FUC A 1 . ? 1.309  -0.144 4.121  1.00 0.00 ? 4 FUC A H1  6  
HETATM 501  H H2  . FUC A 1 . ? 0.068  -1.956 5.092  1.00 0.00 ? 4 FUC A H2  6  
HETATM 502  H H3  . FUC A 1 . ? -2.110 -1.284 3.067  1.00 0.00 ? 4 FUC A H3  6  
HETATM 503  H H4  . FUC A 1 . ? -1.658 -3.498 2.073  1.00 0.00 ? 4 FUC A H4  6  
HETATM 504  H H5  . FUC A 1 . ? -0.497 -1.554 1.159  1.00 0.00 ? 4 FUC A H5  6  
HETATM 505  H H61 . FUC A 1 . ? 1.454  -2.558 0.086  1.00 0.00 ? 4 FUC A H61 6  
HETATM 506  H H62 . FUC A 1 . ? 0.150  -3.734 0.148  1.00 0.00 ? 4 FUC A H62 6  
HETATM 507  H H63 . FUC A 1 . ? 1.503  -3.853 1.271  1.00 0.00 ? 4 FUC A H63 6  
HETATM 508  H HO2 . FUC A 1 . ? -0.481 0.217  5.812  1.00 0.00 ? 4 FUC A HO2 6  
HETATM 509  H HO3 . FUC A 1 . ? -2.788 -2.109 5.200  1.00 0.00 ? 4 FUC A HO3 6  
HETATM 510  H HO4 . FUC A 1 . ? -0.812 -4.443 4.044  1.00 0.00 ? 4 FUC A HO4 6  
HETATM 511  C C2  . BGC A 1 . ? 1.076  2.799  2.945  1.00 0.00 ? 1 BGC A C2  7  
HETATM 512  C C3  . BGC A 1 . ? 0.777  1.555  2.083  1.00 0.00 ? 1 BGC A C3  7  
HETATM 513  C C4  . BGC A 1 . ? 0.164  1.951  0.733  1.00 0.00 ? 1 BGC A C4  7  
HETATM 514  C C5  . BGC A 1 . ? 1.062  2.956  0.002  1.00 0.00 ? 1 BGC A C5  7  
HETATM 515  C C6  . BGC A 1 . ? 0.477  3.426  -1.337 1.00 0.00 ? 1 BGC A C6  7  
HETATM 516  C C1  . BGC A 1 . ? 1.911  3.840  2.153  1.00 0.00 ? 1 BGC A C1  7  
HETATM 517  O O1  . BGC A 1 . ? 2.030  5.058  2.897  1.00 0.00 ? 1 BGC A O1  7  
HETATM 518  O O2  . BGC A 1 . ? 1.792  2.404  4.153  1.00 0.00 ? 1 BGC A O2  7  
HETATM 519  O O3  . BGC A 1 . ? -0.192 0.676  2.782  1.00 0.00 ? 1 BGC A O3  7  
HETATM 520  O O4  . BGC A 1 . ? 0.052  0.740  -0.103 1.00 0.00 ? 1 BGC A O4  7  
HETATM 521  O O5  . BGC A 1 . ? 1.256  4.135  0.876  1.00 0.00 ? 1 BGC A O5  7  
HETATM 522  O O6  . BGC A 1 . ? 1.377  4.376  -1.946 1.00 0.00 ? 1 BGC A O6  7  
HETATM 523  H H2  . BGC A 1 . ? 0.125  3.250  3.233  1.00 0.00 ? 1 BGC A H2  7  
HETATM 524  H H3  . BGC A 1 . ? 1.705  1.011  1.893  1.00 0.00 ? 1 BGC A H3  7  
HETATM 525  H H4  . BGC A 1 . ? -0.820 2.391  0.900  1.00 0.00 ? 1 BGC A H4  7  
HETATM 526  H H5  . BGC A 1 . ? 2.033  2.494  -0.182 1.00 0.00 ? 1 BGC A H5  7  
HETATM 527  H H61 . BGC A 1 . ? 0.344  2.582  -2.014 1.00 0.00 ? 1 BGC A H61 7  
HETATM 528  H H62 . BGC A 1 . ? -0.495 3.897  -1.181 1.00 0.00 ? 1 BGC A H62 7  
HETATM 529  H H1  . BGC A 1 . ? 2.912  3.451  1.955  1.00 0.00 ? 1 BGC A H1  7  
HETATM 530  H HO1 . BGC A 1 . ? 1.150  5.483  2.927  1.00 0.00 ? 1 BGC A HO1 7  
HETATM 531  H HO2 . BGC A 1 . ? 2.721  2.194  3.930  1.00 0.00 ? 1 BGC A HO2 7  
HETATM 532  H HO6 . BGC A 1 . ? 1.544  5.087  -1.297 1.00 0.00 ? 1 BGC A HO6 7  
HETATM 533  C C1  . GAL A 1 . ? -1.270 0.515  -0.701 1.00 0.00 ? 2 GAL A C1  7  
HETATM 534  C C2  . GAL A 1 . ? -1.144 -0.629 -1.727 1.00 0.00 ? 2 GAL A C2  7  
HETATM 535  C C3  . GAL A 1 . ? -2.525 -1.111 -2.210 1.00 0.00 ? 2 GAL A C3  7  
HETATM 536  C C4  . GAL A 1 . ? -3.460 -1.441 -1.037 1.00 0.00 ? 2 GAL A C4  7  
HETATM 537  C C5  . GAL A 1 . ? -3.591 -0.209 -0.132 1.00 0.00 ? 2 GAL A C5  7  
HETATM 538  C C6  . GAL A 1 . ? -4.517 -0.424 1.072  1.00 0.00 ? 2 GAL A C6  7  
HETATM 539  O O2  . GAL A 1 . ? -0.379 -0.115 -2.889 1.00 0.00 ? 2 GAL A O2  7  
HETATM 540  O O3  . GAL A 1 . ? -2.400 -2.293 -3.048 1.00 0.00 ? 2 GAL A O3  7  
HETATM 541  O O4  . GAL A 1 . ? -2.888 -2.545 -0.285 1.00 0.00 ? 2 GAL A O4  7  
HETATM 542  O O5  . GAL A 1 . ? -2.246 0.177  0.349  1.00 0.00 ? 2 GAL A O5  7  
HETATM 543  O O6  . GAL A 1 . ? -4.609 0.808  1.816  1.00 0.00 ? 2 GAL A O6  7  
HETATM 544  H H1  . GAL A 1 . ? -1.593 1.424  -1.210 1.00 0.00 ? 2 GAL A H1  7  
HETATM 545  H H2  . GAL A 1 . ? -0.608 -1.458 -1.261 1.00 0.00 ? 2 GAL A H2  7  
HETATM 546  H H3  . GAL A 1 . ? -2.980 -0.317 -2.805 1.00 0.00 ? 2 GAL A H3  7  
HETATM 547  H H4  . GAL A 1 . ? -4.440 -1.733 -1.419 1.00 0.00 ? 2 GAL A H4  7  
HETATM 548  H H5  . GAL A 1 . ? -3.994 0.612  -0.728 1.00 0.00 ? 2 GAL A H5  7  
HETATM 549  H H61 . GAL A 1 . ? -5.513 -0.716 0.736  1.00 0.00 ? 2 GAL A H61 7  
HETATM 550  H H62 . GAL A 1 . ? -4.130 -1.209 1.721  1.00 0.00 ? 2 GAL A H62 7  
HETATM 551  H HO3 . GAL A 1 . ? -2.297 -3.064 -2.456 1.00 0.00 ? 2 GAL A HO3 7  
HETATM 552  H HO4 . GAL A 1 . ? -3.603 -3.060 0.139  1.00 0.00 ? 2 GAL A HO4 7  
HETATM 553  H HO6 . GAL A 1 . ? -3.699 1.088  2.028  1.00 0.00 ? 2 GAL A HO6 7  
HETATM 554  C C1  . FUC A 1 . ? 0.625  -1.064 -3.395 1.00 0.00 ? 3 FUC A C1  7  
HETATM 555  C C2  . FUC A 1 . ? 1.169  -0.622 -4.783 1.00 0.00 ? 3 FUC A C2  7  
HETATM 556  C C3  . FUC A 1 . ? 2.093  0.607  -4.646 1.00 0.00 ? 3 FUC A C3  7  
HETATM 557  C C4  . FUC A 1 . ? 3.209  0.346  -3.616 1.00 0.00 ? 3 FUC A C4  7  
HETATM 558  C C5  . FUC A 1 . ? 2.550  0.001  -2.266 1.00 0.00 ? 3 FUC A C5  7  
HETATM 559  C C6  . FUC A 1 . ? 3.518  -0.218 -1.106 1.00 0.00 ? 3 FUC A C6  7  
HETATM 560  O O2  . FUC A 1 . ? 0.075  -0.285 -5.697 1.00 0.00 ? 3 FUC A O2  7  
HETATM 561  O O3  . FUC A 1 . ? 2.671  0.983  -5.936 1.00 0.00 ? 3 FUC A O3  7  
HETATM 562  O O4  . FUC A 1 . ? 4.048  -0.760 -4.056 1.00 0.00 ? 3 FUC A O4  7  
HETATM 563  O O5  . FUC A 1 . ? 1.716  -1.209 -2.414 1.00 0.00 ? 3 FUC A O5  7  
HETATM 564  H H1  . FUC A 1 . ? 0.157  -2.036 -3.526 1.00 0.00 ? 3 FUC A H1  7  
HETATM 565  H H2  . FUC A 1 . ? 1.724  -1.461 -5.203 1.00 0.00 ? 3 FUC A H2  7  
HETATM 566  H H3  . FUC A 1 . ? 1.496  1.452  -4.293 1.00 0.00 ? 3 FUC A H3  7  
HETATM 567  H H4  . FUC A 1 . ? 3.823  1.243  -3.507 1.00 0.00 ? 3 FUC A H4  7  
HETATM 568  H H5  . FUC A 1 . ? 1.891  0.823  -1.996 1.00 0.00 ? 3 FUC A H5  7  
HETATM 569  H H61 . FUC A 1 . ? 4.155  -1.089 -1.262 1.00 0.00 ? 3 FUC A H61 7  
HETATM 570  H H62 . FUC A 1 . ? 2.977  -0.373 -0.171 1.00 0.00 ? 3 FUC A H62 7  
HETATM 571  H H63 . FUC A 1 . ? 4.166  0.648  -0.964 1.00 0.00 ? 3 FUC A H63 7  
HETATM 572  H HO2 . FUC A 1 . ? -0.538 -1.048 -5.725 1.00 0.00 ? 3 FUC A HO2 7  
HETATM 573  H HO3 . FUC A 1 . ? 1.942  1.031  -6.586 1.00 0.00 ? 3 FUC A HO3 7  
HETATM 574  H HO4 . FUC A 1 . ? 4.822  -0.837 -3.461 1.00 0.00 ? 3 FUC A HO4 7  
HETATM 575  C C1  . FUC A 1 . ? 0.414  -0.437 3.540  1.00 0.00 ? 4 FUC A C1  7  
HETATM 576  C C2  . FUC A 1 . ? -0.632 -1.137 4.449  1.00 0.00 ? 4 FUC A C2  7  
HETATM 577  C C3  . FUC A 1 . ? -1.657 -1.893 3.584  1.00 0.00 ? 4 FUC A C3  7  
HETATM 578  C C4  . FUC A 1 . ? -0.950 -2.908 2.668  1.00 0.00 ? 4 FUC A C4  7  
HETATM 579  C C5  . FUC A 1 . ? 0.068  -2.174 1.775  1.00 0.00 ? 4 FUC A C5  7  
HETATM 580  C C6  . FUC A 1 . ? 0.861  -3.072 0.830  1.00 0.00 ? 4 FUC A C6  7  
HETATM 581  O O2  . FUC A 1 . ? -1.332 -0.166 5.291  1.00 0.00 ? 4 FUC A O2  7  
HETATM 582  O O3  . FUC A 1 . ? -2.628 -2.599 4.416  1.00 0.00 ? 4 FUC A O3  7  
HETATM 583  O O4  . FUC A 1 . ? -0.279 -3.899 3.498  1.00 0.00 ? 4 FUC A O4  7  
HETATM 584  O O5  . FUC A 1 . ? 1.029  -1.411 2.611  1.00 0.00 ? 4 FUC A O5  7  
HETATM 585  H H1  . FUC A 1 . ? 1.189  -0.041 4.189  1.00 0.00 ? 4 FUC A H1  7  
HETATM 586  H H2  . FUC A 1 . ? -0.112 -1.840 5.103  1.00 0.00 ? 4 FUC A H2  7  
HETATM 587  H H3  . FUC A 1 . ? -2.182 -1.165 2.968  1.00 0.00 ? 4 FUC A H3  7  
HETATM 588  H H4  . FUC A 1 . ? -1.689 -3.411 2.041  1.00 0.00 ? 4 FUC A H4  7  
HETATM 589  H H5  . FUC A 1 . ? -0.483 -1.467 1.160  1.00 0.00 ? 4 FUC A H5  7  
HETATM 590  H H61 . FUC A 1 . ? 0.196  -3.654 0.191  1.00 0.00 ? 4 FUC A H61 7  
HETATM 591  H H62 . FUC A 1 . ? 1.501  -3.770 1.370  1.00 0.00 ? 4 FUC A H62 7  
HETATM 592  H H63 . FUC A 1 . ? 1.503  -2.481 0.176  1.00 0.00 ? 4 FUC A H63 7  
HETATM 593  H HO2 . FUC A 1 . ? -2.086 -0.646 5.690  1.00 0.00 ? 4 FUC A HO2 7  
HETATM 594  H HO3 . FUC A 1 . ? -2.188 -3.394 4.777  1.00 0.00 ? 4 FUC A HO3 7  
HETATM 595  H HO4 . FUC A 1 . ? 0.053  -4.625 2.932  1.00 0.00 ? 4 FUC A HO4 7  
HETATM 596  C C2  . BGC A 1 . ? 1.002  2.747  2.957  1.00 0.00 ? 1 BGC A C2  8  
HETATM 597  C C3  . BGC A 1 . ? 0.738  1.506  2.086  1.00 0.00 ? 1 BGC A C3  8  
HETATM 598  C C4  . BGC A 1 . ? 0.101  1.901  0.747  1.00 0.00 ? 1 BGC A C4  8  
HETATM 599  C C5  . BGC A 1 . ? 0.972  2.933  0.021  1.00 0.00 ? 1 BGC A C5  8  
HETATM 600  C C6  . BGC A 1 . ? 0.367  3.402  -1.311 1.00 0.00 ? 1 BGC A C6  8  
HETATM 601  C C1  . BGC A 1 . ? 1.813  3.809  2.176  1.00 0.00 ? 1 BGC A C1  8  
HETATM 602  O O1  . BGC A 1 . ? 1.891  5.011  2.951  1.00 0.00 ? 1 BGC A O1  8  
HETATM 603  O O2  . BGC A 1 . ? 1.740  2.360  4.150  1.00 0.00 ? 1 BGC A O2  8  
HETATM 604  O O3  . BGC A 1 . ? -0.189 0.587  2.788  1.00 0.00 ? 1 BGC A O3  8  
HETATM 605  O O4  . BGC A 1 . ? 0.008  0.698  -0.101 1.00 0.00 ? 1 BGC A O4  8  
HETATM 606  O O5  . BGC A 1 . ? 1.152  4.110  0.904  1.00 0.00 ? 1 BGC A O5  8  
HETATM 607  O O6  . BGC A 1 . ? 1.237  4.380  -1.915 1.00 0.00 ? 1 BGC A O6  8  
HETATM 608  H H2  . BGC A 1 . ? 0.044  3.178  3.257  1.00 0.00 ? 1 BGC A H2  8  
HETATM 609  H H3  . BGC A 1 . ? 1.683  0.999  1.882  1.00 0.00 ? 1 BGC A H3  8  
HETATM 610  H H4  . BGC A 1 . ? -0.892 2.320  0.928  1.00 0.00 ? 1 BGC A H4  8  
HETATM 611  H H5  . BGC A 1 . ? 1.953  2.494  -0.174 1.00 0.00 ? 1 BGC A H5  8  
HETATM 612  H H61 . BGC A 1 . ? 0.252  2.561  -1.997 1.00 0.00 ? 1 BGC A H61 8  
HETATM 613  H H62 . BGC A 1 . ? -0.617 3.843  -1.143 1.00 0.00 ? 1 BGC A H62 8  
HETATM 614  H H1  . BGC A 1 . ? 2.823  3.447  1.975  1.00 0.00 ? 1 BGC A H1  8  
HETATM 615  H HO1 . BGC A 1 . ? 2.326  5.691  2.401  1.00 0.00 ? 1 BGC A HO1 8  
HETATM 616  H HO2 . BGC A 1 . ? 1.946  3.176  4.650  1.00 0.00 ? 1 BGC A HO2 8  
HETATM 617  H HO6 . BGC A 1 . ? 1.388  5.091  -1.260 1.00 0.00 ? 1 BGC A HO6 8  
HETATM 618  C C1  . GAL A 1 . ? -1.320 0.446  -0.677 1.00 0.00 ? 2 GAL A C1  8  
HETATM 619  C C2  . GAL A 1 . ? -1.184 -0.685 -1.717 1.00 0.00 ? 2 GAL A C2  8  
HETATM 620  C C3  . GAL A 1 . ? -2.558 -1.206 -2.175 1.00 0.00 ? 2 GAL A C3  8  
HETATM 621  C C4  . GAL A 1 . ? -3.461 -1.570 -0.983 1.00 0.00 ? 2 GAL A C4  8  
HETATM 622  C C5  . GAL A 1 . ? -3.608 -0.353 -0.062 1.00 0.00 ? 2 GAL A C5  8  
HETATM 623  C C6  . GAL A 1 . ? -4.492 -0.625 1.162  1.00 0.00 ? 2 GAL A C6  8  
HETATM 624  O O2  . GAL A 1 . ? -0.455 -0.136 -2.887 1.00 0.00 ? 2 GAL A O2  8  
HETATM 625  O O3  . GAL A 1 . ? -2.409 -2.378 -3.026 1.00 0.00 ? 2 GAL A O3  8  
HETATM 626  O O4  . GAL A 1 . ? -2.861 -2.662 -0.242 1.00 0.00 ? 2 GAL A O4  8  
HETATM 627  O O5  . GAL A 1 . ? -2.265 0.076  0.390  1.00 0.00 ? 2 GAL A O5  8  
HETATM 628  O O6  . GAL A 1 . ? -4.610 0.588  1.932  1.00 0.00 ? 2 GAL A O6  8  
HETATM 629  H H1  . GAL A 1 . ? -1.675 1.352  -1.170 1.00 0.00 ? 2 GAL A H1  8  
HETATM 630  H H2  . GAL A 1 . ? -0.615 -1.501 -1.269 1.00 0.00 ? 2 GAL A H2  8  
HETATM 631  H H3  . GAL A 1 . ? -3.051 -0.424 -2.754 1.00 0.00 ? 2 GAL A H3  8  
HETATM 632  H H4  . GAL A 1 . ? -4.444 -1.878 -1.341 1.00 0.00 ? 2 GAL A H4  8  
HETATM 633  H H5  . GAL A 1 . ? -4.056 0.461  -0.635 1.00 0.00 ? 2 GAL A H5  8  
HETATM 634  H H61 . GAL A 1 . ? -5.484 -0.949 0.847  1.00 0.00 ? 2 GAL A H61 8  
HETATM 635  H H62 . GAL A 1 . ? -4.056 -1.407 1.787  1.00 0.00 ? 2 GAL A H62 8  
HETATM 636  H HO3 . GAL A 1 . ? -3.283 -2.634 -3.382 1.00 0.00 ? 2 GAL A HO3 8  
HETATM 637  H HO4 . GAL A 1 . ? -2.746 -3.419 -0.850 1.00 0.00 ? 2 GAL A HO4 8  
HETATM 638  H HO6 . GAL A 1 . ? -3.706 0.902  2.123  1.00 0.00 ? 2 GAL A HO6 8  
HETATM 639  C C1  . FUC A 1 . ? 0.548  -1.066 -3.437 1.00 0.00 ? 3 FUC A C1  8  
HETATM 640  C C2  . FUC A 1 . ? 1.075  -0.588 -4.818 1.00 0.00 ? 3 FUC A C2  8  
HETATM 641  C C3  . FUC A 1 . ? 1.967  0.663  -4.674 1.00 0.00 ? 3 FUC A C3  8  
HETATM 642  C C4  . FUC A 1 . ? 3.090  0.424  -3.650 1.00 0.00 ? 3 FUC A C4  8  
HETATM 643  C C5  . FUC A 1 . ? 2.470  0.000  -2.303 1.00 0.00 ? 3 FUC A C5  8  
HETATM 644  C C6  . FUC A 1 . ? 3.468  -0.241 -1.173 1.00 0.00 ? 3 FUC A C6  8  
HETATM 645  O O2  . FUC A 1 . ? -0.030 -0.286 -5.729 1.00 0.00 ? 3 FUC A O2  8  
HETATM 646  O O3  . FUC A 1 . ? 2.564  1.030  -5.955 1.00 0.00 ? 3 FUC A O3  8  
HETATM 647  O O4  . FUC A 1 . ? 3.968  -0.623 -4.155 1.00 0.00 ? 3 FUC A O4  8  
HETATM 648  O O5  . FUC A 1 . ? 1.662  -1.222 -2.483 1.00 0.00 ? 3 FUC A O5  8  
HETATM 649  H H1  . FUC A 1 . ? 0.088  -2.036 -3.584 1.00 0.00 ? 3 FUC A H1  8  
HETATM 650  H H2  . FUC A 1 . ? 1.654  -1.407 -5.246 1.00 0.00 ? 3 FUC A H2  8  
HETATM 651  H H3  . FUC A 1 . ? 1.354  1.500  -4.331 1.00 0.00 ? 3 FUC A H3  8  
HETATM 652  H H4  . FUC A 1 . ? 3.666  1.340  -3.516 1.00 0.00 ? 3 FUC A H4  8  
HETATM 653  H H5  . FUC A 1 . ? 1.798  0.794  -1.988 1.00 0.00 ? 3 FUC A H5  8  
HETATM 654  H H61 . FUC A 1 . ? 4.122  -1.087 -1.380 1.00 0.00 ? 3 FUC A H61 8  
HETATM 655  H H62 . FUC A 1 . ? 2.951  -0.449 -0.236 1.00 0.00 ? 3 FUC A H62 8  
HETATM 656  H H63 . FUC A 1 . ? 4.096  0.636  -1.010 1.00 0.00 ? 3 FUC A H63 8  
HETATM 657  H HO2 . FUC A 1 . ? 0.371  0.131  -6.517 1.00 0.00 ? 3 FUC A HO2 8  
HETATM 658  H HO3 . FUC A 1 . ? 3.303  0.411  -6.123 1.00 0.00 ? 3 FUC A HO3 8  
HETATM 659  H HO4 . FUC A 1 . ? 4.744  -0.708 -3.565 1.00 0.00 ? 3 FUC A HO4 8  
HETATM 660  C C1  . FUC A 1 . ? 0.475  -0.517 3.506  1.00 0.00 ? 4 FUC A C1  8  
HETATM 661  C C2  . FUC A 1 . ? -0.514 -1.233 4.465  1.00 0.00 ? 4 FUC A C2  8  
HETATM 662  C C3  . FUC A 1 . ? -1.563 -2.012 3.648  1.00 0.00 ? 4 FUC A C3  8  
HETATM 663  C C4  . FUC A 1 . ? -0.890 -3.007 2.685  1.00 0.00 ? 4 FUC A C4  8  
HETATM 664  C C5  . FUC A 1 . ? 0.079  -2.255 1.752  1.00 0.00 ? 4 FUC A C5  8  
HETATM 665  C C6  . FUC A 1 . ? 0.845  -3.148 0.779  1.00 0.00 ? 4 FUC A C6  8  
HETATM 666  O O2  . FUC A 1 . ? -1.204 -0.274 5.329  1.00 0.00 ? 4 FUC A O2  8  
HETATM 667  O O3  . FUC A 1 . ? -2.483 -2.734 4.523  1.00 0.00 ? 4 FUC A O3  8  
HETATM 668  O O4  . FUC A 1 . ? -0.166 -4.010 3.453  1.00 0.00 ? 4 FUC A O4  8  
HETATM 669  O O5  . FUC A 1 . ? 1.061  -1.475 2.544  1.00 0.00 ? 4 FUC A O5  8  
HETATM 670  H H1  . FUC A 1 . ? 1.274  -0.107 4.115  1.00 0.00 ? 4 FUC A H1  8  
HETATM 671  H H2  . FUC A 1 . ? 0.048  -1.924 5.096  1.00 0.00 ? 4 FUC A H2  8  
HETATM 672  H H3  . FUC A 1 . ? -2.130 -1.291 3.060  1.00 0.00 ? 4 FUC A H3  8  
HETATM 673  H H4  . FUC A 1 . ? -1.653 -3.507 2.087  1.00 0.00 ? 4 FUC A H4  8  
HETATM 674  H H5  . FUC A 1 . ? -0.508 -1.560 1.158  1.00 0.00 ? 4 FUC A H5  8  
HETATM 675  H H61 . FUC A 1 . ? 1.452  -2.551 0.098  1.00 0.00 ? 4 FUC A H61 8  
HETATM 676  H H62 . FUC A 1 . ? 0.162  -3.741 0.169  1.00 0.00 ? 4 FUC A H62 8  
HETATM 677  H H63 . FUC A 1 . ? 1.514  -3.837 1.295  1.00 0.00 ? 4 FUC A H63 8  
HETATM 678  H HO2 . FUC A 1 . ? -0.524 0.253  5.797  1.00 0.00 ? 4 FUC A HO2 8  
HETATM 679  H HO3 . FUC A 1 . ? -2.806 -2.104 5.198  1.00 0.00 ? 4 FUC A HO3 8  
HETATM 680  H HO4 . FUC A 1 . ? -0.802 -4.429 4.068  1.00 0.00 ? 4 FUC A HO4 8  
HETATM 681  C C2  . BGC A 1 . ? 1.121  2.761  2.912  1.00 0.00 ? 1 BGC A C2  9  
HETATM 682  C C3  . BGC A 1 . ? 0.819  1.521  2.048  1.00 0.00 ? 1 BGC A C3  9  
HETATM 683  C C4  . BGC A 1 . ? 0.161  1.922  0.721  1.00 0.00 ? 1 BGC A C4  9  
HETATM 684  C C5  . BGC A 1 . ? 1.020  2.950  -0.025 1.00 0.00 ? 1 BGC A C5  9  
HETATM 685  C C6  . BGC A 1 . ? 0.383  3.428  -1.338 1.00 0.00 ? 1 BGC A C6  9  
HETATM 686  C C1  . BGC A 1 . ? 1.927  3.812  2.108  1.00 0.00 ? 1 BGC A C1  9  
HETATM 687  O O1  . BGC A 1 . ? 2.055  5.015  2.875  1.00 0.00 ? 1 BGC A O1  9  
HETATM 688  O O2  . BGC A 1 . ? 1.890  2.368  4.084  1.00 0.00 ? 1 BGC A O2  9  
HETATM 689  O O3  . BGC A 1 . ? -0.113 0.618  2.768  1.00 0.00 ? 1 BGC A O3  9  
HETATM 690  O O4  . BGC A 1 . ? 0.041  0.720  -0.127 1.00 0.00 ? 1 BGC A O4  9  
HETATM 691  O O5  . BGC A 1 . ? 1.231  4.121  0.857  1.00 0.00 ? 1 BGC A O5  9  
HETATM 692  O O6  . BGC A 1 . ? 1.246  4.402  -1.963 1.00 0.00 ? 1 BGC A O6  9  
HETATM 693  H H2  . BGC A 1 . ? 0.176  3.200  3.235  1.00 0.00 ? 1 BGC A H2  9  
HETATM 694  H H3  . BGC A 1 . ? 1.750  0.996  1.827  1.00 0.00 ? 1 BGC A H3  9  
HETATM 695  H H4  . BGC A 1 . ? -0.824 2.347  0.923  1.00 0.00 ? 1 BGC A H4  9  
HETATM 696  H H5  . BGC A 1 . ? 1.991  2.505  -0.248 1.00 0.00 ? 1 BGC A H5  9  
HETATM 697  H H61 . BGC A 1 . ? 0.242  2.592  -2.022 1.00 0.00 ? 1 BGC A H61 9  
HETATM 698  H H62 . BGC A 1 . ? -0.590 3.879  -1.141 1.00 0.00 ? 1 BGC A H62 9  
HETATM 699  H H1  . BGC A 1 . ? 2.924  3.431  1.876  1.00 0.00 ? 1 BGC A H1  9  
HETATM 700  H HO1 . BGC A 1 . ? 1.190  5.468  2.875  1.00 0.00 ? 1 BGC A HO1 9  
HETATM 701  H HO2 . BGC A 1 . ? 2.122  3.181  4.576  1.00 0.00 ? 1 BGC A HO2 9  
HETATM 702  H HO6 . BGC A 1 . ? 1.424  5.106  -1.309 1.00 0.00 ? 1 BGC A HO6 9  
HETATM 703  C C1  . GAL A 1 . ? -1.300 0.482  -0.678 1.00 0.00 ? 2 GAL A C1  9  
HETATM 704  C C2  . GAL A 1 . ? -1.212 -0.669 -1.701 1.00 0.00 ? 2 GAL A C2  9  
HETATM 705  C C3  . GAL A 1 . ? -2.616 -1.114 -2.147 1.00 0.00 ? 2 GAL A C3  9  
HETATM 706  C C4  . GAL A 1 . ? -3.508 -1.464 -0.944 1.00 0.00 ? 2 GAL A C4  9  
HETATM 707  C C5  . GAL A 1 . ? -3.599 -0.247 -0.014 1.00 0.00 ? 2 GAL A C5  9  
HETATM 708  C C6  . GAL A 1 . ? -4.465 -0.497 1.226  1.00 0.00 ? 2 GAL A C6  9  
HETATM 709  O O2  . GAL A 1 . ? -0.462 -0.191 -2.889 1.00 0.00 ? 2 GAL A O2  9  
HETATM 710  O O3  . GAL A 1 . ? -2.546 -2.264 -3.034 1.00 0.00 ? 2 GAL A O3  9  
HETATM 711  O O4  . GAL A 1 . ? -2.934 -2.583 -0.224 1.00 0.00 ? 2 GAL A O4  9  
HETATM 712  O O5  . GAL A 1 . ? -2.232 0.139  0.410  1.00 0.00 ? 2 GAL A O5  9  
HETATM 713  O O6  . GAL A 1 . ? -4.522 0.713  2.007  1.00 0.00 ? 2 GAL A O6  9  
HETATM 714  H H1  . GAL A 1 . ? -1.646 1.387  -1.177 1.00 0.00 ? 2 GAL A H1  9  
HETATM 715  H H2  . GAL A 1 . ? -0.687 -1.508 -1.241 1.00 0.00 ? 2 GAL A H2  9  
HETATM 716  H H3  . GAL A 1 . ? -3.085 -0.292 -2.691 1.00 0.00 ? 2 GAL A H3  9  
HETATM 717  H H4  . GAL A 1 . ? -4.506 -1.735 -1.291 1.00 0.00 ? 2 GAL A H4  9  
HETATM 718  H H5  . GAL A 1 . ? -4.034 0.583  -0.572 1.00 0.00 ? 2 GAL A H5  9  
HETATM 719  H H61 . GAL A 1 . ? -5.475 -0.782 0.929  1.00 0.00 ? 2 GAL A H61 9  
HETATM 720  H H62 . GAL A 1 . ? -4.047 -1.300 1.835  1.00 0.00 ? 2 GAL A H62 9  
HETATM 721  H HO3 . GAL A 1 . ? -2.192 -1.976 -3.899 1.00 0.00 ? 2 GAL A HO3 9  
HETATM 722  H HO4 . GAL A 1 . ? -2.866 -3.338 -0.841 1.00 0.00 ? 2 GAL A HO4 9  
HETATM 723  H HO6 . GAL A 1 . ? -3.605 0.993  2.179  1.00 0.00 ? 2 GAL A HO6 9  
HETATM 724  C C1  . FUC A 1 . ? 0.571  -1.137 -3.345 1.00 0.00 ? 3 FUC A C1  9  
HETATM 725  C C2  . FUC A 1 . ? 1.082  -0.749 -4.757 1.00 0.00 ? 3 FUC A C2  9  
HETATM 726  C C3  . FUC A 1 . ? 1.983  0.509  -4.709 1.00 0.00 ? 3 FUC A C3  9  
HETATM 727  C C4  . FUC A 1 . ? 3.102  0.346  -3.663 1.00 0.00 ? 3 FUC A C4  9  
HETATM 728  C C5  . FUC A 1 . ? 2.473  0.040  -2.290 1.00 0.00 ? 3 FUC A C5  9  
HETATM 729  C C6  . FUC A 1 . ? 3.464  -0.100 -1.137 1.00 0.00 ? 3 FUC A C6  9  
HETATM 730  O O2  . FUC A 1 . ? -0.063 -0.505 -5.638 1.00 0.00 ? 3 FUC A O2  9  
HETATM 731  O O3  . FUC A 1 . ? 2.598  0.785  -6.006 1.00 0.00 ? 3 FUC A O3  9  
HETATM 732  O O4  . FUC A 1 . ? 3.973  -0.746 -4.076 1.00 0.00 ? 3 FUC A O4  9  
HETATM 733  O O5  . FUC A 1 . ? 1.675  -1.197 -2.369 1.00 0.00 ? 3 FUC A O5  9  
HETATM 734  H H1  . FUC A 1 . ? 0.133  -2.127 -3.418 1.00 0.00 ? 3 FUC A H1  9  
HETATM 735  H H2  . FUC A 1 . ? 1.645  -1.593 -5.153 1.00 0.00 ? 3 FUC A H2  9  
HETATM 736  H H3  . FUC A 1 . ? 1.373  1.371  -4.429 1.00 0.00 ? 3 FUC A H3  9  
HETATM 737  H H4  . FUC A 1 . ? 3.684  1.266  -3.602 1.00 0.00 ? 3 FUC A H4  9  
HETATM 738  H H5  . FUC A 1 . ? 1.793  0.854  -2.050 1.00 0.00 ? 3 FUC A H5  9  
HETATM 739  H H61 . FUC A 1 . ? 2.941  -0.242 -0.190 1.00 0.00 ? 3 FUC A H61 9  
HETATM 740  H H62 . FUC A 1 . ? 4.081  0.794  -1.036 1.00 0.00 ? 3 FUC A H62 9  
HETATM 741  H H63 . FUC A 1 . ? 4.130  -0.952 -1.272 1.00 0.00 ? 3 FUC A H63 9  
HETATM 742  H HO2 . FUC A 1 . ? -0.630 0.156  -5.191 1.00 0.00 ? 3 FUC A HO2 9  
HETATM 743  H HO3 . FUC A 1 . ? 3.313  0.132  -6.137 1.00 0.00 ? 3 FUC A HO3 9  
HETATM 744  H HO4 . FUC A 1 . ? 4.746  -0.788 -3.477 1.00 0.00 ? 3 FUC A HO4 9  
HETATM 745  C C1  . FUC A 1 . ? 0.542  -0.486 3.498  1.00 0.00 ? 4 FUC A C1  9  
HETATM 746  C C2  . FUC A 1 . ? -0.455 -1.207 4.444  1.00 0.00 ? 4 FUC A C2  9  
HETATM 747  C C3  . FUC A 1 . ? -1.506 -1.971 3.618  1.00 0.00 ? 4 FUC A C3  9  
HETATM 748  C C4  . FUC A 1 . ? -0.830 -2.964 2.654  1.00 0.00 ? 4 FUC A C4  9  
HETATM 749  C C5  . FUC A 1 . ? 0.156  -2.216 1.736  1.00 0.00 ? 4 FUC A C5  9  
HETATM 750  C C6  . FUC A 1 . ? 0.929  -3.111 0.770  1.00 0.00 ? 4 FUC A C6  9  
HETATM 751  O O2  . FUC A 1 . ? -1.132 -0.255 5.324  1.00 0.00 ? 4 FUC A O2  9  
HETATM 752  O O3  . FUC A 1 . ? -2.430 -2.691 4.495  1.00 0.00 ? 4 FUC A O3  9  
HETATM 753  O O4  . FUC A 1 . ? -0.125 -3.978 3.421  1.00 0.00 ? 4 FUC A O4  9  
HETATM 754  O O5  . FUC A 1 . ? 1.136  -1.446 2.543  1.00 0.00 ? 4 FUC A O5  9  
HETATM 755  H H1  . FUC A 1 . ? 1.334  -0.077 4.117  1.00 0.00 ? 4 FUC A H1  9  
HETATM 756  H H2  . FUC A 1 . ? 0.101  -1.909 5.067  1.00 0.00 ? 4 FUC A H2  9  
HETATM 757  H H3  . FUC A 1 . ? -2.067 -1.242 3.033  1.00 0.00 ? 4 FUC A H3  9  
HETATM 758  H H4  . FUC A 1 . ? -1.590 -3.453 2.043  1.00 0.00 ? 4 FUC A H4  9  
HETATM 759  H H5  . FUC A 1 . ? -0.418 -1.513 1.139  1.00 0.00 ? 4 FUC A H5  9  
HETATM 760  H H61 . FUC A 1 . ? 1.576  -3.816 1.293  1.00 0.00 ? 4 FUC A H61 9  
HETATM 761  H H62 . FUC A 1 . ? 1.561  -2.518 0.110  1.00 0.00 ? 4 FUC A H62 9  
HETATM 762  H H63 . FUC A 1 . ? 0.250  -3.686 0.140  1.00 0.00 ? 4 FUC A H63 9  
HETATM 763  H HO2 . FUC A 1 . ? -1.854 -0.753 5.755  1.00 0.00 ? 4 FUC A HO2 9  
HETATM 764  H HO3 . FUC A 1 . ? -3.130 -3.107 3.955  1.00 0.00 ? 4 FUC A HO3 9  
HETATM 765  H HO4 . FUC A 1 . ? -0.764 -4.394 4.035  1.00 0.00 ? 4 FUC A HO4 9  
HETATM 766  C C2  . BGC A 1 . ? 1.066  2.742  2.962  1.00 0.00 ? 1 BGC A C2  10 
HETATM 767  C C3  . BGC A 1 . ? 0.789  1.513  2.075  1.00 0.00 ? 1 BGC A C3  10 
HETATM 768  C C4  . BGC A 1 . ? 0.143  1.928  0.746  1.00 0.00 ? 1 BGC A C4  10 
HETATM 769  C C5  . BGC A 1 . ? 0.990  2.985  0.027  1.00 0.00 ? 1 BGC A C5  10 
HETATM 770  C C6  . BGC A 1 . ? 0.356  3.465  -1.290 1.00 0.00 ? 1 BGC A C6  10 
HETATM 771  C C1  . BGC A 1 . ? 1.862  3.819  2.185  1.00 0.00 ? 1 BGC A C1  10 
HETATM 772  O O1  . BGC A 1 . ? 1.968  5.010  2.976  1.00 0.00 ? 1 BGC A O1  10 
HETATM 773  O O2  . BGC A 1 . ? 1.832  2.340  4.134  1.00 0.00 ? 1 BGC A O2  10 
HETATM 774  O O3  . BGC A 1 . ? -0.144 0.594  2.772  1.00 0.00 ? 1 BGC A O3  10 
HETATM 775  O O4  . BGC A 1 . ? 0.051  0.735  -0.122 1.00 0.00 ? 1 BGC A O4  10 
HETATM 776  O O5  . BGC A 1 . ? 1.169  4.142  0.937  1.00 0.00 ? 1 BGC A O5  10 
HETATM 777  O O6  . BGC A 1 . ? 1.174  4.486  -1.906 1.00 0.00 ? 1 BGC A O6  10 
HETATM 778  H H2  . BGC A 1 . ? 0.112  3.162  3.285  1.00 0.00 ? 1 BGC A H2  10 
HETATM 779  H H3  . BGC A 1 . ? 1.728  0.999  1.859  1.00 0.00 ? 1 BGC A H3  10 
HETATM 780  H H4  . BGC A 1 . ? -0.852 2.332  0.944  1.00 0.00 ? 1 BGC A H4  10 
HETATM 781  H H5  . BGC A 1 . ? 1.973  2.561  -0.192 1.00 0.00 ? 1 BGC A H5  10 
HETATM 782  H H61 . BGC A 1 . ? 0.253  2.631  -1.984 1.00 0.00 ? 1 BGC A H61 10 
HETATM 783  H H62 . BGC A 1 . ? -0.638 3.873  -1.099 1.00 0.00 ? 1 BGC A H62 10 
HETATM 784  H H1  . BGC A 1 . ? 2.867  3.457  1.953  1.00 0.00 ? 1 BGC A H1  10 
HETATM 785  H HO1 . BGC A 1 . ? 1.098  5.451  2.977  1.00 0.00 ? 1 BGC A HO1 10 
HETATM 786  H HO2 . BGC A 1 . ? 2.049  3.148  4.641  1.00 0.00 ? 1 BGC A HO2 10 
HETATM 787  H HO6 . BGC A 1 . ? 2.075  4.135  -2.049 1.00 0.00 ? 1 BGC A HO6 10 
HETATM 788  C C1  . GAL A 1 . ? -1.281 0.479  -0.689 1.00 0.00 ? 2 GAL A C1  10 
HETATM 789  C C2  . GAL A 1 . ? -1.167 -0.671 -1.712 1.00 0.00 ? 2 GAL A C2  10 
HETATM 790  C C3  . GAL A 1 . ? -2.562 -1.113 -2.186 1.00 0.00 ? 2 GAL A C3  10 
HETATM 791  C C4  . GAL A 1 . ? -3.472 -1.479 -1.004 1.00 0.00 ? 2 GAL A C4  10 
HETATM 792  C C5  . GAL A 1 . ? -3.581 -0.275 -0.058 1.00 0.00 ? 2 GAL A C5  10 
HETATM 793  C C6  . GAL A 1 . ? -4.457 -0.549 1.171  1.00 0.00 ? 2 GAL A C6  10 
HETATM 794  O O2  . GAL A 1 . ? -0.391 -0.193 -2.884 1.00 0.00 ? 2 GAL A O2  10 
HETATM 795  O O3  . GAL A 1 . ? -2.475 -2.253 -3.086 1.00 0.00 ? 2 GAL A O3  10 
HETATM 796  O O4  . GAL A 1 . ? -2.904 -2.606 -0.288 1.00 0.00 ? 2 GAL A O4  10 
HETATM 797  O O5  . GAL A 1 . ? -2.222 0.121  0.386  1.00 0.00 ? 2 GAL A O5  10 
HETATM 798  O O6  . GAL A 1 . ? -4.531 0.650  1.969  1.00 0.00 ? 2 GAL A O6  10 
HETATM 799  H H1  . GAL A 1 . ? -1.635 1.380  -1.192 1.00 0.00 ? 2 GAL A H1  10 
HETATM 800  H H2  . GAL A 1 . ? -0.654 -1.510 -1.241 1.00 0.00 ? 2 GAL A H2  10 
HETATM 801  H H3  . GAL A 1 . ? -3.026 -0.288 -2.730 1.00 0.00 ? 2 GAL A H3  10 
HETATM 802  H H4  . GAL A 1 . ? -4.464 -1.750 -1.368 1.00 0.00 ? 2 GAL A H4  10 
HETATM 803  H H5  . GAL A 1 . ? -4.017 0.557  -0.611 1.00 0.00 ? 2 GAL A H5  10 
HETATM 804  H H61 . GAL A 1 . ? -5.463 -0.837 0.860  1.00 0.00 ? 2 GAL A H61 10 
HETATM 805  H H62 . GAL A 1 . ? -4.039 -1.357 1.773  1.00 0.00 ? 2 GAL A H62 10 
HETATM 806  H HO3 . GAL A 1 . ? -2.108 -1.954 -3.941 1.00 0.00 ? 2 GAL A HO3 10 
HETATM 807  H HO4 . GAL A 1 . ? -2.826 -3.354 -0.914 1.00 0.00 ? 2 GAL A HO4 10 
HETATM 808  H HO6 . GAL A 1 . ? -3.617 0.936  2.148  1.00 0.00 ? 2 GAL A HO6 10 
HETATM 809  C C1  . FUC A 1 . ? 0.647  -1.148 -3.313 1.00 0.00 ? 3 FUC A C1  10 
HETATM 810  C C2  . FUC A 1 . ? 1.194  -0.768 -4.714 1.00 0.00 ? 3 FUC A C2  10 
HETATM 811  C C3  . FUC A 1 . ? 2.092  0.487  -4.647 1.00 0.00 ? 3 FUC A C3  10 
HETATM 812  C C4  . FUC A 1 . ? 3.189  0.335  -3.578 1.00 0.00 ? 3 FUC A C4  10 
HETATM 813  C C5  . FUC A 1 . ? 2.536  0.022  -2.218 1.00 0.00 ? 3 FUC A C5  10 
HETATM 814  C C6  . FUC A 1 . ? 3.511  -0.132 -1.054 1.00 0.00 ? 3 FUC A C6  10 
HETATM 815  O O2  . FUC A 1 . ? 0.083  -0.507 -5.630 1.00 0.00 ? 3 FUC A O2  10 
HETATM 816  O O3  . FUC A 1 . ? 2.712  0.759  -5.940 1.00 0.00 ? 3 FUC A O3  10 
HETATM 817  O O4  . FUC A 1 . ? 4.096  -0.738 -3.955 1.00 0.00 ? 3 FUC A O4  10 
HETATM 818  O O5  . FUC A 1 . ? 1.728  -1.211 -2.315 1.00 0.00 ? 3 FUC A O5  10 
HETATM 819  H H1  . FUC A 1 . ? 0.205  -2.135 -3.395 1.00 0.00 ? 3 FUC A H1  10 
HETATM 820  H H2  . FUC A 1 . ? 1.764  -1.614 -5.094 1.00 0.00 ? 3 FUC A H2  10 
HETATM 821  H H3  . FUC A 1 . ? 1.475  1.346  -4.379 1.00 0.00 ? 3 FUC A H3  10 
HETATM 822  H H4  . FUC A 1 . ? 3.755  1.265  -3.501 1.00 0.00 ? 3 FUC A H4  10 
HETATM 823  H H5  . FUC A 1 . ? 1.855  0.837  -1.982 1.00 0.00 ? 3 FUC A H5  10 
HETATM 824  H H61 . FUC A 1 . ? 2.977  -0.286 -0.115 1.00 0.00 ? 3 FUC A H61 10 
HETATM 825  H H62 . FUC A 1 . ? 4.125  0.760  -0.936 1.00 0.00 ? 3 FUC A H62 10 
HETATM 826  H H63 . FUC A 1 . ? 4.180  -0.982 -1.193 1.00 0.00 ? 3 FUC A H63 10 
HETATM 827  H HO2 . FUC A 1 . ? -0.513 0.128  -5.184 1.00 0.00 ? 3 FUC A HO2 10 
HETATM 828  H HO3 . FUC A 1 . ? 2.006  0.770  -6.619 1.00 0.00 ? 3 FUC A HO3 10 
HETATM 829  H HO4 . FUC A 1 . ? 4.436  -0.537 -4.852 1.00 0.00 ? 3 FUC A HO4 10 
HETATM 830  C C1  . FUC A 1 . ? 0.507  -0.507 3.507  1.00 0.00 ? 4 FUC A C1  10 
HETATM 831  C C2  . FUC A 1 . ? -0.496 -1.228 4.445  1.00 0.00 ? 4 FUC A C2  10 
HETATM 832  C C3  . FUC A 1 . ? -1.547 -1.977 3.603  1.00 0.00 ? 4 FUC A C3  10 
HETATM 833  C C4  . FUC A 1 . ? -0.870 -2.972 2.644  1.00 0.00 ? 4 FUC A C4  10 
HETATM 834  C C5  . FUC A 1 . ? 0.136  -2.233 1.738  1.00 0.00 ? 4 FUC A C5  10 
HETATM 835  C C6  . FUC A 1 . ? 0.914  -3.136 0.784  1.00 0.00 ? 4 FUC A C6  10 
HETATM 836  O O2  . FUC A 1 . ? -1.162 -0.271 5.330  1.00 0.00 ? 4 FUC A O2  10 
HETATM 837  O O3  . FUC A 1 . ? -2.497 -2.703 4.446  1.00 0.00 ? 4 FUC A O3  10 
HETATM 838  O O4  . FUC A 1 . ? -0.184 -3.998 3.417  1.00 0.00 ? 4 FUC A O4  10 
HETATM 839  O O5  . FUC A 1 . ? 1.110  -1.468 2.556  1.00 0.00 ? 4 FUC A O5  10 
HETATM 840  H H1  . FUC A 1 . ? 1.295  -0.098 4.131  1.00 0.00 ? 4 FUC A H1  10 
HETATM 841  H H2  . FUC A 1 . ? 0.056  -1.937 5.064  1.00 0.00 ? 4 FUC A H2  10 
HETATM 842  H H3  . FUC A 1 . ? -2.093 -1.244 3.011  1.00 0.00 ? 4 FUC A H3  10 
HETATM 843  H H4  . FUC A 1 . ? -1.628 -3.452 2.022  1.00 0.00 ? 4 FUC A H4  10 
HETATM 844  H H5  . FUC A 1 . ? -0.425 -1.528 1.131  1.00 0.00 ? 4 FUC A H5  10 
HETATM 845  H H61 . FUC A 1 . ? 0.241  -3.707 0.146  1.00 0.00 ? 4 FUC A H61 10 
HETATM 846  H H62 . FUC A 1 . ? 1.549  -3.845 1.318  1.00 0.00 ? 4 FUC A H62 10 
HETATM 847  H H63 . FUC A 1 . ? 1.561  -2.548 0.133  1.00 0.00 ? 4 FUC A H63 10 
HETATM 848  H HO2 . FUC A 1 . ? -1.667 -0.784 5.991  1.00 0.00 ? 4 FUC A HO2 10 
HETATM 849  H HO3 . FUC A 1 . ? -3.040 -2.058 4.942  1.00 0.00 ? 4 FUC A HO3 10 
HETATM 850  H HO4 . FUC A 1 . ? -0.843 -4.405 4.017  1.00 0.00 ? 4 FUC A HO4 10 
HETATM 851  C C2  . BGC A 1 . ? 0.988  2.827  2.970  1.00 0.00 ? 1 BGC A C2  11 
HETATM 852  C C3  . BGC A 1 . ? 0.778  1.571  2.106  1.00 0.00 ? 1 BGC A C3  11 
HETATM 853  C C4  . BGC A 1 . ? 0.151  1.945  0.754  1.00 0.00 ? 1 BGC A C4  11 
HETATM 854  C C5  . BGC A 1 . ? 1.017  2.988  0.031  1.00 0.00 ? 1 BGC A C5  11 
HETATM 855  C C6  . BGC A 1 . ? 0.413  3.433  -1.314 1.00 0.00 ? 1 BGC A C6  11 
HETATM 856  C C1  . BGC A 1 . ? 1.825  3.875  2.199  1.00 0.00 ? 1 BGC A C1  11 
HETATM 857  O O1  . BGC A 1 . ? 1.905  5.081  2.970  1.00 0.00 ? 1 BGC A O1  11 
HETATM 858  O O2  . BGC A 1 . ? 1.681  2.477  4.201  1.00 0.00 ? 1 BGC A O2  11 
HETATM 859  O O3  . BGC A 1 . ? -0.128 0.631  2.809  1.00 0.00 ? 1 BGC A O3  11 
HETATM 860  O O4  . BGC A 1 . ? 0.079  0.734  -0.086 1.00 0.00 ? 1 BGC A O4  11 
HETATM 861  O O5  . BGC A 1 . ? 1.180  4.168  0.913  1.00 0.00 ? 1 BGC A O5  11 
HETATM 862  O O6  . BGC A 1 . ? 1.248  4.436  -1.938 1.00 0.00 ? 1 BGC A O6  11 
HETATM 863  H H2  . BGC A 1 . ? 0.017  3.257  3.222  1.00 0.00 ? 1 BGC A H2  11 
HETATM 864  H H3  . BGC A 1 . ? 1.740  1.089  1.922  1.00 0.00 ? 1 BGC A H3  11 
HETATM 865  H H4  . BGC A 1 . ? -0.848 2.350  0.919  1.00 0.00 ? 1 BGC A H4  11 
HETATM 866  H H5  . BGC A 1 . ? 2.003  2.557  -0.155 1.00 0.00 ? 1 BGC A H5  11 
HETATM 867  H H61 . BGC A 1 . ? 0.326  2.580  -1.988 1.00 0.00 ? 1 BGC A H61 11 
HETATM 868  H H62 . BGC A 1 . ? -0.585 3.846  -1.159 1.00 0.00 ? 1 BGC A H62 11 
HETATM 869  H H1  . BGC A 1 . ? 2.832  3.499  2.015  1.00 0.00 ? 1 BGC A H1  11 
HETATM 870  H HO1 . BGC A 1 . ? 2.243  4.837  3.855  1.00 0.00 ? 1 BGC A HO1 11 
HETATM 871  H HO2 . BGC A 1 . ? 1.042  2.062  4.811  1.00 0.00 ? 1 BGC A HO2 11 
HETATM 872  H HO6 . BGC A 1 . ? 2.154  4.087  -2.036 1.00 0.00 ? 1 BGC A HO6 11 
HETATM 873  C C1  . GAL A 1 . ? -1.245 0.466  -0.671 1.00 0.00 ? 2 GAL A C1  11 
HETATM 874  C C2  . GAL A 1 . ? -1.104 -0.678 -1.693 1.00 0.00 ? 2 GAL A C2  11 
HETATM 875  C C3  . GAL A 1 . ? -2.480 -1.190 -2.158 1.00 0.00 ? 2 GAL A C3  11 
HETATM 876  C C4  . GAL A 1 . ? -3.392 -1.541 -0.972 1.00 0.00 ? 2 GAL A C4  11 
HETATM 877  C C5  . GAL A 1 . ? -3.541 -0.318 -0.057 1.00 0.00 ? 2 GAL A C5  11 
HETATM 878  C C6  . GAL A 1 . ? -4.438 -0.593 1.161  1.00 0.00 ? 2 GAL A C6  11 
HETATM 879  O O2  . GAL A 1 . ? -0.360 -0.155 -2.866 1.00 0.00 ? 2 GAL A O2  11 
HETATM 880  O O3  . GAL A 1 . ? -2.330 -2.364 -3.006 1.00 0.00 ? 2 GAL A O3  11 
HETATM 881  O O4  . GAL A 1 . ? -2.806 -2.636 -0.222 1.00 0.00 ? 2 GAL A O4  11 
HETATM 882  O O5  . GAL A 1 . ? -2.196 0.107  0.395  1.00 0.00 ? 2 GAL A O5  11 
HETATM 883  O O6  . GAL A 1 . ? -4.635 0.629  1.906  1.00 0.00 ? 2 GAL A O6  11 
HETATM 884  H H1  . GAL A 1 . ? -1.598 1.365  -1.179 1.00 0.00 ? 2 GAL A H1  11 
HETATM 885  H H2  . GAL A 1 . ? -0.548 -1.493 -1.229 1.00 0.00 ? 2 GAL A H2  11 
HETATM 886  H H3  . GAL A 1 . ? -2.960 -0.405 -2.744 1.00 0.00 ? 2 GAL A H3  11 
HETATM 887  H H4  . GAL A 1 . ? -4.374 -1.845 -1.337 1.00 0.00 ? 2 GAL A H4  11 
HETATM 888  H H5  . GAL A 1 . ? -3.984 0.492  -0.637 1.00 0.00 ? 2 GAL A H5  11 
HETATM 889  H H61 . GAL A 1 . ? -5.407 -0.971 0.833  1.00 0.00 ? 2 GAL A H61 11 
HETATM 890  H H62 . GAL A 1 . ? -3.984 -1.340 1.812  1.00 0.00 ? 2 GAL A H62 11 
HETATM 891  H HO3 . GAL A 1 . ? -3.204 -2.617 -3.365 1.00 0.00 ? 2 GAL A HO3 11 
HETATM 892  H HO4 . GAL A 1 . ? -2.695 -3.398 -0.825 1.00 0.00 ? 2 GAL A HO4 11 
HETATM 893  H HO6 . GAL A 1 . ? -5.076 1.280  1.328  1.00 0.00 ? 2 GAL A HO6 11 
HETATM 894  C C1  . FUC A 1 . ? 0.645  -1.102 -3.380 1.00 0.00 ? 3 FUC A C1  11 
HETATM 895  C C2  . FUC A 1 . ? 1.176  -0.637 -4.761 1.00 0.00 ? 3 FUC A C2  11 
HETATM 896  C C3  . FUC A 1 . ? 2.094  0.598  -4.626 1.00 0.00 ? 3 FUC A C3  11 
HETATM 897  C C4  . FUC A 1 . ? 3.204  0.364  -3.585 1.00 0.00 ? 3 FUC A C4  11 
HETATM 898  C C5  . FUC A 1 . ? 2.565  -0.032 -2.241 1.00 0.00 ? 3 FUC A C5  11 
HETATM 899  C C6  . FUC A 1 . ? 3.556  -0.270 -1.104 1.00 0.00 ? 3 FUC A C6  11 
HETATM 900  O O2  . FUC A 1 . ? 0.060  -0.302 -5.647 1.00 0.00 ? 3 FUC A O2  11 
HETATM 901  O O3  . FUC A 1 . ? 2.699  0.946  -5.909 1.00 0.00 ? 3 FUC A O3  11 
HETATM 902  O O4  . FUC A 1 . ? 4.093  -0.689 -4.047 1.00 0.00 ? 3 FUC A O4  11 
HETATM 903  O O5  . FUC A 1 . ? 1.745  -1.248 -2.409 1.00 0.00 ? 3 FUC A O5  11 
HETATM 904  H H1  . FUC A 1 . ? 0.182  -2.072 -3.518 1.00 0.00 ? 3 FUC A H1  11 
HETATM 905  H H2  . FUC A 1 . ? 1.731  -1.465 -5.203 1.00 0.00 ? 3 FUC A H2  11 
HETATM 906  H H3  . FUC A 1 . ? 1.492  1.446  -4.294 1.00 0.00 ? 3 FUC A H3  11 
HETATM 907  H H4  . FUC A 1 . ? 3.780  1.282  -3.457 1.00 0.00 ? 3 FUC A H4  11 
HETATM 908  H H5  . FUC A 1 . ? 1.897  0.772  -1.941 1.00 0.00 ? 3 FUC A H5  11 
HETATM 909  H H61 . FUC A 1 . ? 3.034  -0.468 -0.167 1.00 0.00 ? 3 FUC A H61 11 
HETATM 910  H H62 . FUC A 1 . ? 4.188  0.603  -0.944 1.00 0.00 ? 3 FUC A H62 11 
HETATM 911  H H63 . FUC A 1 . ? 4.208  -1.121 -1.303 1.00 0.00 ? 3 FUC A H63 11 
HETATM 912  H HO2 . FUC A 1 . ? -0.551 0.261  -5.130 1.00 0.00 ? 3 FUC A HO2 11 
HETATM 913  H HO3 . FUC A 1 . ? 1.983  1.008  -6.575 1.00 0.00 ? 3 FUC A HO3 11 
HETATM 914  H HO4 . FUC A 1 . ? 4.420  -0.435 -4.935 1.00 0.00 ? 3 FUC A HO4 11 
HETATM 915  C C1  . FUC A 1 . ? 0.551  -0.484 3.495  1.00 0.00 ? 4 FUC A C1  11 
HETATM 916  C C2  . FUC A 1 . ? -0.435 -1.193 4.457  1.00 0.00 ? 4 FUC A C2  11 
HETATM 917  C C3  . FUC A 1 . ? -1.488 -1.973 3.650  1.00 0.00 ? 4 FUC A C3  11 
HETATM 918  C C4  . FUC A 1 . ? -0.821 -2.975 2.692  1.00 0.00 ? 4 FUC A C4  11 
HETATM 919  C C5  . FUC A 1 . ? 0.135  -2.229 1.743  1.00 0.00 ? 4 FUC A C5  11 
HETATM 920  C C6  . FUC A 1 . ? 0.899  -3.129 0.777  1.00 0.00 ? 4 FUC A C6  11 
HETATM 921  O O2  . FUC A 1 . ? -1.112 -0.205 5.298  1.00 0.00 ? 4 FUC A O2  11 
HETATM 922  O O3  . FUC A 1 . ? -2.409 -2.686 4.533  1.00 0.00 ? 4 FUC A O3  11 
HETATM 923  O O4  . FUC A 1 . ? -0.087 -3.967 3.463  1.00 0.00 ? 4 FUC A O4  11 
HETATM 924  O O5  . FUC A 1 . ? 1.121  -1.433 2.516  1.00 0.00 ? 4 FUC A O5  11 
HETATM 925  H H1  . FUC A 1 . ? 1.358  -0.082 4.098  1.00 0.00 ? 4 FUC A H1  11 
HETATM 926  H H2  . FUC A 1 . ? 0.121  -1.875 5.102  1.00 0.00 ? 4 FUC A H2  11 
HETATM 927  H H3  . FUC A 1 . ? -2.055 -1.255 3.058  1.00 0.00 ? 4 FUC A H3  11 
HETATM 928  H H4  . FUC A 1 . ? -1.587 -3.485 2.105  1.00 0.00 ? 4 FUC A H4  11 
HETATM 929  H H5  . FUC A 1 . ? -0.460 -1.542 1.149  1.00 0.00 ? 4 FUC A H5  11 
HETATM 930  H H61 . FUC A 1 . ? 1.571  -3.812 1.297  1.00 0.00 ? 4 FUC A H61 11 
HETATM 931  H H62 . FUC A 1 . ? 1.506  -2.539 0.090  1.00 0.00 ? 4 FUC A H62 11 
HETATM 932  H H63 . FUC A 1 . ? 0.216  -3.730 0.175  1.00 0.00 ? 4 FUC A H63 11 
HETATM 933  H HO2 . FUC A 1 . ? -1.474 0.478  4.698  1.00 0.00 ? 4 FUC A HO2 11 
HETATM 934  H HO3 . FUC A 1 . ? -2.732 -2.054 5.206  1.00 0.00 ? 4 FUC A HO3 11 
HETATM 935  H HO4 . FUC A 1 . ? -0.717 -4.389 4.085  1.00 0.00 ? 4 FUC A HO4 11 
HETATM 936  C C2  . BGC A 1 . ? 1.074  2.711  2.954  1.00 0.00 ? 1 BGC A C2  12 
HETATM 937  C C3  . BGC A 1 . ? 0.781  1.481  2.075  1.00 0.00 ? 1 BGC A C3  12 
HETATM 938  C C4  . BGC A 1 . ? 0.131  1.894  0.749  1.00 0.00 ? 1 BGC A C4  12 
HETATM 939  C C5  . BGC A 1 . ? 0.996  2.929  0.019  1.00 0.00 ? 1 BGC A C5  12 
HETATM 940  C C6  . BGC A 1 . ? 0.365  3.425  -1.290 1.00 0.00 ? 1 BGC A C6  12 
HETATM 941  C C1  . BGC A 1 . ? 1.893  3.764  2.167  1.00 0.00 ? 1 BGC A C1  12 
HETATM 942  O O1  . BGC A 1 . ? 2.023  4.960  2.948  1.00 0.00 ? 1 BGC A O1  12 
HETATM 943  O O2  . BGC A 1 . ? 1.822  2.303  4.134  1.00 0.00 ? 1 BGC A O2  12 
HETATM 944  O O3  . BGC A 1 . ? -0.151 0.570  2.782  1.00 0.00 ? 1 BGC A O3  12 
HETATM 945  O O4  . BGC A 1 . ? 0.015  0.700  -0.111 1.00 0.00 ? 1 BGC A O4  12 
HETATM 946  O O5  . BGC A 1 . ? 1.207  4.091  0.915  1.00 0.00 ? 1 BGC A O5  12 
HETATM 947  O O6  . BGC A 1 . ? 1.230  4.406  -1.898 1.00 0.00 ? 1 BGC A O6  12 
HETATM 948  H H2  . BGC A 1 . ? 0.126  3.152  3.268  1.00 0.00 ? 1 BGC A H2  12 
HETATM 949  H H3  . BGC A 1 . ? 1.715  0.959  1.856  1.00 0.00 ? 1 BGC A H3  12 
HETATM 950  H H4  . BGC A 1 . ? -0.855 2.318  0.948  1.00 0.00 ? 1 BGC A H4  12 
HETATM 951  H H5  . BGC A 1 . ? 1.966  2.484  -0.206 1.00 0.00 ? 1 BGC A H5  12 
HETATM 952  H H61 . BGC A 1 . ? 0.226  2.597  -1.986 1.00 0.00 ? 1 BGC A H61 12 
HETATM 953  H H62 . BGC A 1 . ? -0.610 3.873  -1.093 1.00 0.00 ? 1 BGC A H62 12 
HETATM 954  H H1  . BGC A 1 . ? 2.888  3.379  1.941  1.00 0.00 ? 1 BGC A H1  12 
HETATM 955  H HO1 . BGC A 1 . ? 1.162  5.418  2.945  1.00 0.00 ? 1 BGC A HO1 12 
HETATM 956  H HO2 . BGC A 1 . ? 2.056  3.111  4.634  1.00 0.00 ? 1 BGC A HO2 12 
HETATM 957  H HO6 . BGC A 1 . ? 1.408  5.102  -1.234 1.00 0.00 ? 1 BGC A HO6 12 
HETATM 958  C C1  . GAL A 1 . ? -1.323 0.471  -0.673 1.00 0.00 ? 2 GAL A C1  12 
HETATM 959  C C2  . GAL A 1 . ? -1.229 -0.667 -1.711 1.00 0.00 ? 2 GAL A C2  12 
HETATM 960  C C3  . GAL A 1 . ? -2.633 -1.095 -2.175 1.00 0.00 ? 2 GAL A C3  12 
HETATM 961  C C4  . GAL A 1 . ? -3.529 -1.470 -0.986 1.00 0.00 ? 2 GAL A C4  12 
HETATM 962  C C5  . GAL A 1 . ? -3.625 -0.275 -0.028 1.00 0.00 ? 2 GAL A C5  12 
HETATM 963  C C6  . GAL A 1 . ? -4.491 -0.557 1.206  1.00 0.00 ? 2 GAL A C6  12 
HETATM 964  O O2  . GAL A 1 . ? -0.466 -0.180 -2.884 1.00 0.00 ? 2 GAL A O2  12 
HETATM 965  O O3  . GAL A 1 . ? -2.564 -2.221 -3.093 1.00 0.00 ? 2 GAL A O3  12 
HETATM 966  O O4  . GAL A 1 . ? -2.958 -2.606 -0.288 1.00 0.00 ? 2 GAL A O4  12 
HETATM 967  O O5  . GAL A 1 . ? -2.262 0.111  0.405  1.00 0.00 ? 2 GAL A O5  12 
HETATM 968  O O6  . GAL A 1 . ? -4.561 0.639  2.009  1.00 0.00 ? 2 GAL A O6  12 
HETATM 969  H H1  . GAL A 1 . ? -1.668 1.382  -1.160 1.00 0.00 ? 2 GAL A H1  12 
HETATM 970  H H2  . GAL A 1 . ? -0.715 -1.516 -1.257 1.00 0.00 ? 2 GAL A H2  12 
HETATM 971  H H3  . GAL A 1 . ? -3.097 -0.259 -2.702 1.00 0.00 ? 2 GAL A H3  12 
HETATM 972  H H4  . GAL A 1 . ? -4.527 -1.735 -1.341 1.00 0.00 ? 2 GAL A H4  12 
HETATM 973  H H5  . GAL A 1 . ? -4.065 0.565  -0.571 1.00 0.00 ? 2 GAL A H5  12 
HETATM 974  H H61 . GAL A 1 . ? -5.498 -0.845 0.903  1.00 0.00 ? 2 GAL A H61 12 
HETATM 975  H H62 . GAL A 1 . ? -4.066 -1.366 1.800  1.00 0.00 ? 2 GAL A H62 12 
HETATM 976  H HO3 . GAL A 1 . ? -2.186 -1.914 -3.940 1.00 0.00 ? 2 GAL A HO3 12 
HETATM 977  H HO4 . GAL A 1 . ? -2.894 -3.350 -0.920 1.00 0.00 ? 2 GAL A HO4 12 
HETATM 978  H HO6 . GAL A 1 . ? -3.644 0.922  2.188  1.00 0.00 ? 2 GAL A HO6 12 
HETATM 979  C C1  . FUC A 1 . ? 0.561  -1.131 -3.344 1.00 0.00 ? 3 FUC A C1  12 
HETATM 980  C C2  . FUC A 1 . ? 1.081  -0.767 -4.760 1.00 0.00 ? 3 FUC A C2  12 
HETATM 981  C C3  . FUC A 1 . ? 1.944  0.514  -4.723 1.00 0.00 ? 3 FUC A C3  12 
HETATM 982  C C4  . FUC A 1 . ? 3.072  0.382  -3.682 1.00 0.00 ? 3 FUC A C4  12 
HETATM 983  C C5  . FUC A 1 . ? 2.460  0.061  -2.303 1.00 0.00 ? 3 FUC A C5  12 
HETATM 984  C C6  . FUC A 1 . ? 3.462  -0.075 -1.160 1.00 0.00 ? 3 FUC A C6  12 
HETATM 985  O O2  . FUC A 1 . ? -0.033 -0.573 -5.687 1.00 0.00 ? 3 FUC A O2  12 
HETATM 986  O O3  . FUC A 1 . ? 2.535  0.783  -6.030 1.00 0.00 ? 3 FUC A O3  12 
HETATM 987  O O4  . FUC A 1 . ? 3.972  -0.684 -4.097 1.00 0.00 ? 3 FUC A O4  12 
HETATM 988  O O5  . FUC A 1 . ? 1.671  -1.185 -2.376 1.00 0.00 ? 3 FUC A O5  12 
HETATM 989  H H1  . FUC A 1 . ? 0.121  -2.121 -3.408 1.00 0.00 ? 3 FUC A H1  12 
HETATM 990  H H2  . FUC A 1 . ? 1.679  -1.607 -5.117 1.00 0.00 ? 3 FUC A H2  12 
HETATM 991  H H3  . FUC A 1 . ? 1.312  1.360  -4.450 1.00 0.00 ? 3 FUC A H3  12 
HETATM 992  H H4  . FUC A 1 . ? 3.628  1.320  -3.625 1.00 0.00 ? 3 FUC A H4  12 
HETATM 993  H H5  . FUC A 1 . ? 1.774  0.865  -2.051 1.00 0.00 ? 3 FUC A H5  12 
HETATM 994  H H61 . FUC A 1 . ? 4.138  -0.918 -1.306 1.00 0.00 ? 3 FUC A H61 12 
HETATM 995  H H62 . FUC A 1 . ? 2.951  -0.229 -0.209 1.00 0.00 ? 3 FUC A H62 12 
HETATM 996  H H63 . FUC A 1 . ? 4.069  0.825  -1.059 1.00 0.00 ? 3 FUC A H63 12 
HETATM 997  H HO2 . FUC A 1 . ? 0.355  -0.217 -6.512 1.00 0.00 ? 3 FUC A HO2 12 
HETATM 998  H HO3 . FUC A 1 . ? 3.288  0.169  -6.147 1.00 0.00 ? 3 FUC A HO3 12 
HETATM 999  H HO4 . FUC A 1 . ? 4.752  -0.698 -3.507 1.00 0.00 ? 3 FUC A HO4 12 
HETATM 1000 C C1  . FUC A 1 . ? 0.502  -0.546 3.491  1.00 0.00 ? 4 FUC A C1  12 
HETATM 1001 C C2  . FUC A 1 . ? -0.492 -1.259 4.446  1.00 0.00 ? 4 FUC A C2  12 
HETATM 1002 C C3  . FUC A 1 . ? -1.555 -2.013 3.625  1.00 0.00 ? 4 FUC A C3  12 
HETATM 1003 C C4  . FUC A 1 . ? -0.903 -3.006 2.649  1.00 0.00 ? 4 FUC A C4  12 
HETATM 1004 C C5  . FUC A 1 . ? 0.078  -2.262 1.723  1.00 0.00 ? 4 FUC A C5  12 
HETATM 1005 C C6  . FUC A 1 . ? 0.832  -3.157 0.741  1.00 0.00 ? 4 FUC A C6  12 
HETATM 1006 O O2  . FUC A 1 . ? -1.166 -0.299 5.325  1.00 0.00 ? 4 FUC A O2  12 
HETATM 1007 O O3  . FUC A 1 . ? -2.484 -2.729 4.494  1.00 0.00 ? 4 FUC A O3  12 
HETATM 1008 O O4  . FUC A 1 . ? -0.197 -4.031 3.402  1.00 0.00 ? 4 FUC A O4  12 
HETATM 1009 O O5  . FUC A 1 . ? 1.073  -1.504 2.523  1.00 0.00 ? 4 FUC A O5  12 
HETATM 1010 H H1  . FUC A 1 . ? 1.309  -0.151 4.103  1.00 0.00 ? 4 FUC A H1  12 
HETATM 1011 H H2  . FUC A 1 . ? 0.061  -1.964 5.069  1.00 0.00 ? 4 FUC A H2  12 
HETATM 1012 H H3  . FUC A 1 . ? -2.114 -1.275 3.048  1.00 0.00 ? 4 FUC A H3  12 
HETATM 1013 H H4  . FUC A 1 . ? -1.676 -3.485 2.045  1.00 0.00 ? 4 FUC A H4  12 
HETATM 1014 H H5  . FUC A 1 . ? -0.497 -1.551 1.136  1.00 0.00 ? 4 FUC A H5  12 
HETATM 1015 H H61 . FUC A 1 . ? 1.482  -3.869 1.253  1.00 0.00 ? 4 FUC A H61 12 
HETATM 1016 H H62 . FUC A 1 . ? 1.460  -2.564 0.078  1.00 0.00 ? 4 FUC A H62 12 
HETATM 1017 H H63 . FUC A 1 . ? 0.142  -3.725 0.118  1.00 0.00 ? 4 FUC A H63 12 
HETATM 1018 H HO2 . FUC A 1 . ? -0.477 0.208  5.800  1.00 0.00 ? 4 FUC A HO2 12 
HETATM 1019 H HO3 . FUC A 1 . ? -2.796 -2.102 5.177  1.00 0.00 ? 4 FUC A HO3 12 
HETATM 1020 H HO4 . FUC A 1 . ? -0.839 -4.445 4.015  1.00 0.00 ? 4 FUC A HO4 12 
HETATM 1021 C C2  . BGC A 1 . ? 1.037  2.796  2.941  1.00 0.00 ? 1 BGC A C2  13 
HETATM 1022 C C3  . BGC A 1 . ? 0.754  1.542  2.093  1.00 0.00 ? 1 BGC A C3  13 
HETATM 1023 C C4  . BGC A 1 . ? 0.151  1.922  0.735  1.00 0.00 ? 1 BGC A C4  13 
HETATM 1024 C C5  . BGC A 1 . ? 1.056  2.919  0.002  1.00 0.00 ? 1 BGC A C5  13 
HETATM 1025 C C6  . BGC A 1 . ? 0.484  3.369  -1.350 1.00 0.00 ? 1 BGC A C6  13 
HETATM 1026 C C1  . BGC A 1 . ? 1.879  3.825  2.149  1.00 0.00 ? 1 BGC A C1  13 
HETATM 1027 O O1  . BGC A 1 . ? 1.966  5.042  2.899  1.00 0.00 ? 1 BGC A O1  13 
HETATM 1028 O O2  . BGC A 1 . ? 1.758  2.421  4.149  1.00 0.00 ? 1 BGC A O2  13 
HETATM 1029 O O3  . BGC A 1 . ? -0.215 0.665  2.797  1.00 0.00 ? 1 BGC A O3  13 
HETATM 1030 O O4  . BGC A 1 . ? 0.049  0.703  -0.089 1.00 0.00 ? 1 BGC A O4  13 
HETATM 1031 O O5  . BGC A 1 . ? 1.243  4.111  0.861  1.00 0.00 ? 1 BGC A O5  13 
HETATM 1032 O O6  . BGC A 1 . ? 1.389  4.311  -1.964 1.00 0.00 ? 1 BGC A O6  13 
HETATM 1033 H H2  . BGC A 1 . ? 0.085  3.251  3.220  1.00 0.00 ? 1 BGC A H2  13 
HETATM 1034 H H3  . BGC A 1 . ? 1.687  1.002  1.919  1.00 0.00 ? 1 BGC A H3  13 
HETATM 1035 H H4  . BGC A 1 . ? -0.835 2.363  0.889  1.00 0.00 ? 1 BGC A H4  13 
HETATM 1036 H H5  . BGC A 1 . ? 2.030  2.456  -0.166 1.00 0.00 ? 1 BGC A H5  13 
HETATM 1037 H H61 . BGC A 1 . ? 0.359  2.516  -2.017 1.00 0.00 ? 1 BGC A H61 13 
HETATM 1038 H H62 . BGC A 1 . ? -0.490 3.839  -1.210 1.00 0.00 ? 1 BGC A H62 13 
HETATM 1039 H H1  . BGC A 1 . ? 2.885  3.441  1.970  1.00 0.00 ? 1 BGC A H1  13 
HETATM 1040 H HO1 . BGC A 1 . ? 2.422  5.702  2.342  1.00 0.00 ? 1 BGC A HO1 13 
HETATM 1041 H HO2 . BGC A 1 . ? 1.970  3.242  4.637  1.00 0.00 ? 1 BGC A HO2 13 
HETATM 1042 H HO6 . BGC A 1 . ? 1.546  5.035  -1.325 1.00 0.00 ? 1 BGC A HO6 13 
HETATM 1043 C C1  . GAL A 1 . ? -1.269 0.467  -0.693 1.00 0.00 ? 2 GAL A C1  13 
HETATM 1044 C C2  . GAL A 1 . ? -1.130 -0.689 -1.706 1.00 0.00 ? 2 GAL A C2  13 
HETATM 1045 C C3  . GAL A 1 . ? -2.502 -1.193 -2.188 1.00 0.00 ? 2 GAL A C3  13 
HETATM 1046 C C4  . GAL A 1 . ? -3.438 -1.517 -1.012 1.00 0.00 ? 2 GAL A C4  13 
HETATM 1047 C C5  . GAL A 1 . ? -3.587 -0.277 -0.122 1.00 0.00 ? 2 GAL A C5  13 
HETATM 1048 C C6  . GAL A 1 . ? -4.510 -0.506 1.083  1.00 0.00 ? 2 GAL A C6  13 
HETATM 1049 O O2  . GAL A 1 . ? -0.365 -0.180 -2.872 1.00 0.00 ? 2 GAL A O2  13 
HETATM 1050 O O3  . GAL A 1 . ? -2.351 -2.381 -3.015 1.00 0.00 ? 2 GAL A O3  13 
HETATM 1051 O O4  . GAL A 1 . ? -2.876 -2.603 -0.233 1.00 0.00 ? 2 GAL A O4  13 
HETATM 1052 O O5  . GAL A 1 . ? -2.249 0.136  0.357  1.00 0.00 ? 2 GAL A O5  13 
HETATM 1053 O O6  . GAL A 1 . ? -4.625 0.727  1.822  1.00 0.00 ? 2 GAL A O6  13 
HETATM 1054 H H1  . GAL A 1 . ? -1.592 1.368  -1.214 1.00 0.00 ? 2 GAL A H1  13 
HETATM 1055 H H2  . GAL A 1 . ? -0.588 -1.507 -1.228 1.00 0.00 ? 2 GAL A H2  13 
HETATM 1056 H H3  . GAL A 1 . ? -2.965 -0.412 -2.792 1.00 0.00 ? 2 GAL A H3  13 
HETATM 1057 H H4  . GAL A 1 . ? -4.418 -1.817 -1.388 1.00 0.00 ? 2 GAL A H4  13 
HETATM 1058 H H5  . GAL A 1 . ? -4.004 0.533  -0.725 1.00 0.00 ? 2 GAL A H5  13 
HETATM 1059 H H61 . GAL A 1 . ? -5.500 -0.817 0.747  1.00 0.00 ? 2 GAL A H61 13 
HETATM 1060 H H62 . GAL A 1 . ? -4.108 -1.282 1.735  1.00 0.00 ? 2 GAL A H62 13 
HETATM 1061 H HO3 . GAL A 1 . ? -3.220 -2.631 -3.387 1.00 0.00 ? 2 GAL A HO3 13 
HETATM 1062 H HO4 . GAL A 1 . ? -2.762 -3.377 -0.820 1.00 0.00 ? 2 GAL A HO4 13 
HETATM 1063 H HO6 . GAL A 1 . ? -3.721 1.026  2.032  1.00 0.00 ? 2 GAL A HO6 13 
HETATM 1064 C C1  . FUC A 1 . ? 0.648  -1.131 -3.361 1.00 0.00 ? 3 FUC A C1  13 
HETATM 1065 C C2  . FUC A 1 . ? 1.199  -0.679 -4.739 1.00 0.00 ? 3 FUC A C2  13 
HETATM 1066 C C3  . FUC A 1 . ? 2.115  0.558  -4.600 1.00 0.00 ? 3 FUC A C3  13 
HETATM 1067 C C4  . FUC A 1 . ? 3.211  0.331  -3.544 1.00 0.00 ? 3 FUC A C4  13 
HETATM 1068 C C5  . FUC A 1 . ? 2.556  -0.057 -2.205 1.00 0.00 ? 3 FUC A C5  13 
HETATM 1069 C C6  . FUC A 1 . ? 3.533  -0.289 -1.056 1.00 0.00 ? 3 FUC A C6  13 
HETATM 1070 O O2  . FUC A 1 . ? 0.097  -0.351 -5.642 1.00 0.00 ? 3 FUC A O2  13 
HETATM 1071 O O3  . FUC A 1 . ? 2.736  0.897  -5.877 1.00 0.00 ? 3 FUC A O3  13 
HETATM 1072 O O4  . FUC A 1 . ? 4.105  -0.727 -3.987 1.00 0.00 ? 3 FUC A O4  13 
HETATM 1073 O O5  . FUC A 1 . ? 1.733  -1.272 -2.374 1.00 0.00 ? 3 FUC A O5  13 
HETATM 1074 H H1  . FUC A 1 . ? 0.184  -2.102 -3.499 1.00 0.00 ? 3 FUC A H1  13 
HETATM 1075 H H2  . FUC A 1 . ? 1.759  -1.511 -5.164 1.00 0.00 ? 3 FUC A H2  13 
HETATM 1076 H H3  . FUC A 1 . ? 1.508  1.408  -4.281 1.00 0.00 ? 3 FUC A H3  13 
HETATM 1077 H H4  . FUC A 1 . ? 3.786  1.248  -3.414 1.00 0.00 ? 3 FUC A H4  13 
HETATM 1078 H H5  . FUC A 1 . ? 1.888  0.750  -1.919 1.00 0.00 ? 3 FUC A H5  13 
HETATM 1079 H H61 . FUC A 1 . ? 4.186  -1.142 -1.240 1.00 0.00 ? 3 FUC A H61 13 
HETATM 1080 H H62 . FUC A 1 . ? 2.999  -0.480 -0.123 1.00 0.00 ? 3 FUC A H62 13 
HETATM 1081 H H63 . FUC A 1 . ? 4.165  0.585  -0.893 1.00 0.00 ? 3 FUC A H63 13 
HETATM 1082 H HO2 . FUC A 1 . ? -0.523 0.217  -5.140 1.00 0.00 ? 3 FUC A HO2 13 
HETATM 1083 H HO3 . FUC A 1 . ? 2.029  0.953  -6.552 1.00 0.00 ? 3 FUC A HO3 13 
HETATM 1084 H HO4 . FUC A 1 . ? 4.444  -0.478 -4.873 1.00 0.00 ? 3 FUC A HO4 13 
HETATM 1085 C C1  . FUC A 1 . ? 0.403  -0.433 3.567  1.00 0.00 ? 4 FUC A C1  13 
HETATM 1086 C C2  . FUC A 1 . ? -0.634 -1.118 4.499  1.00 0.00 ? 4 FUC A C2  13 
HETATM 1087 C C3  . FUC A 1 . ? -1.669 -1.885 3.657  1.00 0.00 ? 4 FUC A C3  13 
HETATM 1088 C C4  . FUC A 1 . ? -0.975 -2.915 2.746  1.00 0.00 ? 4 FUC A C4  13 
HETATM 1089 C C5  . FUC A 1 . ? 0.039  -2.196 1.835  1.00 0.00 ? 4 FUC A C5  13 
HETATM 1090 C C6  . FUC A 1 . ? 0.823  -3.112 0.898  1.00 0.00 ? 4 FUC A C6  13 
HETATM 1091 O O2  . FUC A 1 . ? -1.324 -0.135 5.334  1.00 0.00 ? 4 FUC A O2  13 
HETATM 1092 O O3  . FUC A 1 . ? -2.632 -2.578 4.511  1.00 0.00 ? 4 FUC A O3  13 
HETATM 1093 O O4  . FUC A 1 . ? -0.301 -3.897 3.583  1.00 0.00 ? 4 FUC A O4  13 
HETATM 1094 O O5  . FUC A 1 . ? 1.007  -1.424 2.650  1.00 0.00 ? 4 FUC A O5  13 
HETATM 1095 H H1  . FUC A 1 . ? 1.182  -0.023 4.202  1.00 0.00 ? 4 FUC A H1  13 
HETATM 1096 H H2  . FUC A 1 . ? -0.107 -1.812 5.157  1.00 0.00 ? 4 FUC A H2  13 
HETATM 1097 H H3  . FUC A 1 . ? -2.201 -1.165 3.036  1.00 0.00 ? 4 FUC A H3  13 
HETATM 1098 H H4  . FUC A 1 . ? -1.722 -3.423 2.135  1.00 0.00 ? 4 FUC A H4  13 
HETATM 1099 H H5  . FUC A 1 . ? -0.515 -1.499 1.213  1.00 0.00 ? 4 FUC A H5  13 
HETATM 1100 H H61 . FUC A 1 . ? 0.154  -3.705 0.275  1.00 0.00 ? 4 FUC A H61 13 
HETATM 1101 H H62 . FUC A 1 . ? 1.469  -3.800 1.444  1.00 0.00 ? 4 FUC A H62 13 
HETATM 1102 H H63 . FUC A 1 . ? 1.459  -2.533 0.229  1.00 0.00 ? 4 FUC A H63 13 
HETATM 1103 H HO2 . FUC A 1 . ? -2.073 -0.607 5.749  1.00 0.00 ? 4 FUC A HO2 13 
HETATM 1104 H HO3 . FUC A 1 . ? -2.189 -3.371 4.874  1.00 0.00 ? 4 FUC A HO3 13 
HETATM 1105 H HO4 . FUC A 1 . ? 0.022  -4.632 3.025  1.00 0.00 ? 4 FUC A HO4 13 
HETATM 1106 C C2  . BGC A 1 . ? 1.100  2.695  3.001  1.00 0.00 ? 1 BGC A C2  14 
HETATM 1107 C C3  . BGC A 1 . ? 0.801  1.463  2.126  1.00 0.00 ? 1 BGC A C3  14 
HETATM 1108 C C4  . BGC A 1 . ? 0.165  1.876  0.793  1.00 0.00 ? 1 BGC A C4  14 
HETATM 1109 C C5  . BGC A 1 . ? 1.043  2.903  0.066  1.00 0.00 ? 1 BGC A C5  14 
HETATM 1110 C C6  . BGC A 1 . ? 0.423  3.397  -1.249 1.00 0.00 ? 1 BGC A C6  14 
HETATM 1111 C C1  . BGC A 1 . ? 1.931  3.740  2.216  1.00 0.00 ? 1 BGC A C1  14 
HETATM 1112 O O1  . BGC A 1 . ? 2.064  4.938  2.992  1.00 0.00 ? 1 BGC A O1  14 
HETATM 1113 O O2  . BGC A 1 . ? 1.841  2.286  4.185  1.00 0.00 ? 1 BGC A O2  14 
HETATM 1114 O O3  . BGC A 1 . ? -0.149 0.566  2.831  1.00 0.00 ? 1 BGC A O3  14 
HETATM 1115 O O4  . BGC A 1 . ? 0.050  0.678  -0.062 1.00 0.00 ? 1 BGC A O4  14 
HETATM 1116 O O5  . BGC A 1 . ? 1.255  4.065  0.959  1.00 0.00 ? 1 BGC A O5  14 
HETATM 1117 O O6  . BGC A 1 . ? 1.301  4.368  -1.858 1.00 0.00 ? 1 BGC A O6  14 
HETATM 1118 H H2  . BGC A 1 . ? 0.154  3.143  3.309  1.00 0.00 ? 1 BGC A H2  14 
HETATM 1119 H H3  . BGC A 1 . ? 1.731  0.931  1.917  1.00 0.00 ? 1 BGC A H3  14 
HETATM 1120 H H4  . BGC A 1 . ? -0.820 2.305  0.984  1.00 0.00 ? 1 BGC A H4  14 
HETATM 1121 H H5  . BGC A 1 . ? 2.011  2.450  -0.151 1.00 0.00 ? 1 BGC A H5  14 
HETATM 1122 H H61 . BGC A 1 . ? 0.281  2.567  -1.943 1.00 0.00 ? 1 BGC A H61 14 
HETATM 1123 H H62 . BGC A 1 . ? -0.548 3.855  -1.061 1.00 0.00 ? 1 BGC A H62 14 
HETATM 1124 H H1  . BGC A 1 . ? 2.926  3.348  1.996  1.00 0.00 ? 1 BGC A H1  14 
HETATM 1125 H HO1 . BGC A 1 . ? 1.205  5.402  2.982  1.00 0.00 ? 1 BGC A HO1 14 
HETATM 1126 H HO2 . BGC A 1 . ? 2.075  3.093  4.686  1.00 0.00 ? 1 BGC A HO2 14 
HETATM 1127 H HO6 . BGC A 1 . ? 1.478  5.066  -1.196 1.00 0.00 ? 1 BGC A HO6 14 
HETATM 1128 C C1  . GAL A 1 . ? -1.282 0.455  -0.638 1.00 0.00 ? 2 GAL A C1  14 
HETATM 1129 C C2  . GAL A 1 . ? -1.182 -0.682 -1.676 1.00 0.00 ? 2 GAL A C2  14 
HETATM 1130 C C3  . GAL A 1 . ? -2.581 -1.102 -2.158 1.00 0.00 ? 2 GAL A C3  14 
HETATM 1131 C C4  . GAL A 1 . ? -3.495 -1.474 -0.979 1.00 0.00 ? 2 GAL A C4  14 
HETATM 1132 C C5  . GAL A 1 . ? -3.594 -0.278 -0.023 1.00 0.00 ? 2 GAL A C5  14 
HETATM 1133 C C6  . GAL A 1 . ? -4.479 -0.553 1.200  1.00 0.00 ? 2 GAL A C6  14 
HETATM 1134 O O2  . GAL A 1 . ? -0.403 -0.196 -2.840 1.00 0.00 ? 2 GAL A O2  14 
HETATM 1135 O O3  . GAL A 1 . ? -2.507 -2.230 -3.075 1.00 0.00 ? 2 GAL A O3  14 
HETATM 1136 O O4  . GAL A 1 . ? -2.937 -2.613 -0.275 1.00 0.00 ? 2 GAL A O4  14 
HETATM 1137 O O5  . GAL A 1 . ? -2.233 0.098  0.429  1.00 0.00 ? 2 GAL A O5  14 
HETATM 1138 O O6  . GAL A 1 . ? -4.543 0.641  2.004  1.00 0.00 ? 2 GAL A O6  14 
HETATM 1139 H H1  . GAL A 1 . ? -1.618 1.368  -1.128 1.00 0.00 ? 2 GAL A H1  14 
HETATM 1140 H H2  . GAL A 1 . ? -0.676 -1.533 -1.219 1.00 0.00 ? 2 GAL A H2  14 
HETATM 1141 H H3  . GAL A 1 . ? -3.035 -0.264 -2.689 1.00 0.00 ? 2 GAL A H3  14 
HETATM 1142 H H4  . GAL A 1 . ? -4.488 -1.733 -1.346 1.00 0.00 ? 2 GAL A H4  14 
HETATM 1143 H H5  . GAL A 1 . ? -4.020 0.565  -0.570 1.00 0.00 ? 2 GAL A H5  14 
HETATM 1144 H H61 . GAL A 1 . ? -5.486 -0.827 0.883  1.00 0.00 ? 2 GAL A H61 14 
HETATM 1145 H H62 . GAL A 1 . ? -4.072 -1.370 1.796  1.00 0.00 ? 2 GAL A H62 14 
HETATM 1146 H HO3 . GAL A 1 . ? -2.115 -1.923 -3.917 1.00 0.00 ? 2 GAL A HO3 14 
HETATM 1147 H HO4 . GAL A 1 . ? -2.868 -3.356 -0.906 1.00 0.00 ? 2 GAL A HO4 14 
HETATM 1148 H HO6 . GAL A 1 . ? -3.626 0.924  2.178  1.00 0.00 ? 2 GAL A HO6 14 
HETATM 1149 C C1  . FUC A 1 . ? 0.626  -1.152 -3.290 1.00 0.00 ? 3 FUC A C1  14 
HETATM 1150 C C2  . FUC A 1 . ? 1.157  -0.793 -4.703 1.00 0.00 ? 3 FUC A C2  14 
HETATM 1151 C C3  . FUC A 1 . ? 2.009  0.496  -4.659 1.00 0.00 ? 3 FUC A C3  14 
HETATM 1152 C C4  . FUC A 1 . ? 3.126  0.381  -3.604 1.00 0.00 ? 3 FUC A C4  14 
HETATM 1153 C C5  . FUC A 1 . ? 2.513  0.042  -2.230 1.00 0.00 ? 3 FUC A C5  14 
HETATM 1154 C C6  . FUC A 1 . ? 3.521  -0.100 -1.093 1.00 0.00 ? 3 FUC A C6  14 
HETATM 1155 O O2  . FUC A 1 . ? 0.044  -0.619 -5.637 1.00 0.00 ? 3 FUC A O2  14 
HETATM 1156 O O3  . FUC A 1 . ? 2.611  0.783  -5.959 1.00 0.00 ? 3 FUC A O3  14 
HETATM 1157 O O4  . FUC A 1 . ? 4.064  -0.657 -3.999 1.00 0.00 ? 3 FUC A O4  14 
HETATM 1158 O O5  . FUC A 1 . ? 1.727  -1.206 -2.314 1.00 0.00 ? 3 FUC A O5  14 
HETATM 1159 H H1  . FUC A 1 . ? 0.184  -2.139 -3.354 1.00 0.00 ? 3 FUC A H1  14 
HETATM 1160 H H2  . FUC A 1 . ? 1.765  -1.630 -5.046 1.00 0.00 ? 3 FUC A H2  14 
HETATM 1161 H H3  . FUC A 1 . ? 1.367  1.337  -4.386 1.00 0.00 ? 3 FUC A H3  14 
HETATM 1162 H H4  . FUC A 1 . ? 3.659  1.331  -3.535 1.00 0.00 ? 3 FUC A H4  14 
HETATM 1163 H H5  . FUC A 1 . ? 1.825  0.843  -1.971 1.00 0.00 ? 3 FUC A H5  14 
HETATM 1164 H H61 . FUC A 1 . ? 4.122  0.804  -0.985 1.00 0.00 ? 3 FUC A H61 14 
HETATM 1165 H H62 . FUC A 1 . ? 4.203  -0.936 -1.254 1.00 0.00 ? 3 FUC A H62 14 
HETATM 1166 H H63 . FUC A 1 . ? 3.015  -0.270 -0.142 1.00 0.00 ? 3 FUC A H63 14 
HETATM 1167 H HO2 . FUC A 1 . ? 0.426  -0.545 -6.536 1.00 0.00 ? 3 FUC A HO2 14 
HETATM 1168 H HO3 . FUC A 1 . ? 1.906  1.032  -6.591 1.00 0.00 ? 3 FUC A HO3 14 
HETATM 1169 H HO4 . FUC A 1 . ? 4.374  -0.445 -4.904 1.00 0.00 ? 3 FUC A HO4 14 
HETATM 1170 C C1  . FUC A 1 . ? 0.488  -0.556 3.547  1.00 0.00 ? 4 FUC A C1  14 
HETATM 1171 C C2  . FUC A 1 . ? -0.546 -1.259 4.464  1.00 0.00 ? 4 FUC A C2  14 
HETATM 1172 C C3  . FUC A 1 . ? -1.577 -2.019 3.608  1.00 0.00 ? 4 FUC A C3  14 
HETATM 1173 C C4  . FUC A 1 . ? -0.890 -3.019 2.661  1.00 0.00 ? 4 FUC A C4  14 
HETATM 1174 C C5  . FUC A 1 . ? 0.113  -2.272 1.763  1.00 0.00 ? 4 FUC A C5  14 
HETATM 1175 C C6  . FUC A 1 . ? 0.895  -3.167 0.803  1.00 0.00 ? 4 FUC A C6  14 
HETATM 1176 O O2  . FUC A 1 . ? -1.244 -0.273 5.287  1.00 0.00 ? 4 FUC A O2  14 
HETATM 1177 O O3  . FUC A 1 . ? -2.538 -2.729 4.448  1.00 0.00 ? 4 FUC A O3  14 
HETATM 1178 O O4  . FUC A 1 . ? -0.202 -4.034 3.444  1.00 0.00 ? 4 FUC A O4  14 
HETATM 1179 O O5  . FUC A 1 . ? 1.083  -1.512 2.587  1.00 0.00 ? 4 FUC A O5  14 
HETATM 1180 H H1  . FUC A 1 . ? 1.275  -0.168 4.185  1.00 0.00 ? 4 FUC A H1  14 
HETATM 1181 H H2  . FUC A 1 . ? -0.024 -1.956 5.122  1.00 0.00 ? 4 FUC A H2  14 
HETATM 1182 H H3  . FUC A 1 . ? -2.111 -1.287 3.006  1.00 0.00 ? 4 FUC A H3  14 
HETATM 1183 H H4  . FUC A 1 . ? -1.641 -3.506 2.038  1.00 0.00 ? 4 FUC A H4  14 
HETATM 1184 H H5  . FUC A 1 . ? -0.449 -1.564 1.160  1.00 0.00 ? 4 FUC A H5  14 
HETATM 1185 H H61 . FUC A 1 . ? 1.530  -3.877 1.333  1.00 0.00 ? 4 FUC A H61 14 
HETATM 1186 H H62 . FUC A 1 . ? 1.542  -2.572 0.157  1.00 0.00 ? 4 FUC A H62 14 
HETATM 1187 H H63 . FUC A 1 . ? 0.224  -3.735 0.160  1.00 0.00 ? 4 FUC A H63 14 
HETATM 1188 H HO2 . FUC A 1 . ? -1.519 0.451  4.690  1.00 0.00 ? 4 FUC A HO2 14 
HETATM 1189 H HO3 . FUC A 1 . ? -2.876 -2.101 5.117  1.00 0.00 ? 4 FUC A HO3 14 
HETATM 1190 H HO4 . FUC A 1 . ? -0.861 -4.450 4.038  1.00 0.00 ? 4 FUC A HO4 14 
HETATM 1191 C C2  . BGC A 1 . ? 1.087  2.726  2.988  1.00 0.00 ? 1 BGC A C2  15 
HETATM 1192 C C3  . BGC A 1 . ? 0.798  1.484  2.127  1.00 0.00 ? 1 BGC A C3  15 
HETATM 1193 C C4  . BGC A 1 . ? 0.175  1.881  0.781  1.00 0.00 ? 1 BGC A C4  15 
HETATM 1194 C C5  . BGC A 1 . ? 1.068  2.892  0.050  1.00 0.00 ? 1 BGC A C5  15 
HETATM 1195 C C6  . BGC A 1 . ? 0.472  3.366  -1.283 1.00 0.00 ? 1 BGC A C6  15 
HETATM 1196 C C1  . BGC A 1 . ? 1.929  3.760  2.200  1.00 0.00 ? 1 BGC A C1  15 
HETATM 1197 O O1  . BGC A 1 . ? 2.052  4.969  2.960  1.00 0.00 ? 1 BGC A O1  15 
HETATM 1198 O O2  . BGC A 1 . ? 1.813  2.332  4.186  1.00 0.00 ? 1 BGC A O2  15 
HETATM 1199 O O3  . BGC A 1 . ? -0.157 0.593  2.832  1.00 0.00 ? 1 BGC A O3  15 
HETATM 1200 O O4  . BGC A 1 . ? 0.067  0.672  -0.057 1.00 0.00 ? 1 BGC A O4  15 
HETATM 1201 O O5  . BGC A 1 . ? 1.272  4.068  0.926  1.00 0.00 ? 1 BGC A O5  15 
HETATM 1202 O O6  . BGC A 1 . ? 1.364  4.322  -1.894 1.00 0.00 ? 1 BGC A O6  15 
HETATM 1203 H H2  . BGC A 1 . ? 0.138  3.181  3.279  1.00 0.00 ? 1 BGC A H2  15 
HETATM 1204 H H3  . BGC A 1 . ? 1.731  0.951  1.931  1.00 0.00 ? 1 BGC A H3  15 
HETATM 1205 H H4  . BGC A 1 . ? -0.810 2.316  0.954  1.00 0.00 ? 1 BGC A H4  15 
HETATM 1206 H H5  . BGC A 1 . ? 2.038  2.431  -0.144 1.00 0.00 ? 1 BGC A H5  15 
HETATM 1207 H H61 . BGC A 1 . ? 0.339  2.525  -1.964 1.00 0.00 ? 1 BGC A H61 15 
HETATM 1208 H H62 . BGC A 1 . ? -0.501 3.831  -1.118 1.00 0.00 ? 1 BGC A H62 15 
HETATM 1209 H H1  . BGC A 1 . ? 2.926  3.364  2.000  1.00 0.00 ? 1 BGC A H1  15 
HETATM 1210 H HO1 . BGC A 1 . ? 1.193  5.433  2.931  1.00 0.00 ? 1 BGC A HO1 15 
HETATM 1211 H HO2 . BGC A 1 . ? 2.043  3.145  4.680  1.00 0.00 ? 1 BGC A HO2 15 
HETATM 1212 H HO6 . BGC A 1 . ? 1.534  5.030  -1.240 1.00 0.00 ? 1 BGC A HO6 15 
HETATM 1213 C C1  . GAL A 1 . ? -1.260 0.443  -0.647 1.00 0.00 ? 2 GAL A C1  15 
HETATM 1214 C C2  . GAL A 1 . ? -1.132 -0.694 -1.684 1.00 0.00 ? 2 GAL A C2  15 
HETATM 1215 C C3  . GAL A 1 . ? -2.510 -1.197 -2.154 1.00 0.00 ? 2 GAL A C3  15 
HETATM 1216 C C4  . GAL A 1 . ? -3.430 -1.539 -0.970 1.00 0.00 ? 2 GAL A C4  15 
HETATM 1217 C C5  . GAL A 1 . ? -3.567 -0.312 -0.059 1.00 0.00 ? 2 GAL A C5  15 
HETATM 1218 C C6  . GAL A 1 . ? -4.475 -0.559 1.152  1.00 0.00 ? 2 GAL A C6  15 
HETATM 1219 O O2  . GAL A 1 . ? -0.385 -0.157 -2.848 1.00 0.00 ? 2 GAL A O2  15 
HETATM 1220 O O3  . GAL A 1 . ? -2.367 -2.375 -2.997 1.00 0.00 ? 2 GAL A O3  15 
HETATM 1221 O O4  . GAL A 1 . ? -2.857 -2.635 -0.217 1.00 0.00 ? 2 GAL A O4  15 
HETATM 1222 O O5  . GAL A 1 . ? -2.223 0.091  0.410  1.00 0.00 ? 2 GAL A O5  15 
HETATM 1223 O O6  . GAL A 1 . ? -4.570 0.659  1.918  1.00 0.00 ? 2 GAL A O6  15 
HETATM 1224 H H1  . GAL A 1 . ? -1.593 1.353  -1.146 1.00 0.00 ? 2 GAL A H1  15 
HETATM 1225 H H2  . GAL A 1 . ? -0.578 -1.517 -1.229 1.00 0.00 ? 2 GAL A H2  15 
HETATM 1226 H H3  . GAL A 1 . ? -2.982 -0.409 -2.744 1.00 0.00 ? 2 GAL A H3  15 
HETATM 1227 H H4  . GAL A 1 . ? -4.413 -1.833 -1.339 1.00 0.00 ? 2 GAL A H4  15 
HETATM 1228 H H5  . GAL A 1 . ? -3.990 0.507  -0.643 1.00 0.00 ? 2 GAL A H5  15 
HETATM 1229 H H61 . GAL A 1 . ? -5.472 -0.857 0.823  1.00 0.00 ? 2 GAL A H61 15 
HETATM 1230 H H62 . GAL A 1 . ? -4.071 -1.352 1.784  1.00 0.00 ? 2 GAL A H62 15 
HETATM 1231 H HO3 . GAL A 1 . ? -3.240 -2.620 -3.361 1.00 0.00 ? 2 GAL A HO3 15 
HETATM 1232 H HO4 . GAL A 1 . ? -2.747 -3.397 -0.819 1.00 0.00 ? 2 GAL A HO4 15 
HETATM 1233 H HO6 . GAL A 1 . ? -3.662 0.958  2.105  1.00 0.00 ? 2 GAL A HO6 15 
HETATM 1234 C C1  . FUC A 1 . ? 0.610  -1.101 -3.389 1.00 0.00 ? 3 FUC A C1  15 
HETATM 1235 C C2  . FUC A 1 . ? 1.147  -0.638 -4.772 1.00 0.00 ? 3 FUC A C2  15 
HETATM 1236 C C3  . FUC A 1 . ? 2.039  0.617  -4.626 1.00 0.00 ? 3 FUC A C3  15 
HETATM 1237 C C4  . FUC A 1 . ? 3.154  0.385  -3.591 1.00 0.00 ? 3 FUC A C4  15 
HETATM 1238 C C5  . FUC A 1 . ? 2.534  -0.047 -2.247 1.00 0.00 ? 3 FUC A C5  15 
HETATM 1239 C C6  . FUC A 1 . ? 3.540  -0.301 -1.126 1.00 0.00 ? 3 FUC A C6  15 
HETATM 1240 O O2  . FUC A 1 . ? 0.044  -0.349 -5.688 1.00 0.00 ? 3 FUC A O2  15 
HETATM 1241 O O3  . FUC A 1 . ? 2.647  0.991  -5.902 1.00 0.00 ? 3 FUC A O3  15 
HETATM 1242 O O4  . FUC A 1 . ? 4.061  -0.644 -4.073 1.00 0.00 ? 3 FUC A O4  15 
HETATM 1243 O O5  . FUC A 1 . ? 1.718  -1.265 -2.430 1.00 0.00 ? 3 FUC A O5  15 
HETATM 1244 H H1  . FUC A 1 . ? 0.140  -2.067 -3.533 1.00 0.00 ? 3 FUC A H1  15 
HETATM 1245 H H2  . FUC A 1 . ? 1.729  -1.460 -5.185 1.00 0.00 ? 3 FUC A H2  15 
HETATM 1246 H H3  . FUC A 1 . ? 1.424  1.451  -4.283 1.00 0.00 ? 3 FUC A H3  15 
HETATM 1247 H H4  . FUC A 1 . ? 3.715  1.310  -3.447 1.00 0.00 ? 3 FUC A H4  15 
HETATM 1248 H H5  . FUC A 1 . ? 1.867  0.747  -1.923 1.00 0.00 ? 3 FUC A H5  15 
HETATM 1249 H H61 . FUC A 1 . ? 3.030  -0.518 -0.187 1.00 0.00 ? 3 FUC A H61 15 
HETATM 1250 H H62 . FUC A 1 . ? 4.169  0.572  -0.958 1.00 0.00 ? 3 FUC A H62 15 
HETATM 1251 H H63 . FUC A 1 . ? 4.194  -1.145 -1.348 1.00 0.00 ? 3 FUC A H63 15 
HETATM 1252 H HO2 . FUC A 1 . ? 0.430  -0.220 -6.579 1.00 0.00 ? 3 FUC A HO2 15 
HETATM 1253 H HO3 . FUC A 1 . ? 1.949  1.311  -6.508 1.00 0.00 ? 3 FUC A HO3 15 
HETATM 1254 H HO4 . FUC A 1 . ? 4.374  -0.370 -4.960 1.00 0.00 ? 3 FUC A HO4 15 
HETATM 1255 C C1  . FUC A 1 . ? 0.478  -0.524 3.557  1.00 0.00 ? 4 FUC A C1  15 
HETATM 1256 C C2  . FUC A 1 . ? -0.555 -1.216 4.483  1.00 0.00 ? 4 FUC A C2  15 
HETATM 1257 C C3  . FUC A 1 . ? -1.586 -1.989 3.642  1.00 0.00 ? 4 FUC A C3  15 
HETATM 1258 C C4  . FUC A 1 . ? -0.898 -3.002 2.710  1.00 0.00 ? 4 FUC A C4  15 
HETATM 1259 C C5  . FUC A 1 . ? 0.098  -2.263 1.795  1.00 0.00 ? 4 FUC A C5  15 
HETATM 1260 C C6  . FUC A 1 . ? 0.875  -3.168 0.841  1.00 0.00 ? 4 FUC A C6  15 
HETATM 1261 O O2  . FUC A 1 . ? -1.255 -0.218 5.294  1.00 0.00 ? 4 FUC A O2  15 
HETATM 1262 O O3  . FUC A 1 . ? -2.544 -2.689 4.493  1.00 0.00 ? 4 FUC A O3  15 
HETATM 1263 O O4  . FUC A 1 . ? -0.201 -4.000 3.506  1.00 0.00 ? 4 FUC A O4  15 
HETATM 1264 O O5  . FUC A 1 . ? 1.070  -1.491 2.605  1.00 0.00 ? 4 FUC A O5  15 
HETATM 1265 H H1  . FUC A 1 . ? 1.267  -0.130 4.190  1.00 0.00 ? 4 FUC A H1  15 
HETATM 1266 H H2  . FUC A 1 . ? -0.032 -1.902 5.153  1.00 0.00 ? 4 FUC A H2  15 
HETATM 1267 H H3  . FUC A 1 . ? -2.123 -1.266 3.029  1.00 0.00 ? 4 FUC A H3  15 
HETATM 1268 H H4  . FUC A 1 . ? -1.649 -3.503 2.096  1.00 0.00 ? 4 FUC A H4  15 
HETATM 1269 H H5  . FUC A 1 . ? -0.471 -1.564 1.187  1.00 0.00 ? 4 FUC A H5  15 
HETATM 1270 H H61 . FUC A 1 . ? 0.201  -3.755 0.220  1.00 0.00 ? 4 FUC A H61 15 
HETATM 1271 H H62 . FUC A 1 . ? 1.525  -3.863 1.377  1.00 0.00 ? 4 FUC A H62 15 
HETATM 1272 H H63 . FUC A 1 . ? 1.505  -2.581 0.174  1.00 0.00 ? 4 FUC A H63 15 
HETATM 1273 H HO2 . FUC A 1 . ? -1.528 0.498  4.687  1.00 0.00 ? 4 FUC A HO2 15 
HETATM 1274 H HO3 . FUC A 1 . ? -2.882 -2.051 5.152  1.00 0.00 ? 4 FUC A HO3 15 
HETATM 1275 H HO4 . FUC A 1 . ? -0.857 -4.413 4.106  1.00 0.00 ? 4 FUC A HO4 15 
HETATM 1276 C C2  . BGC A 1 . ? 1.035  2.769  2.914  1.00 0.00 ? 1 BGC A C2  16 
HETATM 1277 C C3  . BGC A 1 . ? 0.747  1.517  2.064  1.00 0.00 ? 1 BGC A C3  16 
HETATM 1278 C C4  . BGC A 1 . ? 0.146  1.902  0.706  1.00 0.00 ? 1 BGC A C4  16 
HETATM 1279 C C5  . BGC A 1 . ? 1.058  2.895  -0.026 1.00 0.00 ? 1 BGC A C5  16 
HETATM 1280 C C6  . BGC A 1 . ? 0.485  3.355  -1.374 1.00 0.00 ? 1 BGC A C6  16 
HETATM 1281 C C1  . BGC A 1 . ? 1.898  3.782  2.123  1.00 0.00 ? 1 BGC A C1  16 
HETATM 1282 O O1  . BGC A 1 . ? 2.024  5.001  2.868  1.00 0.00 ? 1 BGC A O1  16 
HETATM 1283 O O2  . BGC A 1 . ? 1.736  2.386  4.129  1.00 0.00 ? 1 BGC A O2  16 
HETATM 1284 O O3  . BGC A 1 . ? -0.223 0.643  2.768  1.00 0.00 ? 1 BGC A O3  16 
HETATM 1285 O O4  . BGC A 1 . ? 0.033  0.685  -0.119 1.00 0.00 ? 1 BGC A O4  16 
HETATM 1286 O O5  . BGC A 1 . ? 1.263  4.080  0.838  1.00 0.00 ? 1 BGC A O5  16 
HETATM 1287 O O6  . BGC A 1 . ? 1.395  4.293  -1.986 1.00 0.00 ? 1 BGC A O6  16 
HETATM 1288 H H2  . BGC A 1 . ? 0.086  3.237  3.183  1.00 0.00 ? 1 BGC A H2  16 
HETATM 1289 H H3  . BGC A 1 . ? 1.677  0.975  1.889  1.00 0.00 ? 1 BGC A H3  16 
HETATM 1290 H H4  . BGC A 1 . ? -0.837 2.351  0.860  1.00 0.00 ? 1 BGC A H4  16 
HETATM 1291 H H5  . BGC A 1 . ? 2.026  2.421  -0.202 1.00 0.00 ? 1 BGC A H5  16 
HETATM 1292 H H61 . BGC A 1 . ? 0.349  2.507  -2.044 1.00 0.00 ? 1 BGC A H61 16 
HETATM 1293 H H62 . BGC A 1 . ? -0.486 3.833  -1.228 1.00 0.00 ? 1 BGC A H62 16 
HETATM 1294 H H1  . BGC A 1 . ? 2.894  3.374  1.943  1.00 0.00 ? 1 BGC A H1  16 
HETATM 1295 H HO1 . BGC A 1 . ? 1.171  5.472  2.822  1.00 0.00 ? 1 BGC A HO1 16 
HETATM 1296 H HO2 . BGC A 1 . ? 1.969  3.204  4.613  1.00 0.00 ? 1 BGC A HO2 16 
HETATM 1297 H HO6 . BGC A 1 . ? 1.565  5.009  -1.344 1.00 0.00 ? 1 BGC A HO6 16 
HETATM 1298 C C1  . GAL A 1 . ? -1.289 0.461  -0.719 1.00 0.00 ? 2 GAL A C1  16 
HETATM 1299 C C2  . GAL A 1 . ? -1.163 -0.693 -1.735 1.00 0.00 ? 2 GAL A C2  16 
HETATM 1300 C C3  . GAL A 1 . ? -2.544 -1.195 -2.202 1.00 0.00 ? 2 GAL A C3  16 
HETATM 1301 C C4  . GAL A 1 . ? -3.471 -1.515 -1.019 1.00 0.00 ? 2 GAL A C4  16 
HETATM 1302 C C5  . GAL A 1 . ? -3.609 -0.268 -0.136 1.00 0.00 ? 2 GAL A C5  16 
HETATM 1303 C C6  . GAL A 1 . ? -4.526 -0.485 1.076  1.00 0.00 ? 2 GAL A C6  16 
HETATM 1304 O O2  . GAL A 1 . ? -0.410 -0.181 -2.908 1.00 0.00 ? 2 GAL A O2  16 
HETATM 1305 O O3  . GAL A 1 . ? -2.417 -2.377 -3.040 1.00 0.00 ? 2 GAL A O3  16 
HETATM 1306 O O4  . GAL A 1 . ? -2.902 -2.596 -0.232 1.00 0.00 ? 2 GAL A O4  16 
HETATM 1307 O O5  . GAL A 1 . ? -2.267 0.140  0.335  1.00 0.00 ? 2 GAL A O5  16 
HETATM 1308 O O6  . GAL A 1 . ? -4.632 0.753  1.807  1.00 0.00 ? 2 GAL A O6  16 
HETATM 1309 H H1  . GAL A 1 . ? -1.606 1.367  -1.238 1.00 0.00 ? 2 GAL A H1  16 
HETATM 1310 H H2  . GAL A 1 . ? -0.616 -1.512 -1.265 1.00 0.00 ? 2 GAL A H2  16 
HETATM 1311 H H3  . GAL A 1 . ? -3.009 -0.409 -2.797 1.00 0.00 ? 2 GAL A H3  16 
HETATM 1312 H H4  . GAL A 1 . ? -4.454 -1.814 -1.383 1.00 0.00 ? 2 GAL A H4  16 
HETATM 1313 H H5  . GAL A 1 . ? -4.024 0.539  -0.742 1.00 0.00 ? 2 GAL A H5  16 
HETATM 1314 H H61 . GAL A 1 . ? -5.518 -0.796 0.746  1.00 0.00 ? 2 GAL A H61 16 
HETATM 1315 H H62 . GAL A 1 . ? -4.123 -1.259 1.730  1.00 0.00 ? 2 GAL A H62 16 
HETATM 1316 H HO3 . GAL A 1 . ? -2.105 -3.124 -2.495 1.00 0.00 ? 2 GAL A HO3 16 
HETATM 1317 H HO4 . GAL A 1 . ? -3.129 -3.451 -0.646 1.00 0.00 ? 2 GAL A HO4 16 
HETATM 1318 H HO6 . GAL A 1 . ? -3.725 1.048  2.014  1.00 0.00 ? 2 GAL A HO6 16 
HETATM 1319 C C1  . FUC A 1 . ? 0.593  -1.129 -3.423 1.00 0.00 ? 3 FUC A C1  16 
HETATM 1320 C C2  . FUC A 1 . ? 1.137  -0.652 -4.798 1.00 0.00 ? 3 FUC A C2  16 
HETATM 1321 C C3  . FUC A 1 . ? 2.076  0.569  -4.648 1.00 0.00 ? 3 FUC A C3  16 
HETATM 1322 C C4  . FUC A 1 . ? 3.167  0.312  -3.591 1.00 0.00 ? 3 FUC A C4  16 
HETATM 1323 C C5  . FUC A 1 . ? 2.512  -0.088 -2.257 1.00 0.00 ? 3 FUC A C5  16 
HETATM 1324 C C6  . FUC A 1 . ? 3.486  -0.343 -1.110 1.00 0.00 ? 3 FUC A C6  16 
HETATM 1325 O O2  . FUC A 1 . ? 0.016  -0.309 -5.675 1.00 0.00 ? 3 FUC A O2  16 
HETATM 1326 O O3  . FUC A 1 . ? 2.716  0.909  -5.919 1.00 0.00 ? 3 FUC A O3  16 
HETATM 1327 O O4  . FUC A 1 . ? 4.049  -0.751 -4.048 1.00 0.00 ? 3 FUC A O4  16 
HETATM 1328 O O5  . FUC A 1 . ? 1.682  -1.295 -2.445 1.00 0.00 ? 3 FUC A O5  16 
HETATM 1329 H H1  . FUC A 1 . ? 0.124  -2.094 -3.576 1.00 0.00 ? 3 FUC A H1  16 
HETATM 1330 H H2  . FUC A 1 . ? 1.684  -1.482 -5.247 1.00 0.00 ? 3 FUC A H2  16 
HETATM 1331 H H3  . FUC A 1 . ? 1.483  1.427  -4.323 1.00 0.00 ? 3 FUC A H3  16 
HETATM 1332 H H4  . FUC A 1 . ? 3.753  1.220  -3.444 1.00 0.00 ? 3 FUC A H4  16 
HETATM 1333 H H5  . FUC A 1 . ? 1.848  0.720  -1.959 1.00 0.00 ? 3 FUC A H5  16 
HETATM 1334 H H61 . FUC A 1 . ? 2.952  -0.545 -0.181 1.00 0.00 ? 3 FUC A H61 16 
HETATM 1335 H H62 . FUC A 1 . ? 4.124  0.524  -0.936 1.00 0.00 ? 3 FUC A H62 16 
HETATM 1336 H H63 . FUC A 1 . ? 4.134  -1.198 -1.309 1.00 0.00 ? 3 FUC A H63 16 
HETATM 1337 H HO2 . FUC A 1 . ? -0.574 0.281  -5.162 1.00 0.00 ? 3 FUC A HO2 16 
HETATM 1338 H HO3 . FUC A 1 . ? 3.207  1.750  -5.819 1.00 0.00 ? 3 FUC A HO3 16 
HETATM 1339 H HO4 . FUC A 1 . ? 4.386  -0.502 -4.933 1.00 0.00 ? 3 FUC A HO4 16 
HETATM 1340 C C1  . FUC A 1 . ? 0.392  -0.463 3.527  1.00 0.00 ? 4 FUC A C1  16 
HETATM 1341 C C2  . FUC A 1 . ? -0.639 -1.123 4.484  1.00 0.00 ? 4 FUC A C2  16 
HETATM 1342 C C3  . FUC A 1 . ? -1.691 -1.903 3.665  1.00 0.00 ? 4 FUC A C3  16 
HETATM 1343 C C4  . FUC A 1 . ? -1.014 -2.933 2.743  1.00 0.00 ? 4 FUC A C4  16 
HETATM 1344 C C5  . FUC A 1 . ? -0.019 -2.220 1.806  1.00 0.00 ? 4 FUC A C5  16 
HETATM 1345 C C6  . FUC A 1 . ? 0.737  -3.141 0.852  1.00 0.00 ? 4 FUC A C6  16 
HETATM 1346 O O2  . FUC A 1 . ? -1.301 -0.107 5.309  1.00 0.00 ? 4 FUC A O2  16 
HETATM 1347 O O3  . FUC A 1 . ? -2.641 -2.609 4.525  1.00 0.00 ? 4 FUC A O3  16 
HETATM 1348 O O4  . FUC A 1 . ? -0.318 -3.912 3.569  1.00 0.00 ? 4 FUC A O4  16 
HETATM 1349 O O5  . FUC A 1 . ? 0.971  -1.458 2.601  1.00 0.00 ? 4 FUC A O5  16 
HETATM 1350 H H1  . FUC A 1 . ? 1.189  -0.063 4.145  1.00 0.00 ? 4 FUC A H1  16 
HETATM 1351 H H2  . FUC A 1 . ? -0.108 -1.809 5.147  1.00 0.00 ? 4 FUC A H2  16 
HETATM 1352 H H3  . FUC A 1 . ? -2.234 -1.185 3.053  1.00 0.00 ? 4 FUC A H3  16 
HETATM 1353 H H4  . FUC A 1 . ? -1.772 -3.444 2.149  1.00 0.00 ? 4 FUC A H4  16 
HETATM 1354 H H5  . FUC A 1 . ? -0.583 -1.518 1.200  1.00 0.00 ? 4 FUC A H5  16 
HETATM 1355 H H61 . FUC A 1 . ? 0.048  -3.731 0.245  1.00 0.00 ? 4 FUC A H61 16 
HETATM 1356 H H62 . FUC A 1 . ? 1.392  -3.833 1.382  1.00 0.00 ? 4 FUC A H62 16 
HETATM 1357 H H63 . FUC A 1 . ? 1.359  -2.564 0.166  1.00 0.00 ? 4 FUC A H63 16 
HETATM 1358 H HO2 . FUC A 1 . ? -0.606 0.399  5.776  1.00 0.00 ? 4 FUC A HO2 16 
HETATM 1359 H HO3 . FUC A 1 . ? -2.175 -3.378 4.910  1.00 0.00 ? 4 FUC A HO3 16 
HETATM 1360 H HO4 . FUC A 1 . ? -0.006 -4.648 3.006  1.00 0.00 ? 4 FUC A HO4 16 
HETATM 1361 C C2  . BGC A 1 . ? 1.035  2.842  2.906  1.00 0.00 ? 1 BGC A C2  17 
HETATM 1362 C C3  . BGC A 1 . ? 0.800  1.567  2.075  1.00 0.00 ? 1 BGC A C3  17 
HETATM 1363 C C4  . BGC A 1 . ? 0.186  1.919  0.714  1.00 0.00 ? 1 BGC A C4  17 
HETATM 1364 C C5  . BGC A 1 . ? 1.083  2.915  -0.033 1.00 0.00 ? 1 BGC A C5  17 
HETATM 1365 C C6  . BGC A 1 . ? 0.502  3.349  -1.388 1.00 0.00 ? 1 BGC A C6  17 
HETATM 1366 C C1  . BGC A 1 . ? 1.902  3.845  2.111  1.00 0.00 ? 1 BGC A C1  17 
HETATM 1367 O O1  . BGC A 1 . ? 2.007  5.072  2.847  1.00 0.00 ? 1 BGC A O1  17 
HETATM 1368 O O2  . BGC A 1 . ? 1.711  2.509  4.152  1.00 0.00 ? 1 BGC A O2  17 
HETATM 1369 O O3  . BGC A 1 . ? -0.125 0.662  2.798  1.00 0.00 ? 1 BGC A O3  17 
HETATM 1370 O O4  . BGC A 1 . ? 0.089  0.691  -0.096 1.00 0.00 ? 1 BGC A O4  17 
HETATM 1371 O O5  . BGC A 1 . ? 1.276  4.118  0.811  1.00 0.00 ? 1 BGC A O5  17 
HETATM 1372 O O6  . BGC A 1 . ? 1.405  4.281  -2.019 1.00 0.00 ? 1 BGC A O6  17 
HETATM 1373 H H2  . BGC A 1 . ? 0.072  3.302  3.138  1.00 0.00 ? 1 BGC A H2  17 
HETATM 1374 H H3  . BGC A 1 . ? 1.755  1.062  1.907  1.00 0.00 ? 1 BGC A H3  17 
HETATM 1375 H H4  . BGC A 1 . ? -0.804 2.353  0.864  1.00 0.00 ? 1 BGC A H4  17 
HETATM 1376 H H5  . BGC A 1 . ? 2.057  2.453  -0.201 1.00 0.00 ? 1 BGC A H5  17 
HETATM 1377 H H61 . BGC A 1 . ? 0.372  2.488  -2.043 1.00 0.00 ? 1 BGC A H61 17 
HETATM 1378 H H62 . BGC A 1 . ? -0.470 3.822  -1.247 1.00 0.00 ? 1 BGC A H62 17 
HETATM 1379 H H1  . BGC A 1 . ? 2.901  3.439  1.946  1.00 0.00 ? 1 BGC A H1  17 
HETATM 1380 H HO1 . BGC A 1 . ? 2.334  4.846  3.740  1.00 0.00 ? 1 BGC A HO1 17 
HETATM 1381 H HO2 . BGC A 1 . ? 1.058  2.118  4.764  1.00 0.00 ? 1 BGC A HO2 17 
HETATM 1382 H HO6 . BGC A 1 . ? 1.569  5.011  -1.391 1.00 0.00 ? 1 BGC A HO6 17 
HETATM 1383 C C1  . GAL A 1 . ? -1.234 0.447  -0.689 1.00 0.00 ? 2 GAL A C1  17 
HETATM 1384 C C2  . GAL A 1 . ? -1.098 -0.698 -1.714 1.00 0.00 ? 2 GAL A C2  17 
HETATM 1385 C C3  . GAL A 1 . ? -2.472 -1.204 -2.187 1.00 0.00 ? 2 GAL A C3  17 
HETATM 1386 C C4  . GAL A 1 . ? -3.395 -1.544 -1.006 1.00 0.00 ? 2 GAL A C4  17 
HETATM 1387 C C5  . GAL A 1 . ? -3.543 -0.314 -0.100 1.00 0.00 ? 2 GAL A C5  17 
HETATM 1388 C C6  . GAL A 1 . ? -4.456 -0.572 1.108  1.00 0.00 ? 2 GAL A C6  17 
HETATM 1389 O O2  . GAL A 1 . ? -0.347 -0.171 -2.884 1.00 0.00 ? 2 GAL A O2  17 
HETATM 1390 O O3  . GAL A 1 . ? -2.323 -2.383 -3.028 1.00 0.00 ? 2 GAL A O3  17 
HETATM 1391 O O4  . GAL A 1 . ? -2.822 -2.636 -0.244 1.00 0.00 ? 2 GAL A O4  17 
HETATM 1392 O O5  . GAL A 1 . ? -2.200 0.101  0.366  1.00 0.00 ? 2 GAL A O5  17 
HETATM 1393 O O6  . GAL A 1 . ? -4.703 0.673  1.795  1.00 0.00 ? 2 GAL A O6  17 
HETATM 1394 H H1  . GAL A 1 . ? -1.570 1.350  -1.198 1.00 0.00 ? 2 GAL A H1  17 
HETATM 1395 H H2  . GAL A 1 . ? -0.545 -1.517 -1.252 1.00 0.00 ? 2 GAL A H2  17 
HETATM 1396 H H3  . GAL A 1 . ? -2.945 -0.419 -2.779 1.00 0.00 ? 2 GAL A H3  17 
HETATM 1397 H H4  . GAL A 1 . ? -4.376 -1.845 -1.376 1.00 0.00 ? 2 GAL A H4  17 
HETATM 1398 H H5  . GAL A 1 . ? -3.972 0.498  -0.690 1.00 0.00 ? 2 GAL A H5  17 
HETATM 1399 H H61 . GAL A 1 . ? -5.408 -0.986 0.773  1.00 0.00 ? 2 GAL A H61 17 
HETATM 1400 H H62 . GAL A 1 . ? -3.996 -1.284 1.795  1.00 0.00 ? 2 GAL A H62 17 
HETATM 1401 H HO3 . GAL A 1 . ? -3.196 -2.632 -3.392 1.00 0.00 ? 2 GAL A HO3 17 
HETATM 1402 H HO4 . GAL A 1 . ? -2.710 -3.403 -0.840 1.00 0.00 ? 2 GAL A HO4 17 
HETATM 1403 H HO6 . GAL A 1 . ? -5.284 0.494  2.559  1.00 0.00 ? 2 GAL A HO6 17 
HETATM 1404 C C1  . FUC A 1 . ? 0.660  -1.114 -3.400 1.00 0.00 ? 3 FUC A C1  17 
HETATM 1405 C C2  . FUC A 1 . ? 1.193  -0.639 -4.776 1.00 0.00 ? 3 FUC A C2  17 
HETATM 1406 C C3  . FUC A 1 . ? 2.109  0.598  -4.628 1.00 0.00 ? 3 FUC A C3  17 
HETATM 1407 C C4  . FUC A 1 . ? 3.219  0.355  -3.590 1.00 0.00 ? 3 FUC A C4  17 
HETATM 1408 C C5  . FUC A 1 . ? 2.581  -0.055 -2.249 1.00 0.00 ? 3 FUC A C5  17 
HETATM 1409 C C6  . FUC A 1 . ? 3.571  -0.304 -1.115 1.00 0.00 ? 3 FUC A C6  17 
HETATM 1410 O O2  . FUC A 1 . ? 0.080  -0.298 -5.661 1.00 0.00 ? 3 FUC A O2  17 
HETATM 1411 O O3  . FUC A 1 . ? 2.714  0.958  -5.907 1.00 0.00 ? 3 FUC A O3  17 
HETATM 1412 O O4  . FUC A 1 . ? 4.108  -0.693 -4.061 1.00 0.00 ? 3 FUC A O4  17 
HETATM 1413 O O5  . FUC A 1 . ? 1.757  -1.269 -2.427 1.00 0.00 ? 3 FUC A O5  17 
HETATM 1414 H H1  . FUC A 1 . ? 0.196  -2.083 -3.547 1.00 0.00 ? 3 FUC A H1  17 
HETATM 1415 H H2  . FUC A 1 . ? 1.751  -1.462 -5.223 1.00 0.00 ? 3 FUC A H2  17 
HETATM 1416 H H3  . FUC A 1 . ? 1.505  1.442  -4.288 1.00 0.00 ? 3 FUC A H3  17 
HETATM 1417 H H4  . FUC A 1 . ? 3.794  1.273  -3.450 1.00 0.00 ? 3 FUC A H4  17 
HETATM 1418 H H5  . FUC A 1 . ? 1.914  0.746  -1.942 1.00 0.00 ? 3 FUC A H5  17 
HETATM 1419 H H61 . FUC A 1 . ? 4.223  -1.153 -1.321 1.00 0.00 ? 3 FUC A H61 17 
HETATM 1420 H H62 . FUC A 1 . ? 3.050  -0.512 -0.180 1.00 0.00 ? 3 FUC A H62 17 
HETATM 1421 H H63 . FUC A 1 . ? 4.203  0.567  -0.947 1.00 0.00 ? 3 FUC A H63 17 
HETATM 1422 H HO2 . FUC A 1 . ? -0.534 0.260  -5.143 1.00 0.00 ? 3 FUC A HO2 17 
HETATM 1423 H HO3 . FUC A 1 . ? 2.001  1.025  -6.573 1.00 0.00 ? 3 FUC A HO3 17 
HETATM 1424 H HO4 . FUC A 1 . ? 4.436  -0.429 -4.945 1.00 0.00 ? 3 FUC A HO4 17 
HETATM 1425 C C1  . FUC A 1 . ? 0.532  -0.456 3.504  1.00 0.00 ? 4 FUC A C1  17 
HETATM 1426 C C2  . FUC A 1 . ? -0.475 -1.142 4.461  1.00 0.00 ? 4 FUC A C2  17 
HETATM 1427 C C3  . FUC A 1 . ? -1.529 -1.918 3.650  1.00 0.00 ? 4 FUC A C3  17 
HETATM 1428 C C4  . FUC A 1 . ? -0.863 -2.940 2.714  1.00 0.00 ? 4 FUC A C4  17 
HETATM 1429 C C5  . FUC A 1 . ? 0.112  -2.216 1.765  1.00 0.00 ? 4 FUC A C5  17 
HETATM 1430 C C6  . FUC A 1 . ? 0.874  -3.135 0.815  1.00 0.00 ? 4 FUC A C6  17 
HETATM 1431 O O2  . FUC A 1 . ? -1.149 -0.135 5.283  1.00 0.00 ? 4 FUC A O2  17 
HETATM 1432 O O3  . FUC A 1 . ? -2.469 -2.608 4.531  1.00 0.00 ? 4 FUC A O3  17 
HETATM 1433 O O4  . FUC A 1 . ? -0.149 -3.932 3.505  1.00 0.00 ? 4 FUC A O4  17 
HETATM 1434 O O5  . FUC A 1 . ? 1.098  -1.422 2.539  1.00 0.00 ? 4 FUC A O5  17 
HETATM 1435 H H1  . FUC A 1 . ? 1.338  -0.059 4.111  1.00 0.00 ? 4 FUC A H1  17 
HETATM 1436 H H2  . FUC A 1 . ? 0.065  -1.823 5.121  1.00 0.00 ? 4 FUC A H2  17 
HETATM 1437 H H3  . FUC A 1 . ? -2.079 -1.201 3.045  1.00 0.00 ? 4 FUC A H3  17 
HETATM 1438 H H4  . FUC A 1 . ? -1.629 -3.448 2.124  1.00 0.00 ? 4 FUC A H4  17 
HETATM 1439 H H5  . FUC A 1 . ? -0.472 -1.531 1.158  1.00 0.00 ? 4 FUC A H5  17 
HETATM 1440 H H61 . FUC A 1 . ? 0.189  -3.737 0.217  1.00 0.00 ? 4 FUC A H61 17 
HETATM 1441 H H62 . FUC A 1 . ? 1.536  -3.818 1.349  1.00 0.00 ? 4 FUC A H62 17 
HETATM 1442 H H63 . FUC A 1 . ? 1.489  -2.560 0.124  1.00 0.00 ? 4 FUC A H63 17 
HETATM 1443 H HO2 . FUC A 1 . ? -1.489 0.549  4.671  1.00 0.00 ? 4 FUC A HO2 17 
HETATM 1444 H HO3 . FUC A 1 . ? -2.787 -1.966 5.195  1.00 0.00 ? 4 FUC A HO3 17 
HETATM 1445 H HO4 . FUC A 1 . ? -0.791 -4.338 4.122  1.00 0.00 ? 4 FUC A HO4 17 
HETATM 1446 C C2  . BGC A 1 . ? 1.044  2.766  2.927  1.00 0.00 ? 1 BGC A C2  18 
HETATM 1447 C C3  . BGC A 1 . ? 0.771  1.527  2.057  1.00 0.00 ? 1 BGC A C3  18 
HETATM 1448 C C4  . BGC A 1 . ? 0.132  1.925  0.720  1.00 0.00 ? 1 BGC A C4  18 
HETATM 1449 C C5  . BGC A 1 . ? 1.001  2.957  -0.007 1.00 0.00 ? 1 BGC A C5  18 
HETATM 1450 C C6  . BGC A 1 . ? 0.390  3.425  -1.337 1.00 0.00 ? 1 BGC A C6  18 
HETATM 1451 C C1  . BGC A 1 . ? 1.849  3.832  2.144  1.00 0.00 ? 1 BGC A C1  18 
HETATM 1452 O O1  . BGC A 1 . ? 1.924  5.034  2.920  1.00 0.00 ? 1 BGC A O1  18 
HETATM 1453 O O2  . BGC A 1 . ? 1.799  2.379  4.112  1.00 0.00 ? 1 BGC A O2  18 
HETATM 1454 O O3  . BGC A 1 . ? -0.161 0.609  2.758  1.00 0.00 ? 1 BGC A O3  18 
HETATM 1455 O O4  . BGC A 1 . ? 0.035  0.722  -0.128 1.00 0.00 ? 1 BGC A O4  18 
HETATM 1456 O O5  . BGC A 1 . ? 1.179  4.131  0.876  1.00 0.00 ? 1 BGC A O5  18 
HETATM 1457 O O6  . BGC A 1 . ? 1.262  4.401  -1.945 1.00 0.00 ? 1 BGC A O6  18 
HETATM 1458 H H2  . BGC A 1 . ? 0.089  3.193  3.238  1.00 0.00 ? 1 BGC A H2  18 
HETATM 1459 H H3  . BGC A 1 . ? 1.713  1.012  1.850  1.00 0.00 ? 1 BGC A H3  18 
HETATM 1460 H H4  . BGC A 1 . ? -0.859 2.343  0.905  1.00 0.00 ? 1 BGC A H4  18 
HETATM 1461 H H5  . BGC A 1 . ? 1.981  2.518  -0.207 1.00 0.00 ? 1 BGC A H5  18 
HETATM 1462 H H61 . BGC A 1 . ? 0.272  2.585  -2.021 1.00 0.00 ? 1 BGC A H61 18 
HETATM 1463 H H62 . BGC A 1 . ? -0.590 3.870  -1.167 1.00 0.00 ? 1 BGC A H62 18 
HETATM 1464 H H1  . BGC A 1 . ? 2.858  3.473  1.937  1.00 0.00 ? 1 BGC A H1  18 
HETATM 1465 H HO1 . BGC A 1 . ? 2.354  5.714  2.369  1.00 0.00 ? 1 BGC A HO1 18 
HETATM 1466 H HO2 . BGC A 1 . ? 2.002  3.193  4.613  1.00 0.00 ? 1 BGC A HO2 18 
HETATM 1467 H HO6 . BGC A 1 . ? 1.416  5.113  -1.293 1.00 0.00 ? 1 BGC A HO6 18 
HETATM 1468 C C1  . GAL A 1 . ? -1.294 0.474  -0.703 1.00 0.00 ? 2 GAL A C1  18 
HETATM 1469 C C2  . GAL A 1 . ? -1.163 -0.665 -1.735 1.00 0.00 ? 2 GAL A C2  18 
HETATM 1470 C C3  . GAL A 1 . ? -2.544 -1.175 -2.190 1.00 0.00 ? 2 GAL A C3  18 
HETATM 1471 C C4  . GAL A 1 . ? -3.450 -1.526 -1.000 1.00 0.00 ? 2 GAL A C4  18 
HETATM 1472 C C5  . GAL A 1 . ? -3.587 -0.300 -0.087 1.00 0.00 ? 2 GAL A C5  18 
HETATM 1473 C C6  . GAL A 1 . ? -4.480 -0.538 1.137  1.00 0.00 ? 2 GAL A C6  18 
HETATM 1474 O O2  . GAL A 1 . ? -0.434 -0.128 -2.911 1.00 0.00 ? 2 GAL A O2  18 
HETATM 1475 O O3  . GAL A 1 . ? -2.413 -2.356 -3.029 1.00 0.00 ? 2 GAL A O3  18 
HETATM 1476 O O4  . GAL A 1 . ? -2.845 -2.620 -0.261 1.00 0.00 ? 2 GAL A O4  18 
HETATM 1477 O O5  . GAL A 1 . ? -2.240 0.111  0.366  1.00 0.00 ? 2 GAL A O5  18 
HETATM 1478 O O6  . GAL A 1 . ? -4.577 0.689  1.889  1.00 0.00 ? 2 GAL A O6  18 
HETATM 1479 H H1  . GAL A 1 . ? -1.645 1.378  -1.199 1.00 0.00 ? 2 GAL A H1  18 
HETATM 1480 H H2  . GAL A 1 . ? -0.601 -1.482 -1.283 1.00 0.00 ? 2 GAL A H2  18 
HETATM 1481 H H3  . GAL A 1 . ? -3.027 -0.392 -2.776 1.00 0.00 ? 2 GAL A H3  18 
HETATM 1482 H H4  . GAL A 1 . ? -4.431 -1.834 -1.361 1.00 0.00 ? 2 GAL A H4  18 
HETATM 1483 H H5  . GAL A 1 . ? -4.018 0.517  -0.671 1.00 0.00 ? 2 GAL A H5  18 
HETATM 1484 H H61 . GAL A 1 . ? -5.477 -0.848 0.823  1.00 0.00 ? 2 GAL A H61 18 
HETATM 1485 H H62 . GAL A 1 . ? -4.061 -1.318 1.773  1.00 0.00 ? 2 GAL A H62 18 
HETATM 1486 H HO3 . GAL A 1 . ? -2.278 -3.124 -2.439 1.00 0.00 ? 2 GAL A HO3 18 
HETATM 1487 H HO4 . GAL A 1 . ? -3.544 -3.170 0.144  1.00 0.00 ? 2 GAL A HO4 18 
HETATM 1488 H HO6 . GAL A 1 . ? -3.668 0.987  2.080  1.00 0.00 ? 2 GAL A HO6 18 
HETATM 1489 C C1  . FUC A 1 . ? 0.581  -1.054 -3.441 1.00 0.00 ? 3 FUC A C1  18 
HETATM 1490 C C2  . FUC A 1 . ? 1.093  -0.568 -4.825 1.00 0.00 ? 3 FUC A C2  18 
HETATM 1491 C C3  . FUC A 1 . ? 2.010  0.673  -4.688 1.00 0.00 ? 3 FUC A C3  18 
HETATM 1492 C C4  . FUC A 1 . ? 3.126  0.424  -3.657 1.00 0.00 ? 3 FUC A C4  18 
HETATM 1493 C C5  . FUC A 1 . ? 2.496  0.030  -2.310 1.00 0.00 ? 3 FUC A C5  18 
HETATM 1494 C C6  . FUC A 1 . ? 3.483  -0.194 -1.169 1.00 0.00 ? 3 FUC A C6  18 
HETATM 1495 O O2  . FUC A 1 . ? -0.045 -0.248 -5.687 1.00 0.00 ? 3 FUC A O2  18 
HETATM 1496 O O3  . FUC A 1 . ? 2.628  1.032  -5.963 1.00 0.00 ? 3 FUC A O3  18 
HETATM 1497 O O4  . FUC A 1 . ? 3.987  -0.643 -4.147 1.00 0.00 ? 3 FUC A O4  18 
HETATM 1498 O O5  . FUC A 1 . ? 1.688  -1.194 -2.476 1.00 0.00 ? 3 FUC A O5  18 
HETATM 1499 H H1  . FUC A 1 . ? 0.131  -2.029 -3.584 1.00 0.00 ? 3 FUC A H1  18 
HETATM 1500 H H2  . FUC A 1 . ? 1.649  -1.389 -5.280 1.00 0.00 ? 3 FUC A H2  18 
HETATM 1501 H H3  . FUC A 1 . ? 1.409  1.520  -4.350 1.00 0.00 ? 3 FUC A H3  18 
HETATM 1502 H H4  . FUC A 1 . ? 3.719  1.333  -3.533 1.00 0.00 ? 3 FUC A H4  18 
HETATM 1503 H H5  . FUC A 1 . ? 1.821  0.829  -2.014 1.00 0.00 ? 3 FUC A H5  18 
HETATM 1504 H H61 . FUC A 1 . ? 4.114  0.683  -1.016 1.00 0.00 ? 3 FUC A H61 18 
HETATM 1505 H H62 . FUC A 1 . ? 4.137  -1.046 -1.356 1.00 0.00 ? 3 FUC A H62 18 
HETATM 1506 H H63 . FUC A 1 . ? 2.960  -0.383 -0.232 1.00 0.00 ? 3 FUC A H63 18 
HETATM 1507 H HO2 . FUC A 1 . ? -0.637 0.334  -5.168 1.00 0.00 ? 3 FUC A HO2 18 
HETATM 1508 H HO3 . FUC A 1 . ? 3.335  0.381  -6.141 1.00 0.00 ? 3 FUC A HO3 18 
HETATM 1509 H HO4 . FUC A 1 . ? 4.759  -0.738 -3.551 1.00 0.00 ? 3 FUC A HO4 18 
HETATM 1510 C C1  . FUC A 1 . ? 0.498  -0.492 3.486  1.00 0.00 ? 4 FUC A C1  18 
HETATM 1511 C C2  . FUC A 1 . ? -0.498 -1.227 4.422  1.00 0.00 ? 4 FUC A C2  18 
HETATM 1512 C C3  . FUC A 1 . ? -1.532 -2.005 3.588  1.00 0.00 ? 4 FUC A C3  18 
HETATM 1513 C C4  . FUC A 1 . ? -0.835 -2.988 2.630  1.00 0.00 ? 4 FUC A C4  18 
HETATM 1514 C C5  . FUC A 1 . ? 0.144  -2.222 1.717  1.00 0.00 ? 4 FUC A C5  18 
HETATM 1515 C C6  . FUC A 1 . ? 0.929  -3.104 0.749  1.00 0.00 ? 4 FUC A C6  18 
HETATM 1516 O O2  . FUC A 1 . ? -1.196 -0.283 5.297  1.00 0.00 ? 4 FUC A O2  18 
HETATM 1517 O O3  . FUC A 1 . ? -2.453 -2.738 4.456  1.00 0.00 ? 4 FUC A O3  18 
HETATM 1518 O O4  . FUC A 1 . ? -0.115 -3.989 3.402  1.00 0.00 ? 4 FUC A O4  18 
HETATM 1519 O O5  . FUC A 1 . ? 1.109  -1.441 2.531  1.00 0.00 ? 4 FUC A O5  18 
HETATM 1520 H H1  . FUC A 1 . ? 1.282  -0.079 4.114  1.00 0.00 ? 4 FUC A H1  18 
HETATM 1521 H H2  . FUC A 1 . ? 0.061  -1.922 5.051  1.00 0.00 ? 4 FUC A H2  18 
HETATM 1522 H H3  . FUC A 1 . ? -2.099 -1.285 2.999  1.00 0.00 ? 4 FUC A H3  18 
HETATM 1523 H H4  . FUC A 1 . ? -1.582 -3.491 2.015  1.00 0.00 ? 4 FUC A H4  18 
HETATM 1524 H H5  . FUC A 1 . ? -0.440 -1.527 1.121  1.00 0.00 ? 4 FUC A H5  18 
HETATM 1525 H H61 . FUC A 1 . ? 0.261  -3.695 0.124  1.00 0.00 ? 4 FUC A H61 18 
HETATM 1526 H H62 . FUC A 1 . ? 1.593  -3.795 1.271  1.00 0.00 ? 4 FUC A H62 18 
HETATM 1527 H H63 . FUC A 1 . ? 1.547  -2.501 0.085  1.00 0.00 ? 4 FUC A H63 18 
HETATM 1528 H HO2 . FUC A 1 . ? -1.915 -0.793 5.723  1.00 0.00 ? 4 FUC A HO2 18 
HETATM 1529 H HO3 . FUC A 1 . ? -3.143 -3.165 3.912  1.00 0.00 ? 4 FUC A HO3 18 
HETATM 1530 H HO4 . FUC A 1 . ? -0.752 -4.417 4.011  1.00 0.00 ? 4 FUC A HO4 18 
HETATM 1531 C C2  . BGC A 1 . ? 1.104  2.672  3.018  1.00 0.00 ? 1 BGC A C2  19 
HETATM 1532 C C3  . BGC A 1 . ? 0.813  1.448  2.134  1.00 0.00 ? 1 BGC A C3  19 
HETATM 1533 C C4  . BGC A 1 . ? 0.156  1.866  0.812  1.00 0.00 ? 1 BGC A C4  19 
HETATM 1534 C C5  . BGC A 1 . ? 1.013  2.911  0.086  1.00 0.00 ? 1 BGC A C5  19 
HETATM 1535 C C6  . BGC A 1 . ? 0.381  3.387  -1.233 1.00 0.00 ? 1 BGC A C6  19 
HETATM 1536 C C1  . BGC A 1 . ? 1.894  3.750  2.237  1.00 0.00 ? 1 BGC A C1  19 
HETATM 1537 O O1  . BGC A 1 . ? 1.985  4.937  3.032  1.00 0.00 ? 1 BGC A O1  19 
HETATM 1538 O O2  . BGC A 1 . ? 1.876  2.262  4.183  1.00 0.00 ? 1 BGC A O2  19 
HETATM 1539 O O3  . BGC A 1 . ? -0.117 0.533  2.839  1.00 0.00 ? 1 BGC A O3  19 
HETATM 1540 O O4  . BGC A 1 . ? 0.044  0.674  -0.052 1.00 0.00 ? 1 BGC A O4  19 
HETATM 1541 O O5  . BGC A 1 . ? 1.201  4.070  0.988  1.00 0.00 ? 1 BGC A O5  19 
HETATM 1542 O O6  . BGC A 1 . ? 1.272  4.308  -1.898 1.00 0.00 ? 1 BGC A O6  19 
HETATM 1543 H H2  . BGC A 1 . ? 0.155  3.096  3.351  1.00 0.00 ? 1 BGC A H2  19 
HETATM 1544 H H3  . BGC A 1 . ? 1.747  0.929  1.909  1.00 0.00 ? 1 BGC A H3  19 
HETATM 1545 H H4  . BGC A 1 . ? -0.831 2.281  1.020  1.00 0.00 ? 1 BGC A H4  19 
HETATM 1546 H H5  . BGC A 1 . ? 1.990  2.477  -0.132 1.00 0.00 ? 1 BGC A H5  19 
HETATM 1547 H H61 . BGC A 1 . ? 0.201  2.540  -1.895 1.00 0.00 ? 1 BGC A H61 19 
HETATM 1548 H H62 . BGC A 1 . ? -0.575 3.874  -1.037 1.00 0.00 ? 1 BGC A H62 19 
HETATM 1549 H H1  . BGC A 1 . ? 2.902  3.396  2.006  1.00 0.00 ? 1 BGC A H1  19 
HETATM 1550 H HO1 . BGC A 1 . ? 2.404  5.630  2.486  1.00 0.00 ? 1 BGC A HO1 19 
HETATM 1551 H HO2 . BGC A 1 . ? 2.092  3.067  4.696  1.00 0.00 ? 1 BGC A HO2 19 
HETATM 1552 H HO6 . BGC A 1 . ? 0.829  4.650  -2.699 1.00 0.00 ? 1 BGC A HO6 19 
HETATM 1553 C C1  . GAL A 1 . ? -1.291 0.448  -0.622 1.00 0.00 ? 2 GAL A C1  19 
HETATM 1554 C C2  . GAL A 1 . ? -1.189 -0.667 -1.681 1.00 0.00 ? 2 GAL A C2  19 
HETATM 1555 C C3  . GAL A 1 . ? -2.588 -1.093 -2.157 1.00 0.00 ? 2 GAL A C3  19 
HETATM 1556 C C4  . GAL A 1 . ? -3.489 -1.494 -0.977 1.00 0.00 ? 2 GAL A C4  19 
HETATM 1557 C C5  . GAL A 1 . ? -3.594 -0.316 0.003  1.00 0.00 ? 2 GAL A C5  19 
HETATM 1558 C C6  . GAL A 1 . ? -4.473 -0.636 1.222  1.00 0.00 ? 2 GAL A C6  19 
HETATM 1559 O O2  . GAL A 1 . ? -0.424 -0.150 -2.843 1.00 0.00 ? 2 GAL A O2  19 
HETATM 1560 O O3  . GAL A 1 . ? -2.509 -2.208 -3.091 1.00 0.00 ? 2 GAL A O3  19 
HETATM 1561 O O4  . GAL A 1 . ? -2.917 -2.640 -0.298 1.00 0.00 ? 2 GAL A O4  19 
HETATM 1562 O O5  . GAL A 1 . ? -2.232 0.066  0.446  1.00 0.00 ? 2 GAL A O5  19 
HETATM 1563 O O6  . GAL A 1 . ? -4.629 0.550  2.035  1.00 0.00 ? 2 GAL A O6  19 
HETATM 1564 H H1  . GAL A 1 . ? -1.638 1.371  -1.093 1.00 0.00 ? 2 GAL A H1  19 
HETATM 1565 H H2  . GAL A 1 . ? -0.671 -1.521 -1.243 1.00 0.00 ? 2 GAL A H2  19 
HETATM 1566 H H3  . GAL A 1 . ? -3.054 -0.253 -2.672 1.00 0.00 ? 2 GAL A H3  19 
HETATM 1567 H H4  . GAL A 1 . ? -4.482 -1.755 -1.344 1.00 0.00 ? 2 GAL A H4  19 
HETATM 1568 H H5  . GAL A 1 . ? -4.033 0.531  -0.527 1.00 0.00 ? 2 GAL A H5  19 
HETATM 1569 H H61 . GAL A 1 . ? -5.456 -0.973 0.894  1.00 0.00 ? 2 GAL A H61 19 
HETATM 1570 H H62 . GAL A 1 . ? -4.024 -1.426 1.824  1.00 0.00 ? 2 GAL A H62 19 
HETATM 1571 H HO3 . GAL A 1 . ? -2.141 -1.886 -3.938 1.00 0.00 ? 2 GAL A HO3 19 
HETATM 1572 H HO4 . GAL A 1 . ? -2.842 -3.370 -0.945 1.00 0.00 ? 2 GAL A HO4 19 
HETATM 1573 H HO6 . GAL A 1 . ? -5.065 1.240  1.499  1.00 0.00 ? 2 GAL A HO6 19 
HETATM 1574 C C1  . FUC A 1 . ? 0.616  -1.084 -3.314 1.00 0.00 ? 3 FUC A C1  19 
HETATM 1575 C C2  . FUC A 1 . ? 1.145  -0.656 -4.708 1.00 0.00 ? 3 FUC A C2  19 
HETATM 1576 C C3  . FUC A 1 . ? 2.039  0.604  -4.611 1.00 0.00 ? 3 FUC A C3  19 
HETATM 1577 C C4  . FUC A 1 . ? 3.146  0.423  -3.553 1.00 0.00 ? 3 FUC A C4  19 
HETATM 1578 C C5  . FUC A 1 . ? 2.503  0.063  -2.199 1.00 0.00 ? 3 FUC A C5  19 
HETATM 1579 C C6  . FUC A 1 . ? 3.488  -0.120 -1.048 1.00 0.00 ? 3 FUC A C6  19 
HETATM 1580 O O2  . FUC A 1 . ? 0.014  -0.394 -5.600 1.00 0.00 ? 3 FUC A O2  19 
HETATM 1581 O O3  . FUC A 1 . ? 2.653  0.939  -5.896 1.00 0.00 ? 3 FUC A O3  19 
HETATM 1582 O O4  . FUC A 1 . ? 4.054  -0.635 -3.965 1.00 0.00 ? 3 FUC A O4  19 
HETATM 1583 O O5  . FUC A 1 . ? 1.706  -1.172 -2.329 1.00 0.00 ? 3 FUC A O5  19 
HETATM 1584 H H1  . FUC A 1 . ? 0.178  -2.071 -3.421 1.00 0.00 ? 3 FUC A H1  19 
HETATM 1585 H H2  . FUC A 1 . ? 1.720  -1.487 -5.115 1.00 0.00 ? 3 FUC A H2  19 
HETATM 1586 H H3  . FUC A 1 . ? 1.420  1.450  -4.304 1.00 0.00 ? 3 FUC A H3  19 
HETATM 1587 H H4  . FUC A 1 . ? 3.707  1.351  -3.445 1.00 0.00 ? 3 FUC A H4  19 
HETATM 1588 H H5  . FUC A 1 . ? 1.819  0.864  -1.934 1.00 0.00 ? 3 FUC A H5  19 
HETATM 1589 H H61 . FUC A 1 . ? 2.963  -0.306 -0.111 1.00 0.00 ? 3 FUC A H61 19 
HETATM 1590 H H62 . FUC A 1 . ? 4.096  0.775  -0.906 1.00 0.00 ? 3 FUC A H62 19 
HETATM 1591 H H63 . FUC A 1 . ? 4.164  -0.957 -1.217 1.00 0.00 ? 3 FUC A H63 19 
HETATM 1592 H HO2 . FUC A 1 . ? -0.561 0.256  -5.147 1.00 0.00 ? 3 FUC A HO2 19 
HETATM 1593 H HO3 . FUC A 1 . ? 3.158  0.167  -6.220 1.00 0.00 ? 3 FUC A HO3 19 
HETATM 1594 H HO4 . FUC A 1 . ? 4.622  -0.301 -4.689 1.00 0.00 ? 3 FUC A HO4 19 
HETATM 1595 C C1  . FUC A 1 . ? 0.534  -0.590 3.538  1.00 0.00 ? 4 FUC A C1  19 
HETATM 1596 C C2  . FUC A 1 . ? -0.487 -1.305 4.462  1.00 0.00 ? 4 FUC A C2  19 
HETATM 1597 C C3  . FUC A 1 . ? -1.529 -2.056 3.611  1.00 0.00 ? 4 FUC A C3  19 
HETATM 1598 C C4  . FUC A 1 . ? -0.852 -3.046 2.647  1.00 0.00 ? 4 FUC A C4  19 
HETATM 1599 C C5  . FUC A 1 . ? 0.142  -2.291 1.743  1.00 0.00 ? 4 FUC A C5  19 
HETATM 1600 C C6  . FUC A 1 . ? 0.915  -3.180 0.770  1.00 0.00 ? 4 FUC A C6  19 
HETATM 1601 O O2  . FUC A 1 . ? -1.173 -0.330 5.308  1.00 0.00 ? 4 FUC A O2  19 
HETATM 1602 O O3  . FUC A 1 . ? -2.478 -2.776 4.455  1.00 0.00 ? 4 FUC A O3  19 
HETATM 1603 O O4  . FUC A 1 . ? -0.158 -4.069 3.412  1.00 0.00 ? 4 FUC A O4  19 
HETATM 1604 O O5  . FUC A 1 . ? 1.120  -1.537 2.564  1.00 0.00 ? 4 FUC A O5  19 
HETATM 1605 H H1  . FUC A 1 . ? 1.327  -0.202 4.169  1.00 0.00 ? 4 FUC A H1  19 
HETATM 1606 H H2  . FUC A 1 . ? 0.045  -2.010 5.105  1.00 0.00 ? 4 FUC A H2  19 
HETATM 1607 H H3  . FUC A 1 . ? -2.072 -1.318 3.024  1.00 0.00 ? 4 FUC A H3  19 
HETATM 1608 H H4  . FUC A 1 . ? -1.611 -3.525 2.026  1.00 0.00 ? 4 FUC A H4  19 
HETATM 1609 H H5  . FUC A 1 . ? -0.427 -1.580 1.151  1.00 0.00 ? 4 FUC A H5  19 
HETATM 1610 H H61 . FUC A 1 . ? 1.557  -3.891 1.289  1.00 0.00 ? 4 FUC A H61 19 
HETATM 1611 H H62 . FUC A 1 . ? 1.553  -2.581 0.120  1.00 0.00 ? 4 FUC A H62 19 
HETATM 1612 H H63 . FUC A 1 . ? 0.237  -3.746 0.131  1.00 0.00 ? 4 FUC A H63 19 
HETATM 1613 H HO2 . FUC A 1 . ? -1.475 0.392  4.720  1.00 0.00 ? 4 FUC A HO2 19 
HETATM 1614 H HO3 . FUC A 1 . ? -2.809 -2.155 5.134  1.00 0.00 ? 4 FUC A HO3 19 
HETATM 1615 H HO4 . FUC A 1 . ? -0.810 -4.489 4.008  1.00 0.00 ? 4 FUC A HO4 19 
HETATM 1616 C C2  . BGC A 1 . ? 0.961  2.878  2.878  1.00 0.00 ? 1 BGC A C2  20 
HETATM 1617 C C3  . BGC A 1 . ? 0.762  1.597  2.047  1.00 0.00 ? 1 BGC A C3  20 
HETATM 1618 C C4  . BGC A 1 . ? 0.156  1.940  0.681  1.00 0.00 ? 1 BGC A C4  20 
HETATM 1619 C C5  . BGC A 1 . ? 1.052  2.941  -0.060 1.00 0.00 ? 1 BGC A C5  20 
HETATM 1620 C C6  . BGC A 1 . ? 0.484  3.362  -1.424 1.00 0.00 ? 1 BGC A C6  20 
HETATM 1621 C C1  . BGC A 1 . ? 1.827  3.891  2.093  1.00 0.00 ? 1 BGC A C1  20 
HETATM 1622 O O1  . BGC A 1 . ? 1.906  5.121  2.826  1.00 0.00 ? 1 BGC A O1  20 
HETATM 1623 O O2  . BGC A 1 . ? 1.618  2.562  4.138  1.00 0.00 ? 1 BGC A O2  20 
HETATM 1624 O O3  . BGC A 1 . ? -0.153 0.675  2.762  1.00 0.00 ? 1 BGC A O3  20 
HETATM 1625 O O4  . BGC A 1 . ? 0.073  0.708  -0.128 1.00 0.00 ? 1 BGC A O4  20 
HETATM 1626 O O5  . BGC A 1 . ? 1.218  4.150  0.782  1.00 0.00 ? 1 BGC A O5  20 
HETATM 1627 O O6  . BGC A 1 . ? 1.380  4.304  -2.048 1.00 0.00 ? 1 BGC A O6  20 
HETATM 1628 H H2  . BGC A 1 . ? -0.013 3.325  3.089  1.00 0.00 ? 1 BGC A H2  20 
HETATM 1629 H H3  . BGC A 1 . ? 1.727  1.111  1.890  1.00 0.00 ? 1 BGC A H3  20 
HETATM 1630 H H4  . BGC A 1 . ? -0.838 2.367  0.819  1.00 0.00 ? 1 BGC A H4  20 
HETATM 1631 H H5  . BGC A 1 . ? 2.034  2.490  -0.213 1.00 0.00 ? 1 BGC A H5  20 
HETATM 1632 H H61 . BGC A 1 . ? 0.374  2.496  -2.077 1.00 0.00 ? 1 BGC A H61 20 
HETATM 1633 H H62 . BGC A 1 . ? -0.498 3.821  -1.298 1.00 0.00 ? 1 BGC A H62 20 
HETATM 1634 H H1  . BGC A 1 . ? 2.833  3.496  1.944  1.00 0.00 ? 1 BGC A H1  20 
HETATM 1635 H HO1 . BGC A 1 . ? 2.217  4.900  3.725  1.00 0.00 ? 1 BGC A HO1 20 
HETATM 1636 H HO2 . BGC A 1 . ? 0.963  2.140  4.729  1.00 0.00 ? 1 BGC A HO2 20 
HETATM 1637 H HO6 . BGC A 1 . ? 1.526  5.039  -1.419 1.00 0.00 ? 1 BGC A HO6 20 
HETATM 1638 C C1  . GAL A 1 . ? -1.248 0.449  -0.718 1.00 0.00 ? 2 GAL A C1  20 
HETATM 1639 C C2  . GAL A 1 . ? -1.104 -0.703 -1.732 1.00 0.00 ? 2 GAL A C2  20 
HETATM 1640 C C3  . GAL A 1 . ? -2.478 -1.223 -2.196 1.00 0.00 ? 2 GAL A C3  20 
HETATM 1641 C C4  . GAL A 1 . ? -3.390 -1.568 -1.006 1.00 0.00 ? 2 GAL A C4  20 
HETATM 1642 C C5  . GAL A 1 . ? -3.545 -0.336 -0.104 1.00 0.00 ? 2 GAL A C5  20 
HETATM 1643 C C6  . GAL A 1 . ? -4.426 -0.597 1.125  1.00 0.00 ? 2 GAL A C6  20 
HETATM 1644 O O2  . GAL A 1 . ? -0.359 -0.183 -2.906 1.00 0.00 ? 2 GAL A O2  20 
HETATM 1645 O O3  . GAL A 1 . ? -2.324 -2.403 -3.034 1.00 0.00 ? 2 GAL A O3  20 
HETATM 1646 O O4  . GAL A 1 . ? -2.799 -2.651 -0.244 1.00 0.00 ? 2 GAL A O4  20 
HETATM 1647 O O5  . GAL A 1 . ? -2.206 0.107  0.347  1.00 0.00 ? 2 GAL A O5  20 
HETATM 1648 O O6  . GAL A 1 . ? -4.555 0.629  1.874  1.00 0.00 ? 2 GAL A O6  20 
HETATM 1649 H H1  . GAL A 1 . ? -1.591 1.347  -1.234 1.00 0.00 ? 2 GAL A H1  20 
HETATM 1650 H H2  . GAL A 1 . ? -0.547 -1.514 -1.262 1.00 0.00 ? 2 GAL A H2  20 
HETATM 1651 H H3  . GAL A 1 . ? -2.961 -0.443 -2.786 1.00 0.00 ? 2 GAL A H3  20 
HETATM 1652 H H4  . GAL A 1 . ? -4.371 -1.880 -1.369 1.00 0.00 ? 2 GAL A H4  20 
HETATM 1653 H H5  . GAL A 1 . ? -3.995 0.465  -0.689 1.00 0.00 ? 2 GAL A H5  20 
HETATM 1654 H H61 . GAL A 1 . ? -5.416 -0.935 0.816  1.00 0.00 ? 2 GAL A H61 20 
HETATM 1655 H H62 . GAL A 1 . ? -3.984 -1.363 1.761  1.00 0.00 ? 2 GAL A H62 20 
HETATM 1656 H HO3 . GAL A 1 . ? -3.197 -2.661 -3.391 1.00 0.00 ? 2 GAL A HO3 20 
HETATM 1657 H HO4 . GAL A 1 . ? -2.685 -3.418 -0.839 1.00 0.00 ? 2 GAL A HO4 20 
HETATM 1658 H HO6 . GAL A 1 . ? -3.653 0.958  2.052  1.00 0.00 ? 2 GAL A HO6 20 
HETATM 1659 C C1  . FUC A 1 . ? 0.650  -1.125 -3.418 1.00 0.00 ? 3 FUC A C1  20 
HETATM 1660 C C2  . FUC A 1 . ? 1.187  -0.654 -4.794 1.00 0.00 ? 3 FUC A C2  20 
HETATM 1661 C C3  . FUC A 1 . ? 2.098  0.587  -4.650 1.00 0.00 ? 3 FUC A C3  20 
HETATM 1662 C C4  . FUC A 1 . ? 3.206  0.352  -3.608 1.00 0.00 ? 3 FUC A C4  20 
HETATM 1663 C C5  . FUC A 1 . ? 2.567  -0.055 -2.267 1.00 0.00 ? 3 FUC A C5  20 
HETATM 1664 C C6  . FUC A 1 . ? 3.556  -0.296 -1.130 1.00 0.00 ? 3 FUC A C6  20 
HETATM 1665 O O2  . FUC A 1 . ? 0.074  -0.319 -5.684 1.00 0.00 ? 3 FUC A O2  20 
HETATM 1666 O O3  . FUC A 1 . ? 2.704  0.943  -5.929 1.00 0.00 ? 3 FUC A O3  20 
HETATM 1667 O O4  . FUC A 1 . ? 4.100  -0.696 -4.073 1.00 0.00 ? 3 FUC A O4  20 
HETATM 1668 O O5  . FUC A 1 . ? 1.747  -1.272 -2.443 1.00 0.00 ? 3 FUC A O5  20 
HETATM 1669 H H1  . FUC A 1 . ? 0.192  -2.096 -3.561 1.00 0.00 ? 3 FUC A H1  20 
HETATM 1670 H H2  . FUC A 1 . ? 1.747  -1.478 -5.235 1.00 0.00 ? 3 FUC A H2  20 
HETATM 1671 H H3  . FUC A 1 . ? 1.490  1.430  -4.315 1.00 0.00 ? 3 FUC A H3  20 
HETATM 1672 H H4  . FUC A 1 . ? 3.778  1.272  -3.473 1.00 0.00 ? 3 FUC A H4  20 
HETATM 1673 H H5  . FUC A 1 . ? 1.897  0.745  -1.964 1.00 0.00 ? 3 FUC A H5  20 
HETATM 1674 H H61 . FUC A 1 . ? 4.212  -1.143 -1.333 1.00 0.00 ? 3 FUC A H61 20 
HETATM 1675 H H62 . FUC A 1 . ? 3.033  -0.504 -0.196 1.00 0.00 ? 3 FUC A H62 20 
HETATM 1676 H H63 . FUC A 1 . ? 4.184  0.578  -0.962 1.00 0.00 ? 3 FUC A H63 20 
HETATM 1677 H HO2 . FUC A 1 . ? -0.543 0.237  -5.168 1.00 0.00 ? 3 FUC A HO2 20 
HETATM 1678 H HO3 . FUC A 1 . ? 1.990  1.004  -6.597 1.00 0.00 ? 3 FUC A HO3 20 
HETATM 1679 H HO4 . FUC A 1 . ? 4.428  -0.434 -4.958 1.00 0.00 ? 3 FUC A HO4 20 
HETATM 1680 C C1  . FUC A 1 . ? 0.525  -0.421 3.483  1.00 0.00 ? 4 FUC A C1  20 
HETATM 1681 C C2  . FUC A 1 . ? -0.442 -1.116 4.477  1.00 0.00 ? 4 FUC A C2  20 
HETATM 1682 C C3  . FUC A 1 . ? -1.527 -1.881 3.694  1.00 0.00 ? 4 FUC A C3  20 
HETATM 1683 C C4  . FUC A 1 . ? -0.886 -2.904 2.739  1.00 0.00 ? 4 FUC A C4  20 
HETATM 1684 C C5  . FUC A 1 . ? 0.084  -2.194 1.774  1.00 0.00 ? 4 FUC A C5  20 
HETATM 1685 C C6  . FUC A 1 . ? 0.830  -3.126 0.821  1.00 0.00 ? 4 FUC A C6  20 
HETATM 1686 O O2  . FUC A 1 . ? -1.063 -0.128 5.359  1.00 0.00 ? 4 FUC A O2  20 
HETATM 1687 O O3  . FUC A 1 . ? -2.447 -2.578 4.590  1.00 0.00 ? 4 FUC A O3  20 
HETATM 1688 O O4  . FUC A 1 . ? -0.173 -3.908 3.514  1.00 0.00 ? 4 FUC A O4  20 
HETATM 1689 O O5  . FUC A 1 . ? 1.086  -1.399 2.527  1.00 0.00 ? 4 FUC A O5  20 
HETATM 1690 H H1  . FUC A 1 . ? 1.341  -0.004 4.067  1.00 0.00 ? 4 FUC A H1  20 
HETATM 1691 H H2  . FUC A 1 . ? 0.131  -1.810 5.093  1.00 0.00 ? 4 FUC A H2  20 
HETATM 1692 H H3  . FUC A 1 . ? -2.093 -1.161 3.102  1.00 0.00 ? 4 FUC A H3  20 
HETATM 1693 H H4  . FUC A 1 . ? -1.668 -3.400 2.162  1.00 0.00 ? 4 FUC A H4  20 
HETATM 1694 H H5  . FUC A 1 . ? -0.501 -1.510 1.166  1.00 0.00 ? 4 FUC A H5  20 
HETATM 1695 H H61 . FUC A 1 . ? 1.437  -2.558 0.118  1.00 0.00 ? 4 FUC A H61 20 
HETATM 1696 H H62 . FUC A 1 . ? 0.135  -3.729 0.238  1.00 0.00 ? 4 FUC A H62 20 
HETATM 1697 H H63 . FUC A 1 . ? 1.496  -3.805 1.352  1.00 0.00 ? 4 FUC A H63 20 
HETATM 1698 H HO2 . FUC A 1 . ? -1.552 -0.618 6.050  1.00 0.00 ? 4 FUC A HO2 20 
HETATM 1699 H HO3 . FUC A 1 . ? -2.970 -1.919 5.087  1.00 0.00 ? 4 FUC A HO3 20 
HETATM 1700 H HO4 . FUC A 1 . ? -0.808 -4.300 4.148  1.00 0.00 ? 4 FUC A HO4 20 
# 
